data_6R2U
#
_entry.id   6R2U
#
_cell.length_a   167.015
_cell.length_b   167.015
_cell.length_c   204.948
_cell.angle_alpha   90.00
_cell.angle_beta   90.00
_cell.angle_gamma   90.00
#
_symmetry.space_group_name_H-M   'I 4'
#
loop_
_entity.id
_entity.type
_entity.pdbx_description
1 polymer Zinc-alpha-2-glycoprotein
2 non-polymer 'SULFATE ION'
3 non-polymer '11-({[5-(dimethylamino)naphthalen-1-yl]sulfonyl}amino)undecanoic acid'
4 non-polymer 'AZIDE ION'
5 water water
#
_entity_poly.entity_id   1
_entity_poly.type   'polypeptide(L)'
_entity_poly.pdbx_seq_one_letter_code
;MQENQDGRYSLTYIYTGLSKHVEDVPAFQALGSLNDLQFFRYNSKDRKSQPMGLWRQVEGMEDWKQDSQLQKAREDIFME
TLKDIVEYYNDSNGSHVLQGRFGCEIENNRSSGAFWKYYYDGKDYIEFNKEIPAWVPFDPAAQITKQKWEAEPVYVQRAK
AYLEEECPATLRKYLKYSKNILDRQDPPSVVVTSHQAPGEKKKLKCLAYDFYPGKIDVHWTRAGEVQEPELRGDVLHNGN
GTYQSWVVVAVPPQDTAPYSCHVQHSSLAQPLVVPWEAS
;
_entity_poly.pdbx_strand_id   A,B,C,D,E,F
#
loop_
_chem_comp.id
_chem_comp.type
_chem_comp.name
_chem_comp.formula
11D non-polymer '11-({[5-(dimethylamino)naphthalen-1-yl]sulfonyl}amino)undecanoic acid' 'C23 H34 N2 O4 S'
AZI non-polymer 'AZIDE ION' 'N3 -1'
SO4 non-polymer 'SULFATE ION' 'O4 S -2'
#
# COMPACT_ATOMS: atom_id res chain seq x y z
N ASP A 6 28.63 23.02 1.59
CA ASP A 6 27.26 23.42 1.08
C ASP A 6 26.40 23.91 2.26
N GLY A 7 25.37 24.68 1.98
CA GLY A 7 24.47 25.20 3.03
C GLY A 7 23.08 24.62 2.93
N ARG A 8 22.11 25.30 3.55
CA ARG A 8 20.71 24.89 3.53
C ARG A 8 20.01 25.42 2.28
N TYR A 9 19.27 24.54 1.60
CA TYR A 9 18.44 24.90 0.43
C TYR A 9 17.11 24.21 0.56
N SER A 10 16.03 24.84 0.09
CA SER A 10 14.69 24.25 0.14
C SER A 10 13.96 24.44 -1.17
N LEU A 11 13.07 23.50 -1.50
CA LEU A 11 12.17 23.57 -2.64
C LEU A 11 10.77 23.43 -2.08
N THR A 12 9.92 24.45 -2.26
CA THR A 12 8.57 24.44 -1.74
C THR A 12 7.55 24.91 -2.77
N TYR A 13 6.30 24.47 -2.57
CA TYR A 13 5.20 24.74 -3.47
C TYR A 13 3.96 25.16 -2.69
N ILE A 14 3.21 26.12 -3.22
CA ILE A 14 1.87 26.44 -2.70
C ILE A 14 0.86 26.29 -3.85
N TYR A 15 -0.10 25.37 -3.67
CA TYR A 15 -1.23 25.18 -4.60
C TYR A 15 -2.48 25.69 -3.91
N THR A 16 -3.24 26.56 -4.58
CA THR A 16 -4.51 27.09 -4.01
C THR A 16 -5.65 26.96 -5.02
N GLY A 17 -6.81 26.55 -4.52
CA GLY A 17 -7.97 26.27 -5.38
C GLY A 17 -9.26 26.77 -4.79
N LEU A 18 -10.06 27.47 -5.60
CA LEU A 18 -11.34 28.05 -5.17
C LEU A 18 -12.52 27.30 -5.79
N SER A 19 -13.54 27.03 -4.99
CA SER A 19 -14.75 26.33 -5.44
C SER A 19 -15.69 27.23 -6.25
N LYS A 20 -15.58 28.55 -6.07
CA LYS A 20 -16.47 29.51 -6.66
C LYS A 20 -15.72 30.51 -7.53
N HIS A 21 -15.87 30.32 -8.86
CA HIS A 21 -15.51 31.29 -9.90
C HIS A 21 -15.72 32.77 -9.52
N VAL A 22 -14.63 33.53 -9.63
CA VAL A 22 -14.65 35.00 -9.56
C VAL A 22 -14.07 35.45 -10.90
N GLU A 23 -14.67 36.46 -11.53
CA GLU A 23 -14.22 36.93 -12.85
C GLU A 23 -12.78 37.48 -12.73
N ASP A 24 -11.97 37.07 -13.69
CA ASP A 24 -10.53 37.38 -13.81
C ASP A 24 -9.56 36.74 -12.80
N VAL A 25 -10.07 35.77 -12.03
CA VAL A 25 -9.27 35.10 -11.02
C VAL A 25 -9.25 33.61 -11.34
N PRO A 26 -8.07 33.06 -11.68
CA PRO A 26 -8.04 31.62 -11.94
C PRO A 26 -8.40 30.82 -10.71
N ALA A 27 -9.27 29.84 -10.88
CA ALA A 27 -9.71 28.97 -9.80
C ALA A 27 -8.54 28.24 -9.11
N PHE A 28 -7.54 27.84 -9.89
CA PHE A 28 -6.38 27.12 -9.38
C PHE A 28 -5.14 27.91 -9.68
N GLN A 29 -4.33 28.14 -8.65
CA GLN A 29 -3.09 28.91 -8.75
C GLN A 29 -1.97 28.15 -8.07
N ALA A 30 -0.81 28.11 -8.73
CA ALA A 30 0.35 27.35 -8.24
C ALA A 30 1.56 28.26 -8.24
N LEU A 31 2.37 28.15 -7.18
CA LEU A 31 3.59 28.89 -7.00
C LEU A 31 4.70 27.94 -6.50
N GLY A 32 5.89 27.99 -7.12
CA GLY A 32 7.03 27.24 -6.60
C GLY A 32 8.13 28.18 -6.15
N SER A 33 8.85 27.80 -5.09
CA SER A 33 9.96 28.62 -4.56
C SER A 33 11.22 27.79 -4.30
N LEU A 34 12.36 28.42 -4.50
CA LEU A 34 13.67 27.91 -4.10
C LEU A 34 14.16 28.86 -3.04
N ASN A 35 14.39 28.35 -1.83
CA ASN A 35 14.53 29.20 -0.65
C ASN A 35 13.35 30.18 -0.65
N ASP A 36 13.58 31.49 -0.62
CA ASP A 36 12.51 32.49 -0.49
C ASP A 36 12.20 33.16 -1.83
N LEU A 37 12.79 32.64 -2.91
CA LEU A 37 12.64 33.20 -4.23
C LEU A 37 11.68 32.34 -5.05
N GLN A 38 10.77 33.00 -5.74
CA GLN A 38 9.75 32.34 -6.52
C GLN A 38 10.30 32.11 -7.90
N PHE A 39 10.27 30.85 -8.35
CA PHE A 39 10.89 30.48 -9.64
C PHE A 39 9.90 30.10 -10.74
N PHE A 40 8.69 29.71 -10.38
CA PHE A 40 7.68 29.39 -11.40
C PHE A 40 6.28 29.64 -10.87
N ARG A 41 5.35 29.86 -11.81
CA ARG A 41 3.92 29.95 -11.49
C ARG A 41 3.08 29.24 -12.55
N TYR A 42 1.81 29.01 -12.23
CA TYR A 42 0.88 28.34 -13.13
C TYR A 42 -0.54 28.67 -12.65
N ASN A 43 -1.49 28.82 -13.57
CA ASN A 43 -2.88 29.00 -13.21
C ASN A 43 -3.81 28.27 -14.17
N SER A 44 -5.06 28.09 -13.78
CA SER A 44 -6.01 27.31 -14.54
C SER A 44 -6.54 28.00 -15.82
N LYS A 45 -6.36 29.30 -15.99
CA LYS A 45 -6.75 29.99 -17.23
C LYS A 45 -5.75 29.72 -18.34
N ASP A 46 -4.48 30.07 -18.09
CA ASP A 46 -3.44 29.93 -19.10
C ASP A 46 -2.90 28.49 -19.20
N ARG A 47 -2.98 27.75 -18.11
CA ARG A 47 -2.53 26.36 -18.05
C ARG A 47 -1.11 26.19 -18.57
N LYS A 48 -0.21 27.10 -18.18
CA LYS A 48 1.20 27.06 -18.60
C LYS A 48 2.15 27.34 -17.42
N SER A 49 3.14 26.47 -17.23
CA SER A 49 4.19 26.66 -16.24
C SER A 49 5.15 27.75 -16.67
N GLN A 50 5.09 28.91 -16.02
CA GLN A 50 5.91 30.07 -16.40
C GLN A 50 7.04 30.29 -15.41
N PRO A 51 8.30 30.32 -15.87
CA PRO A 51 9.36 30.73 -14.96
C PRO A 51 9.24 32.20 -14.55
N MET A 52 9.78 32.55 -13.37
CA MET A 52 9.70 33.91 -12.82
C MET A 52 11.10 34.44 -12.47
N GLY A 53 11.19 35.77 -12.34
CA GLY A 53 12.40 36.45 -11.90
C GLY A 53 13.59 36.08 -12.76
N LEU A 54 14.72 35.80 -12.11
CA LEU A 54 15.96 35.48 -12.83
C LEU A 54 15.94 34.12 -13.52
N TRP A 55 14.99 33.25 -13.17
CA TRP A 55 14.81 31.97 -13.87
C TRP A 55 14.19 32.12 -15.27
N ARG A 56 13.63 33.28 -15.59
CA ARG A 56 13.26 33.61 -16.98
C ARG A 56 14.48 33.57 -17.92
N GLN A 57 15.68 33.87 -17.42
CA GLN A 57 16.92 33.87 -18.23
C GLN A 57 17.81 32.62 -18.05
N VAL A 58 17.37 31.64 -17.27
CA VAL A 58 18.08 30.37 -17.12
C VAL A 58 17.50 29.36 -18.13
N GLU A 59 18.39 28.64 -18.81
CA GLU A 59 17.98 27.64 -19.80
C GLU A 59 18.47 26.24 -19.37
N GLY A 60 17.63 25.24 -19.61
CA GLY A 60 17.96 23.84 -19.33
C GLY A 60 17.58 23.33 -17.95
N MET A 61 17.05 24.21 -17.08
CA MET A 61 16.74 23.79 -15.72
C MET A 61 15.54 22.87 -15.69
N GLU A 62 14.52 23.27 -16.43
CA GLU A 62 13.28 22.52 -16.53
C GLU A 62 12.71 22.77 -17.92
N ASP A 63 12.06 21.72 -18.45
CA ASP A 63 11.30 21.83 -19.69
C ASP A 63 9.92 22.31 -19.31
N TRP A 64 9.69 23.61 -19.44
CA TRP A 64 8.43 24.23 -18.98
C TRP A 64 7.20 23.76 -19.72
N LYS A 65 7.33 23.40 -20.99
CA LYS A 65 6.22 22.85 -21.80
C LYS A 65 5.77 21.51 -21.20
N GLN A 66 6.74 20.68 -20.89
CA GLN A 66 6.49 19.38 -20.26
C GLN A 66 5.93 19.55 -18.85
N ASP A 67 6.55 20.40 -18.04
CA ASP A 67 6.09 20.63 -16.68
C ASP A 67 4.63 21.14 -16.64
N SER A 68 4.23 21.95 -17.62
CA SER A 68 2.82 22.35 -17.75
C SER A 68 1.85 21.16 -17.78
N GLN A 69 2.27 20.02 -18.34
CA GLN A 69 1.45 18.81 -18.38
C GLN A 69 1.36 18.18 -17.00
N LEU A 70 2.49 18.15 -16.30
CA LEU A 70 2.52 17.75 -14.88
C LEU A 70 1.56 18.60 -14.04
N GLN A 71 1.56 19.92 -14.24
CA GLN A 71 0.70 20.83 -13.43
C GLN A 71 -0.79 20.69 -13.73
N LYS A 72 -1.14 20.45 -14.99
CA LYS A 72 -2.53 20.12 -15.39
C LYS A 72 -3.05 18.88 -14.68
N ALA A 73 -2.22 17.85 -14.62
CA ALA A 73 -2.59 16.60 -13.93
C ALA A 73 -2.82 16.86 -12.45
N ARG A 74 -1.86 17.54 -11.82
CA ARG A 74 -2.00 17.93 -10.41
C ARG A 74 -3.21 18.82 -10.16
N GLU A 75 -3.48 19.75 -11.06
CA GLU A 75 -4.71 20.58 -10.97
C GLU A 75 -5.94 19.74 -10.82
N ASP A 76 -6.09 18.74 -11.68
CA ASP A 76 -7.32 17.92 -11.74
C ASP A 76 -7.54 17.14 -10.46
N ILE A 77 -6.48 16.50 -9.96
CA ILE A 77 -6.58 15.77 -8.70
C ILE A 77 -6.83 16.69 -7.50
N PHE A 78 -6.14 17.84 -7.49
CA PHE A 78 -6.33 18.85 -6.46
C PHE A 78 -7.76 19.37 -6.42
N MET A 79 -8.27 19.83 -7.56
CA MET A 79 -9.64 20.38 -7.64
C MET A 79 -10.71 19.31 -7.35
N GLU A 80 -10.43 18.06 -7.68
CA GLU A 80 -11.34 16.97 -7.34
C GLU A 80 -11.41 16.78 -5.82
N THR A 81 -10.27 16.87 -5.13
CA THR A 81 -10.25 16.84 -3.68
C THR A 81 -11.09 17.97 -3.08
N LEU A 82 -10.96 19.18 -3.61
CA LEU A 82 -11.77 20.33 -3.15
C LEU A 82 -13.27 20.03 -3.31
N LYS A 83 -13.64 19.61 -4.51
CA LYS A 83 -15.01 19.22 -4.85
C LYS A 83 -15.57 18.19 -3.86
N ASP A 84 -14.77 17.21 -3.47
CA ASP A 84 -15.19 16.20 -2.47
C ASP A 84 -15.47 16.82 -1.12
N ILE A 85 -14.59 17.73 -0.68
CA ILE A 85 -14.78 18.38 0.62
C ILE A 85 -16.06 19.22 0.63
N VAL A 86 -16.27 19.98 -0.45
CA VAL A 86 -17.47 20.82 -0.55
C VAL A 86 -18.74 19.94 -0.59
N GLU A 87 -18.67 18.79 -1.28
CA GLU A 87 -19.80 17.84 -1.31
C GLU A 87 -20.05 17.21 0.07
N TYR A 88 -19.00 16.89 0.81
CA TYR A 88 -19.13 16.40 2.20
C TYR A 88 -19.97 17.34 3.05
N TYR A 89 -19.72 18.65 2.97
CA TYR A 89 -20.44 19.64 3.78
C TYR A 89 -21.72 20.17 3.11
N ASN A 90 -21.98 19.72 1.88
CA ASN A 90 -23.10 20.20 1.07
C ASN A 90 -23.27 21.74 1.05
N ASP A 91 -22.15 22.45 0.93
CA ASP A 91 -22.16 23.91 0.71
C ASP A 91 -21.69 24.18 -0.72
N SER A 92 -22.33 23.52 -1.68
CA SER A 92 -21.92 23.62 -3.09
C SER A 92 -22.27 24.96 -3.78
N ASN A 93 -22.95 25.87 -3.07
CA ASN A 93 -23.20 27.26 -3.53
C ASN A 93 -22.35 28.36 -2.87
N GLY A 94 -21.67 28.05 -1.76
CA GLY A 94 -20.78 29.01 -1.08
C GLY A 94 -19.36 28.98 -1.61
N SER A 95 -18.56 29.97 -1.24
CA SER A 95 -17.15 30.06 -1.64
C SER A 95 -16.26 29.28 -0.67
N HIS A 96 -15.42 28.38 -1.17
CA HIS A 96 -14.46 27.65 -0.33
C HIS A 96 -13.13 27.51 -1.00
N VAL A 97 -12.10 27.30 -0.20
CA VAL A 97 -10.72 27.29 -0.67
C VAL A 97 -9.98 26.10 -0.07
N LEU A 98 -9.16 25.45 -0.88
CA LEU A 98 -8.27 24.39 -0.41
C LEU A 98 -6.88 24.87 -0.75
N GLN A 99 -5.95 24.70 0.18
CA GLN A 99 -4.54 25.02 -0.09
C GLN A 99 -3.70 23.83 0.30
N GLY A 100 -2.78 23.46 -0.59
CA GLY A 100 -1.82 22.40 -0.32
C GLY A 100 -0.44 23.03 -0.35
N ARG A 101 0.40 22.63 0.61
CA ARG A 101 1.77 23.10 0.68
C ARG A 101 2.68 21.89 0.85
N PHE A 102 3.72 21.80 0.04
CA PHE A 102 4.65 20.71 0.18
C PHE A 102 6.04 21.08 -0.31
N GLY A 103 7.01 20.32 0.17
CA GLY A 103 8.38 20.56 -0.20
C GLY A 103 9.37 19.79 0.64
N CYS A 104 10.64 20.05 0.39
CA CYS A 104 11.74 19.38 1.08
C CYS A 104 12.91 20.34 1.25
N GLU A 105 13.91 19.89 1.98
CA GLU A 105 15.08 20.66 2.31
C GLU A 105 16.32 19.77 2.25
N ILE A 106 17.46 20.37 1.91
CA ILE A 106 18.75 19.73 2.05
C ILE A 106 19.73 20.67 2.75
N GLU A 107 20.59 20.10 3.61
CA GLU A 107 21.73 20.80 4.19
C GLU A 107 22.97 19.93 4.06
N ASN A 108 24.07 20.53 3.59
CA ASN A 108 25.32 19.80 3.30
C ASN A 108 25.07 18.62 2.33
N ASN A 109 24.17 18.86 1.37
CA ASN A 109 23.73 17.89 0.37
C ASN A 109 23.03 16.62 0.92
N ARG A 110 22.58 16.63 2.18
CA ARG A 110 21.81 15.53 2.77
C ARG A 110 20.40 16.06 3.13
N SER A 111 19.36 15.29 2.80
CA SER A 111 17.97 15.66 3.14
C SER A 111 17.80 15.94 4.62
N SER A 112 17.23 17.12 4.93
CA SER A 112 17.11 17.62 6.30
C SER A 112 15.67 17.95 6.72
N GLY A 113 14.68 17.54 5.92
CA GLY A 113 13.30 17.94 6.21
C GLY A 113 12.40 17.81 5.00
N ALA A 114 11.13 17.58 5.26
CA ALA A 114 10.09 17.59 4.24
C ALA A 114 8.74 17.72 4.91
N PHE A 115 7.75 18.16 4.13
CA PHE A 115 6.40 18.39 4.66
C PHE A 115 5.40 18.37 3.54
N TRP A 116 4.16 18.09 3.89
CA TRP A 116 3.08 17.98 2.91
C TRP A 116 1.81 18.14 3.72
N LYS A 117 1.13 19.26 3.51
CA LYS A 117 0.00 19.64 4.35
C LYS A 117 -1.09 20.33 3.51
N TYR A 118 -2.33 20.19 3.96
CA TYR A 118 -3.50 20.80 3.32
C TYR A 118 -4.31 21.59 4.33
N TYR A 119 -4.88 22.70 3.87
CA TYR A 119 -5.75 23.55 4.68
C TYR A 119 -7.04 23.73 3.90
N TYR A 120 -8.17 23.66 4.59
CA TYR A 120 -9.47 23.89 3.97
C TYR A 120 -10.10 25.08 4.67
N ASP A 121 -10.50 26.09 3.89
CA ASP A 121 -10.96 27.38 4.43
C ASP A 121 -10.07 27.95 5.52
N GLY A 122 -8.75 27.82 5.33
CA GLY A 122 -7.78 28.35 6.27
C GLY A 122 -7.49 27.54 7.51
N LYS A 123 -8.16 26.40 7.69
CA LYS A 123 -7.96 25.56 8.87
C LYS A 123 -7.26 24.26 8.46
N ASP A 124 -6.53 23.66 9.40
CA ASP A 124 -5.80 22.42 9.14
C ASP A 124 -6.76 21.35 8.65
N TYR A 125 -6.42 20.66 7.56
CA TYR A 125 -7.30 19.64 6.98
C TYR A 125 -6.69 18.25 7.12
N ILE A 126 -5.52 18.04 6.51
CA ILE A 126 -4.82 16.78 6.55
C ILE A 126 -3.34 17.04 6.31
N GLU A 127 -2.46 16.23 6.91
CA GLU A 127 -1.05 16.29 6.61
C GLU A 127 -0.43 14.90 6.55
N PHE A 128 0.61 14.75 5.74
CA PHE A 128 1.34 13.50 5.61
C PHE A 128 2.45 13.48 6.64
N ASN A 129 2.43 12.46 7.49
CA ASN A 129 3.52 12.19 8.41
C ASN A 129 4.28 11.01 7.84
N LYS A 130 5.44 11.28 7.26
CA LYS A 130 6.18 10.23 6.55
C LYS A 130 6.92 9.25 7.46
N GLU A 131 7.05 9.58 8.75
CA GLU A 131 7.70 8.69 9.70
C GLU A 131 6.82 7.56 10.20
N ILE A 132 5.51 7.71 10.08
CA ILE A 132 4.56 6.66 10.51
C ILE A 132 4.64 5.42 9.60
N PRO A 133 4.38 5.49 8.28
CA PRO A 133 3.88 6.67 7.55
C PRO A 133 2.37 6.66 7.45
N ALA A 134 1.77 7.85 7.42
CA ALA A 134 0.31 7.97 7.26
C ALA A 134 -0.12 9.41 7.02
N TRP A 135 -1.32 9.56 6.46
CA TRP A 135 -2.02 10.84 6.42
C TRP A 135 -2.74 11.03 7.76
N VAL A 136 -2.50 12.20 8.38
CA VAL A 136 -3.06 12.57 9.67
C VAL A 136 -4.19 13.58 9.48
N PRO A 137 -5.45 13.20 9.77
CA PRO A 137 -6.59 14.12 9.56
C PRO A 137 -6.83 15.05 10.74
N PHE A 138 -7.22 16.30 10.45
CA PHE A 138 -7.55 17.29 11.47
C PHE A 138 -9.02 17.72 11.44
N ASP A 139 -9.80 17.12 10.56
CA ASP A 139 -11.17 17.56 10.22
C ASP A 139 -11.96 16.30 9.81
N PRO A 140 -13.20 16.12 10.30
CA PRO A 140 -14.04 14.97 9.95
C PRO A 140 -14.00 14.54 8.47
N ALA A 141 -14.05 15.51 7.56
CA ALA A 141 -14.05 15.22 6.11
C ALA A 141 -12.75 14.67 5.59
N ALA A 142 -11.65 14.98 6.27
CA ALA A 142 -10.34 14.42 5.94
C ALA A 142 -10.24 12.91 6.17
N GLN A 143 -11.17 12.33 6.95
CA GLN A 143 -11.27 10.87 7.09
C GLN A 143 -11.57 10.24 5.73
N ILE A 144 -12.42 10.87 4.94
CA ILE A 144 -12.76 10.37 3.60
C ILE A 144 -11.56 10.53 2.67
N THR A 145 -10.89 11.67 2.72
CA THR A 145 -9.68 11.93 1.91
C THR A 145 -8.56 10.96 2.30
N LYS A 146 -8.36 10.79 3.60
CA LYS A 146 -7.38 9.82 4.13
C LYS A 146 -7.58 8.43 3.56
N GLN A 147 -8.84 8.00 3.47
CA GLN A 147 -9.15 6.66 3.01
C GLN A 147 -8.95 6.50 1.51
N LYS A 148 -9.26 7.52 0.71
CA LYS A 148 -8.94 7.46 -0.73
C LYS A 148 -7.43 7.43 -0.98
N TRP A 149 -6.68 8.23 -0.22
CA TRP A 149 -5.25 8.34 -0.40
C TRP A 149 -4.45 7.19 0.27
N GLU A 150 -5.12 6.39 1.10
CA GLU A 150 -4.56 5.15 1.66
C GLU A 150 -5.38 3.90 1.29
N ALA A 151 -6.09 3.93 0.16
CA ALA A 151 -6.94 2.80 -0.27
C ALA A 151 -6.12 1.57 -0.68
N GLU A 152 -4.93 1.80 -1.25
CA GLU A 152 -3.96 0.76 -1.55
C GLU A 152 -2.70 1.08 -0.77
N PRO A 153 -2.04 0.06 -0.17
CA PRO A 153 -0.82 0.31 0.64
C PRO A 153 0.39 0.88 -0.11
N VAL A 154 0.37 0.83 -1.44
CA VAL A 154 1.40 1.47 -2.27
C VAL A 154 1.31 3.01 -2.34
N TYR A 155 0.13 3.57 -2.10
CA TYR A 155 -0.08 5.04 -2.17
C TYR A 155 0.75 5.76 -1.11
N VAL A 156 0.66 5.32 0.13
CA VAL A 156 1.47 5.84 1.24
C VAL A 156 2.98 5.76 0.93
N GLN A 157 3.42 4.65 0.36
CA GLN A 157 4.84 4.45 0.03
C GLN A 157 5.28 5.41 -1.08
N ARG A 158 4.44 5.62 -2.06
CA ARG A 158 4.67 6.62 -3.12
C ARG A 158 4.72 8.05 -2.56
N ALA A 159 3.83 8.37 -1.64
CA ALA A 159 3.80 9.69 -0.98
C ALA A 159 5.12 9.93 -0.22
N LYS A 160 5.53 8.94 0.57
CA LYS A 160 6.82 8.97 1.28
C LYS A 160 7.99 9.13 0.31
N ALA A 161 7.94 8.39 -0.78
CA ALA A 161 9.00 8.42 -1.81
C ALA A 161 9.07 9.74 -2.55
N TYR A 162 7.96 10.43 -2.76
CA TYR A 162 7.99 11.75 -3.38
C TYR A 162 8.78 12.72 -2.46
N LEU A 163 8.36 12.77 -1.19
CA LEU A 163 9.03 13.64 -0.22
C LEU A 163 10.50 13.30 0.04
N GLU A 164 10.82 12.02 0.13
CA GLU A 164 12.20 11.56 0.47
C GLU A 164 13.13 11.34 -0.71
N GLU A 165 12.60 11.18 -1.91
CA GLU A 165 13.45 10.88 -3.10
C GLU A 165 13.25 11.86 -4.26
N GLU A 166 12.01 12.08 -4.68
CA GLU A 166 11.75 12.88 -5.89
C GLU A 166 11.97 14.37 -5.67
N CYS A 167 11.43 14.87 -4.54
CA CYS A 167 11.56 16.27 -4.23
C CYS A 167 13.04 16.68 -4.06
N PRO A 168 13.82 15.93 -3.24
CA PRO A 168 15.26 16.23 -3.15
C PRO A 168 16.03 16.12 -4.47
N ALA A 169 15.62 15.20 -5.34
CA ALA A 169 16.29 15.03 -6.64
C ALA A 169 16.02 16.22 -7.56
N THR A 170 14.76 16.69 -7.58
CA THR A 170 14.43 17.90 -8.32
C THR A 170 15.22 19.13 -7.74
N LEU A 171 15.22 19.26 -6.42
CA LEU A 171 15.99 20.32 -5.76
C LEU A 171 17.47 20.29 -6.17
N ARG A 172 18.14 19.16 -6.02
CA ARG A 172 19.54 18.99 -6.48
C ARG A 172 19.73 19.32 -7.97
N LYS A 173 18.79 18.92 -8.83
CA LYS A 173 18.85 19.29 -10.23
C LYS A 173 18.82 20.84 -10.38
N TYR A 174 17.81 21.44 -9.76
CA TYR A 174 17.65 22.90 -9.80
C TYR A 174 18.85 23.71 -9.24
N LEU A 175 19.52 23.16 -8.23
CA LEU A 175 20.73 23.81 -7.68
C LEU A 175 21.89 23.95 -8.64
N LYS A 176 22.07 22.96 -9.52
CA LYS A 176 23.13 23.03 -10.53
C LYS A 176 22.94 24.20 -11.52
N TYR A 177 21.69 24.66 -11.63
CA TYR A 177 21.32 25.80 -12.47
C TYR A 177 21.09 27.11 -11.71
N SER A 178 20.83 27.04 -10.39
CA SER A 178 20.38 28.18 -9.58
C SER A 178 21.34 28.65 -8.49
N LYS A 179 22.52 28.02 -8.40
CA LYS A 179 23.51 28.31 -7.35
C LYS A 179 23.87 29.80 -7.24
N ASN A 180 24.15 30.46 -8.36
CA ASN A 180 24.52 31.89 -8.35
C ASN A 180 23.39 32.78 -7.85
N ILE A 181 22.19 32.51 -8.33
CA ILE A 181 20.98 33.25 -7.90
C ILE A 181 20.77 33.07 -6.40
N LEU A 182 20.85 31.83 -5.92
CA LEU A 182 20.51 31.52 -4.51
C LEU A 182 21.58 31.84 -3.50
N ASP A 183 22.83 31.96 -3.95
CA ASP A 183 23.96 32.28 -3.07
C ASP A 183 24.31 33.77 -3.04
N ARG A 184 23.49 34.62 -3.62
CA ARG A 184 23.61 36.08 -3.51
C ARG A 184 23.83 36.47 -2.03
N GLN A 185 24.85 37.30 -1.81
CA GLN A 185 25.18 37.84 -0.50
C GLN A 185 25.22 39.36 -0.65
N ASP A 186 24.22 40.05 -0.11
CA ASP A 186 24.19 41.53 -0.08
C ASP A 186 24.38 41.96 1.35
N PRO A 187 25.45 42.71 1.64
CA PRO A 187 25.69 43.03 3.04
C PRO A 187 24.78 44.13 3.56
N PRO A 188 24.45 44.11 4.88
CA PRO A 188 23.59 45.11 5.46
C PRO A 188 24.25 46.45 5.71
N SER A 189 23.55 47.53 5.36
CA SER A 189 23.86 48.87 5.86
C SER A 189 23.08 49.08 7.15
N VAL A 190 23.55 50.00 7.99
CA VAL A 190 23.00 50.18 9.33
C VAL A 190 22.69 51.64 9.58
N VAL A 191 21.56 51.88 10.28
CA VAL A 191 21.16 53.20 10.76
C VAL A 191 20.75 53.05 12.20
N VAL A 192 21.24 53.95 13.06
CA VAL A 192 20.87 53.99 14.49
C VAL A 192 20.21 55.32 14.79
N THR A 193 19.17 55.30 15.62
CA THR A 193 18.30 56.45 15.90
C THR A 193 18.08 56.51 17.41
N SER A 194 17.77 57.70 17.89
CA SER A 194 17.37 57.84 19.32
C SER A 194 16.28 58.88 19.45
N HIS A 195 15.44 58.77 20.48
CA HIS A 195 14.55 59.85 20.85
C HIS A 195 14.18 59.84 22.32
N GLN A 196 13.87 61.03 22.83
CA GLN A 196 13.48 61.17 24.22
C GLN A 196 12.77 62.47 24.52
N ALA A 197 11.80 62.41 25.43
CA ALA A 197 11.34 63.56 26.20
C ALA A 197 12.49 63.98 27.13
N PRO A 198 12.61 65.30 27.45
CA PRO A 198 13.89 65.92 27.90
C PRO A 198 14.74 65.17 28.95
N GLY A 199 14.10 64.59 29.97
CA GLY A 199 14.78 63.80 31.02
C GLY A 199 14.05 62.51 31.36
N GLU A 200 13.81 61.68 30.34
CA GLU A 200 13.01 60.45 30.46
C GLU A 200 13.63 59.31 29.61
N LYS A 201 13.05 58.12 29.67
CA LYS A 201 13.51 56.95 28.90
C LYS A 201 13.87 57.26 27.44
N LYS A 202 15.12 57.02 27.10
CA LYS A 202 15.61 57.16 25.74
C LYS A 202 15.28 55.87 24.98
N LYS A 203 14.72 56.00 23.78
CA LYS A 203 14.46 54.85 22.93
C LYS A 203 15.53 54.79 21.86
N LEU A 204 16.31 53.70 21.82
CA LEU A 204 17.32 53.52 20.78
C LEU A 204 16.84 52.51 19.77
N LYS A 205 16.91 52.84 18.49
CA LYS A 205 16.46 51.95 17.43
C LYS A 205 17.62 51.65 16.51
N CYS A 206 17.80 50.36 16.16
CA CYS A 206 18.80 49.97 15.19
C CYS A 206 18.10 49.31 14.03
N LEU A 207 18.47 49.69 12.81
CA LEU A 207 17.88 49.17 11.59
C LEU A 207 18.98 48.66 10.67
N ALA A 208 18.92 47.37 10.30
CA ALA A 208 19.72 46.84 9.21
C ALA A 208 18.83 46.78 7.97
N TYR A 209 19.40 47.08 6.81
CA TYR A 209 18.63 47.11 5.57
C TYR A 209 19.50 46.86 4.35
N ASP A 210 18.83 46.58 3.23
CA ASP A 210 19.49 46.30 1.94
C ASP A 210 20.24 44.99 1.94
N PHE A 211 19.80 44.03 2.76
CA PHE A 211 20.54 42.77 2.88
C PHE A 211 19.83 41.55 2.30
N TYR A 212 20.64 40.56 1.95
CA TYR A 212 20.17 39.27 1.49
C TYR A 212 21.29 38.28 1.76
N PRO A 213 21.03 37.08 2.32
CA PRO A 213 19.70 36.53 2.57
C PRO A 213 19.04 37.07 3.82
N GLY A 214 17.81 36.64 4.06
CA GLY A 214 16.99 37.16 5.13
C GLY A 214 17.39 36.83 6.53
N LYS A 215 18.09 35.72 6.72
CA LYS A 215 18.52 35.34 8.06
C LYS A 215 19.52 36.39 8.58
N ILE A 216 19.30 36.86 9.80
CA ILE A 216 20.11 37.95 10.35
C ILE A 216 19.85 37.99 11.84
N ASP A 217 20.79 38.52 12.60
CA ASP A 217 20.58 38.78 14.01
C ASP A 217 20.99 40.24 14.26
N VAL A 218 19.99 41.05 14.60
CA VAL A 218 20.14 42.46 14.93
C VAL A 218 19.79 42.55 16.40
N HIS A 219 20.68 43.13 17.20
CA HIS A 219 20.38 43.31 18.62
C HIS A 219 21.25 44.38 19.23
N TRP A 220 20.73 45.00 20.30
CA TRP A 220 21.48 45.94 21.09
C TRP A 220 22.25 45.18 22.17
N THR A 221 23.49 45.60 22.42
CA THR A 221 24.24 45.15 23.60
C THR A 221 24.45 46.34 24.49
N ARG A 222 24.36 46.10 25.80
CA ARG A 222 24.75 47.06 26.84
C ARG A 222 26.06 46.52 27.40
N ALA A 223 27.17 47.13 27.02
CA ALA A 223 28.51 46.72 27.44
C ALA A 223 28.79 45.25 27.15
N GLY A 224 28.38 44.82 25.96
CA GLY A 224 28.55 43.44 25.51
C GLY A 224 27.39 42.49 25.74
N GLU A 225 26.50 42.81 26.68
CA GLU A 225 25.37 41.95 27.05
C GLU A 225 24.13 42.28 26.22
N VAL A 226 23.60 41.25 25.56
CA VAL A 226 22.43 41.35 24.67
C VAL A 226 21.24 41.87 25.48
N GLN A 227 20.50 42.84 24.95
CA GLN A 227 19.30 43.36 25.62
C GLN A 227 18.04 42.92 24.89
N GLU A 228 16.97 42.71 25.66
CA GLU A 228 15.69 42.36 25.12
C GLU A 228 15.01 43.56 24.52
N PRO A 229 14.68 43.51 23.21
CA PRO A 229 13.96 44.64 22.63
C PRO A 229 12.56 44.80 23.19
N GLU A 230 12.09 46.04 23.29
CA GLU A 230 10.67 46.28 23.59
C GLU A 230 9.78 46.27 22.32
N LEU A 231 10.42 46.32 21.15
CA LEU A 231 9.72 46.33 19.87
C LEU A 231 10.71 45.87 18.80
N ARG A 232 10.24 45.06 17.85
CA ARG A 232 11.07 44.66 16.71
C ARG A 232 10.23 44.45 15.48
N GLY A 233 10.89 44.32 14.33
CA GLY A 233 10.19 44.25 13.08
C GLY A 233 11.08 43.93 11.93
N ASP A 234 10.44 43.51 10.83
CA ASP A 234 11.13 43.06 9.62
C ASP A 234 10.43 43.64 8.40
N VAL A 235 11.15 43.68 7.29
CA VAL A 235 10.63 44.17 6.01
C VAL A 235 11.17 43.27 4.91
N LEU A 236 10.35 43.02 3.88
CA LEU A 236 10.79 42.34 2.68
C LEU A 236 10.32 43.18 1.50
N HIS A 237 11.25 43.69 0.71
CA HIS A 237 10.94 44.32 -0.56
C HIS A 237 10.99 43.20 -1.59
N ASN A 238 9.81 42.77 -2.04
CA ASN A 238 9.65 41.67 -2.99
C ASN A 238 10.32 41.92 -4.36
N GLY A 239 10.29 43.16 -4.83
CA GLY A 239 10.88 43.55 -6.11
C GLY A 239 12.38 43.24 -6.19
N ASN A 240 13.20 44.01 -5.47
CA ASN A 240 14.64 43.78 -5.48
C ASN A 240 15.13 42.62 -4.58
N GLY A 241 14.21 42.07 -3.77
CA GLY A 241 14.50 40.89 -2.99
C GLY A 241 15.41 41.15 -1.80
N THR A 242 15.39 42.36 -1.25
CA THR A 242 16.18 42.69 -0.06
C THR A 242 15.29 42.75 1.15
N TYR A 243 15.93 42.64 2.31
CA TYR A 243 15.26 42.64 3.60
C TYR A 243 15.72 43.79 4.45
N GLN A 244 14.96 44.06 5.50
CA GLN A 244 15.37 44.96 6.58
C GLN A 244 14.92 44.34 7.89
N SER A 245 15.58 44.69 8.98
CA SER A 245 15.26 44.18 10.30
C SER A 245 15.69 45.22 11.32
N TRP A 246 14.83 45.50 12.31
CA TRP A 246 15.08 46.53 13.30
C TRP A 246 14.62 46.15 14.70
N VAL A 247 15.25 46.77 15.70
CA VAL A 247 14.92 46.56 17.13
C VAL A 247 14.97 47.88 17.88
N VAL A 248 14.17 48.00 18.93
CA VAL A 248 14.14 49.16 19.79
C VAL A 248 14.35 48.71 21.24
N VAL A 249 15.24 49.41 21.96
CA VAL A 249 15.37 49.25 23.41
C VAL A 249 15.17 50.57 24.11
N ALA A 250 14.67 50.48 25.35
CA ALA A 250 14.46 51.63 26.20
C ALA A 250 15.61 51.66 27.17
N VAL A 251 16.19 52.85 27.37
CA VAL A 251 17.38 53.04 28.21
C VAL A 251 16.98 54.02 29.30
N PRO A 252 17.03 53.59 30.59
CA PRO A 252 16.74 54.54 31.69
C PRO A 252 17.66 55.77 31.67
N PRO A 253 17.14 56.97 32.01
CA PRO A 253 17.98 58.20 31.99
C PRO A 253 19.20 58.16 32.93
N GLN A 254 19.11 57.35 34.00
CA GLN A 254 20.26 57.08 34.89
C GLN A 254 21.24 55.95 34.44
N ASP A 255 21.06 55.39 33.24
CA ASP A 255 21.92 54.31 32.73
C ASP A 255 23.02 54.91 31.87
N THR A 256 24.27 54.71 32.31
CA THR A 256 25.45 55.30 31.66
C THR A 256 26.30 54.28 30.90
N ALA A 257 25.93 53.00 30.93
CA ALA A 257 26.67 51.98 30.18
C ALA A 257 26.66 52.25 28.67
N PRO A 258 27.69 51.76 27.95
CA PRO A 258 27.75 52.02 26.51
C PRO A 258 26.94 50.99 25.72
N TYR A 259 26.06 51.48 24.84
CA TYR A 259 25.21 50.68 24.00
C TYR A 259 25.75 50.63 22.57
N SER A 260 25.72 49.45 21.97
CA SER A 260 26.09 49.26 20.58
C SER A 260 25.05 48.42 19.90
N CYS A 261 24.84 48.64 18.61
CA CYS A 261 24.01 47.75 17.80
C CYS A 261 24.89 46.70 17.15
N HIS A 262 24.47 45.44 17.24
CA HIS A 262 25.23 44.34 16.63
C HIS A 262 24.41 43.77 15.48
N VAL A 263 25.08 43.50 14.37
CA VAL A 263 24.45 42.86 13.22
C VAL A 263 25.26 41.66 12.74
N GLN A 264 24.73 40.46 12.97
CA GLN A 264 25.35 39.20 12.50
C GLN A 264 24.63 38.74 11.22
N HIS A 265 25.38 38.60 10.14
CA HIS A 265 24.86 38.22 8.85
C HIS A 265 25.94 37.47 8.05
N SER A 266 25.50 36.54 7.20
CA SER A 266 26.37 35.62 6.47
C SER A 266 27.32 36.30 5.47
N SER A 267 26.96 37.50 5.02
CA SER A 267 27.78 38.27 4.09
C SER A 267 29.00 38.93 4.71
N LEU A 268 29.10 38.90 6.04
CA LEU A 268 30.14 39.60 6.80
C LEU A 268 31.17 38.63 7.37
N ALA A 269 32.43 39.05 7.34
CA ALA A 269 33.53 38.35 8.03
C ALA A 269 33.22 38.18 9.51
N GLN A 270 32.81 39.25 10.16
CA GLN A 270 32.39 39.22 11.55
C GLN A 270 31.25 40.23 11.77
N PRO A 271 30.53 40.10 12.88
CA PRO A 271 29.48 41.05 13.19
C PRO A 271 29.86 42.52 13.08
N LEU A 272 28.97 43.34 12.50
CA LEU A 272 29.09 44.80 12.57
C LEU A 272 28.71 45.23 13.95
N VAL A 273 29.49 46.13 14.53
CA VAL A 273 29.24 46.66 15.87
C VAL A 273 29.23 48.16 15.66
N VAL A 274 28.08 48.79 15.88
CA VAL A 274 27.91 50.23 15.68
C VAL A 274 27.62 50.84 17.04
N PRO A 275 28.60 51.55 17.63
CA PRO A 275 28.38 52.15 18.95
C PRO A 275 27.40 53.28 18.89
N TRP A 276 26.62 53.48 19.96
CA TRP A 276 25.84 54.68 20.11
C TRP A 276 26.44 55.58 21.19
N GLU A 277 27.05 56.69 20.76
CA GLU A 277 27.75 57.65 21.62
C GLU A 277 27.07 58.98 21.47
N ASP B 6 7.89 -36.44 22.06
CA ASP B 6 9.23 -36.30 21.45
C ASP B 6 9.42 -37.02 20.10
N GLY B 7 8.38 -37.07 19.25
CA GLY B 7 8.54 -37.39 17.83
C GLY B 7 8.40 -36.18 16.93
N ARG B 8 8.30 -36.43 15.63
CA ARG B 8 8.01 -35.40 14.64
C ARG B 8 6.50 -35.15 14.54
N TYR B 9 6.10 -33.88 14.57
CA TYR B 9 4.72 -33.46 14.34
C TYR B 9 4.72 -32.28 13.40
N SER B 10 3.70 -32.16 12.54
CA SER B 10 3.57 -31.02 11.64
C SER B 10 2.16 -30.49 11.65
N LEU B 11 2.02 -29.19 11.39
CA LEU B 11 0.75 -28.51 11.21
C LEU B 11 0.82 -27.85 9.85
N THR B 12 -0.05 -28.25 8.93
CA THR B 12 -0.08 -27.68 7.59
C THR B 12 -1.49 -27.31 7.15
N TYR B 13 -1.53 -26.32 6.23
CA TYR B 13 -2.79 -25.80 5.69
C TYR B 13 -2.70 -25.71 4.17
N ILE B 14 -3.79 -26.04 3.48
CA ILE B 14 -3.92 -25.80 2.04
C ILE B 14 -5.14 -24.91 1.82
N TYR B 15 -4.92 -23.73 1.25
CA TYR B 15 -5.98 -22.80 0.84
C TYR B 15 -6.02 -22.80 -0.68
N THR B 16 -7.19 -23.03 -1.28
CA THR B 16 -7.34 -23.03 -2.74
C THR B 16 -8.53 -22.16 -3.16
N GLY B 17 -8.33 -21.38 -4.22
CA GLY B 17 -9.31 -20.40 -4.67
C GLY B 17 -9.45 -20.37 -6.18
N LEU B 18 -10.69 -20.42 -6.67
CA LEU B 18 -11.00 -20.45 -8.10
C LEU B 18 -11.60 -19.12 -8.55
N SER B 19 -11.14 -18.62 -9.70
CA SER B 19 -11.63 -17.37 -10.28
C SER B 19 -13.01 -17.51 -10.94
N LYS B 20 -13.38 -18.74 -11.32
CA LYS B 20 -14.54 -19.02 -12.12
C LYS B 20 -15.53 -19.94 -11.40
N HIS B 21 -16.64 -19.32 -10.98
CA HIS B 21 -17.93 -19.94 -10.63
C HIS B 21 -18.03 -21.40 -10.47
N VAL B 22 -18.57 -22.21 -11.40
CA VAL B 22 -18.91 -23.60 -11.23
C VAL B 22 -20.21 -24.05 -10.53
N GLU B 23 -20.53 -23.45 -9.42
CA GLU B 23 -21.87 -23.58 -8.77
C GLU B 23 -22.20 -24.66 -7.69
N ASP B 24 -21.89 -25.93 -7.87
CA ASP B 24 -21.78 -26.80 -6.68
C ASP B 24 -20.39 -26.86 -6.00
N VAL B 25 -19.49 -25.96 -6.40
CA VAL B 25 -18.10 -25.99 -5.98
C VAL B 25 -17.79 -24.67 -5.31
N PRO B 26 -17.49 -24.68 -4.00
CA PRO B 26 -17.14 -23.39 -3.36
C PRO B 26 -15.86 -22.83 -3.97
N ALA B 27 -15.88 -21.55 -4.28
CA ALA B 27 -14.74 -20.84 -4.87
C ALA B 27 -13.50 -20.92 -4.01
N PHE B 28 -13.66 -20.87 -2.69
CA PHE B 28 -12.55 -20.90 -1.74
C PHE B 28 -12.74 -22.12 -0.85
N GLN B 29 -11.68 -22.93 -0.76
CA GLN B 29 -11.68 -24.13 0.08
C GLN B 29 -10.41 -24.14 0.92
N ALA B 30 -10.59 -24.48 2.20
CA ALA B 30 -9.49 -24.53 3.15
C ALA B 30 -9.47 -25.89 3.82
N LEU B 31 -8.26 -26.42 3.99
CA LEU B 31 -8.03 -27.71 4.65
C LEU B 31 -6.86 -27.56 5.63
N GLY B 32 -7.02 -28.02 6.88
CA GLY B 32 -5.89 -28.06 7.82
C GLY B 32 -5.56 -29.51 8.17
N SER B 33 -4.26 -29.80 8.37
CA SER B 33 -3.82 -31.15 8.73
C SER B 33 -2.84 -31.15 9.88
N LEU B 34 -2.93 -32.20 10.70
CA LEU B 34 -1.95 -32.50 11.73
C LEU B 34 -1.32 -33.82 11.31
N ASN B 35 -0.03 -33.80 11.05
CA ASN B 35 0.63 -34.89 10.34
C ASN B 35 -0.19 -35.18 9.06
N ASP B 36 -0.66 -36.41 8.86
CA ASP B 36 -1.34 -36.80 7.62
C ASP B 36 -2.86 -36.84 7.77
N LEU B 37 -3.35 -36.37 8.93
CA LEU B 37 -4.75 -36.38 9.25
C LEU B 37 -5.33 -34.99 9.11
N GLN B 38 -6.50 -34.92 8.50
CA GLN B 38 -7.18 -33.66 8.26
C GLN B 38 -8.05 -33.41 9.48
N PHE B 39 -7.87 -32.23 10.10
CA PHE B 39 -8.59 -31.89 11.33
C PHE B 39 -9.67 -30.83 11.19
N PHE B 40 -9.60 -30.00 10.16
CA PHE B 40 -10.65 -28.99 9.93
C PHE B 40 -10.77 -28.67 8.46
N ARG B 41 -11.95 -28.17 8.08
CA ARG B 41 -12.18 -27.66 6.73
C ARG B 41 -13.05 -26.40 6.80
N TYR B 42 -13.07 -25.68 5.69
CA TYR B 42 -13.89 -24.47 5.57
C TYR B 42 -14.05 -24.20 4.07
N ASN B 43 -15.21 -23.67 3.67
CA ASN B 43 -15.43 -23.26 2.30
C ASN B 43 -16.27 -21.98 2.24
N SER B 44 -16.27 -21.35 1.07
CA SER B 44 -16.94 -20.07 0.89
C SER B 44 -18.48 -20.12 0.87
N LYS B 45 -19.08 -21.29 0.67
CA LYS B 45 -20.54 -21.42 0.70
C LYS B 45 -21.05 -21.41 2.14
N ASP B 46 -20.57 -22.35 2.94
CA ASP B 46 -21.03 -22.50 4.32
C ASP B 46 -20.38 -21.51 5.27
N ARG B 47 -19.16 -21.07 4.93
CA ARG B 47 -18.42 -20.11 5.74
C ARG B 47 -18.33 -20.51 7.21
N LYS B 48 -18.07 -21.79 7.46
CA LYS B 48 -17.94 -22.34 8.82
C LYS B 48 -16.74 -23.26 8.95
N SER B 49 -15.90 -23.03 9.96
CA SER B 49 -14.77 -23.90 10.28
C SER B 49 -15.28 -25.17 10.93
N GLN B 50 -15.22 -26.28 10.19
CA GLN B 50 -15.77 -27.57 10.65
C GLN B 50 -14.63 -28.51 11.02
N PRO B 51 -14.63 -29.03 12.27
CA PRO B 51 -13.67 -30.08 12.56
C PRO B 51 -14.00 -31.37 11.80
N MET B 52 -12.98 -32.21 11.54
CA MET B 52 -13.14 -33.45 10.78
C MET B 52 -12.63 -34.66 11.58
N GLY B 53 -13.09 -35.84 11.18
CA GLY B 53 -12.64 -37.11 11.76
C GLY B 53 -12.83 -37.14 13.25
N LEU B 54 -11.80 -37.62 13.96
CA LEU B 54 -11.89 -37.75 15.43
C LEU B 54 -11.86 -36.41 16.17
N TRP B 55 -11.48 -35.32 15.49
CA TRP B 55 -11.58 -33.99 16.09
C TRP B 55 -13.03 -33.45 16.21
N ARG B 56 -13.99 -34.09 15.53
CA ARG B 56 -15.42 -33.83 15.78
C ARG B 56 -15.80 -34.14 17.24
N GLN B 57 -15.13 -35.08 17.90
CA GLN B 57 -15.41 -35.46 19.31
C GLN B 57 -14.43 -34.87 20.34
N VAL B 58 -13.50 -34.03 19.91
CA VAL B 58 -12.57 -33.33 20.82
C VAL B 58 -13.17 -31.96 21.14
N GLU B 59 -13.12 -31.59 22.41
CA GLU B 59 -13.60 -30.27 22.88
C GLU B 59 -12.43 -29.51 23.53
N GLY B 60 -12.43 -28.19 23.35
CA GLY B 60 -11.45 -27.30 23.95
C GLY B 60 -10.24 -26.99 23.10
N MET B 61 -10.07 -27.70 21.98
CA MET B 61 -8.90 -27.50 21.14
C MET B 61 -8.89 -26.16 20.44
N GLU B 62 -10.06 -25.84 19.89
CA GLU B 62 -10.28 -24.61 19.18
C GLU B 62 -11.73 -24.22 19.31
N ASP B 63 -11.98 -22.91 19.37
CA ASP B 63 -13.35 -22.39 19.33
C ASP B 63 -13.71 -22.25 17.86
N TRP B 64 -14.42 -23.22 17.32
CA TRP B 64 -14.71 -23.26 15.88
C TRP B 64 -15.57 -22.12 15.38
N LYS B 65 -16.48 -21.62 16.22
CA LYS B 65 -17.32 -20.46 15.87
C LYS B 65 -16.44 -19.22 15.65
N GLN B 66 -15.52 -19.02 16.58
CA GLN B 66 -14.56 -17.92 16.48
C GLN B 66 -13.61 -18.10 15.30
N ASP B 67 -13.04 -19.28 15.15
CA ASP B 67 -12.13 -19.57 14.04
C ASP B 67 -12.79 -19.35 12.69
N SER B 68 -14.08 -19.63 12.55
CA SER B 68 -14.83 -19.28 11.32
C SER B 68 -14.69 -17.81 10.92
N GLN B 69 -14.59 -16.92 11.90
CA GLN B 69 -14.40 -15.47 11.65
C GLN B 69 -12.99 -15.19 11.14
N LEU B 70 -12.02 -15.86 11.76
CA LEU B 70 -10.64 -15.84 11.26
C LEU B 70 -10.56 -16.31 9.81
N GLN B 71 -11.24 -17.40 9.47
CA GLN B 71 -11.19 -17.96 8.08
C GLN B 71 -11.88 -17.08 7.05
N LYS B 72 -12.98 -16.43 7.42
CA LYS B 72 -13.63 -15.40 6.56
C LYS B 72 -12.67 -14.26 6.21
N ALA B 73 -11.94 -13.79 7.20
CA ALA B 73 -10.93 -12.73 6.99
C ALA B 73 -9.85 -13.19 6.03
N ARG B 74 -9.29 -14.37 6.30
CA ARG B 74 -8.29 -15.01 5.42
C ARG B 74 -8.84 -15.26 4.02
N GLU B 75 -10.09 -15.69 3.90
CA GLU B 75 -10.74 -15.83 2.59
C GLU B 75 -10.65 -14.56 1.78
N ASP B 76 -11.01 -13.45 2.39
CA ASP B 76 -11.07 -12.15 1.68
C ASP B 76 -9.73 -11.71 1.19
N ILE B 77 -8.71 -11.78 2.02
CA ILE B 77 -7.35 -11.42 1.61
C ILE B 77 -6.81 -12.38 0.50
N PHE B 78 -7.08 -13.69 0.67
CA PHE B 78 -6.68 -14.67 -0.29
C PHE B 78 -7.33 -14.43 -1.66
N MET B 79 -8.65 -14.33 -1.68
CA MET B 79 -9.39 -14.11 -2.94
C MET B 79 -9.08 -12.76 -3.57
N GLU B 80 -8.74 -11.76 -2.79
CA GLU B 80 -8.29 -10.46 -3.32
C GLU B 80 -6.97 -10.62 -4.04
N THR B 81 -6.04 -11.39 -3.48
CA THR B 81 -4.79 -11.72 -4.18
C THR B 81 -5.06 -12.40 -5.53
N LEU B 82 -5.98 -13.37 -5.55
CA LEU B 82 -6.34 -14.05 -6.80
C LEU B 82 -6.86 -13.06 -7.84
N LYS B 83 -7.82 -12.26 -7.41
CA LYS B 83 -8.42 -11.18 -8.22
C LYS B 83 -7.38 -10.27 -8.81
N ASP B 84 -6.34 -9.91 -8.04
CA ASP B 84 -5.25 -9.07 -8.56
C ASP B 84 -4.47 -9.77 -9.64
N ILE B 85 -4.17 -11.06 -9.46
CA ILE B 85 -3.40 -11.82 -10.45
C ILE B 85 -4.19 -11.91 -11.76
N VAL B 86 -5.48 -12.21 -11.66
CA VAL B 86 -6.34 -12.32 -12.84
C VAL B 86 -6.47 -10.97 -13.56
N GLU B 87 -6.58 -9.90 -12.80
CA GLU B 87 -6.63 -8.54 -13.38
C GLU B 87 -5.30 -8.15 -14.05
N TYR B 88 -4.17 -8.55 -13.46
CA TYR B 88 -2.86 -8.33 -14.08
C TYR B 88 -2.77 -8.92 -15.48
N TYR B 89 -3.27 -10.14 -15.66
CA TYR B 89 -3.23 -10.83 -16.97
C TYR B 89 -4.45 -10.55 -17.85
N ASN B 90 -5.41 -9.79 -17.33
CA ASN B 90 -6.70 -9.54 -17.98
C ASN B 90 -7.36 -10.78 -18.61
N ASP B 91 -7.34 -11.90 -17.88
CA ASP B 91 -8.09 -13.10 -18.26
C ASP B 91 -9.22 -13.28 -17.25
N SER B 92 -10.02 -12.22 -17.08
CA SER B 92 -11.12 -12.24 -16.11
C SER B 92 -12.34 -13.11 -16.51
N ASN B 93 -12.32 -13.68 -17.72
CA ASN B 93 -13.33 -14.68 -18.17
C ASN B 93 -12.86 -16.13 -18.23
N GLY B 94 -11.56 -16.40 -18.11
CA GLY B 94 -11.03 -17.78 -18.07
C GLY B 94 -10.99 -18.36 -16.67
N SER B 95 -10.74 -19.66 -16.56
CA SER B 95 -10.65 -20.34 -15.24
C SER B 95 -9.23 -20.28 -14.71
N HIS B 96 -9.03 -19.81 -13.48
CA HIS B 96 -7.71 -19.79 -12.85
C HIS B 96 -7.79 -20.15 -11.39
N VAL B 97 -6.67 -20.62 -10.86
CA VAL B 97 -6.62 -21.16 -9.49
C VAL B 97 -5.38 -20.61 -8.80
N LEU B 98 -5.53 -20.26 -7.53
CA LEU B 98 -4.42 -19.85 -6.67
C LEU B 98 -4.45 -20.82 -5.52
N GLN B 99 -3.28 -21.35 -5.14
CA GLN B 99 -3.18 -22.20 -3.98
C GLN B 99 -2.07 -21.70 -3.09
N GLY B 100 -2.35 -21.63 -1.80
CA GLY B 100 -1.40 -21.19 -0.78
C GLY B 100 -1.24 -22.36 0.17
N ARG B 101 0.01 -22.62 0.55
CA ARG B 101 0.34 -23.69 1.49
C ARG B 101 1.25 -23.11 2.55
N PHE B 102 0.94 -23.39 3.81
CA PHE B 102 1.82 -22.94 4.88
C PHE B 102 1.73 -23.84 6.09
N GLY B 103 2.77 -23.78 6.90
CA GLY B 103 2.83 -24.64 8.06
C GLY B 103 4.18 -24.68 8.71
N CYS B 104 4.30 -25.54 9.72
CA CYS B 104 5.54 -25.69 10.46
C CYS B 104 5.66 -27.14 10.95
N GLU B 105 6.82 -27.45 11.51
CA GLU B 105 7.10 -28.74 12.07
C GLU B 105 7.83 -28.61 13.41
N ILE B 106 7.67 -29.60 14.29
CA ILE B 106 8.51 -29.75 15.47
C ILE B 106 9.00 -31.20 15.57
N GLU B 107 10.24 -31.39 16.01
CA GLU B 107 10.76 -32.70 16.39
C GLU B 107 11.49 -32.59 17.73
N ASN B 108 11.20 -33.53 18.63
CA ASN B 108 11.69 -33.51 20.03
C ASN B 108 11.31 -32.18 20.73
N ASN B 109 10.11 -31.70 20.41
CA ASN B 109 9.57 -30.43 20.88
C ASN B 109 10.35 -29.15 20.48
N ARG B 110 11.26 -29.24 19.51
CA ARG B 110 12.00 -28.08 18.98
C ARG B 110 11.62 -27.86 17.50
N SER B 111 11.33 -26.62 17.12
CA SER B 111 10.96 -26.28 15.73
C SER B 111 12.01 -26.77 14.73
N SER B 112 11.55 -27.51 13.71
CA SER B 112 12.42 -28.17 12.74
C SER B 112 12.10 -27.81 11.29
N GLY B 113 11.31 -26.75 11.07
CA GLY B 113 11.01 -26.29 9.72
C GLY B 113 9.73 -25.51 9.61
N ALA B 114 9.61 -24.69 8.59
CA ALA B 114 8.41 -23.91 8.33
C ALA B 114 8.44 -23.35 6.92
N PHE B 115 7.26 -23.10 6.35
CA PHE B 115 7.17 -22.73 4.94
C PHE B 115 5.87 -22.00 4.68
N TRP B 116 5.88 -21.24 3.58
CA TRP B 116 4.72 -20.44 3.21
C TRP B 116 4.91 -20.11 1.73
N LYS B 117 4.06 -20.69 0.90
CA LYS B 117 4.26 -20.67 -0.57
C LYS B 117 2.92 -20.61 -1.29
N TYR B 118 2.94 -20.00 -2.48
CA TYR B 118 1.75 -19.85 -3.33
C TYR B 118 2.05 -20.35 -4.72
N TYR B 119 1.03 -20.95 -5.35
CA TYR B 119 1.10 -21.43 -6.73
C TYR B 119 -0.08 -20.85 -7.48
N TYR B 120 0.15 -20.37 -8.69
CA TYR B 120 -0.89 -19.83 -9.55
C TYR B 120 -0.96 -20.69 -10.79
N ASP B 121 -2.16 -21.20 -11.09
CA ASP B 121 -2.36 -22.20 -12.16
C ASP B 121 -1.31 -23.32 -12.17
N GLY B 122 -0.99 -23.81 -10.99
CA GLY B 122 -0.07 -24.91 -10.84
C GLY B 122 1.42 -24.59 -10.89
N LYS B 123 1.78 -23.32 -11.11
CA LYS B 123 3.19 -22.91 -11.20
C LYS B 123 3.55 -22.06 -10.01
N ASP B 124 4.83 -22.04 -9.64
CA ASP B 124 5.32 -21.24 -8.52
C ASP B 124 4.95 -19.78 -8.72
N TYR B 125 4.40 -19.14 -7.69
CA TYR B 125 3.97 -17.74 -7.77
C TYR B 125 4.84 -16.84 -6.88
N ILE B 126 4.82 -17.10 -5.59
CA ILE B 126 5.58 -16.37 -4.61
C ILE B 126 5.81 -17.26 -3.41
N GLU B 127 6.95 -17.10 -2.73
CA GLU B 127 7.16 -17.80 -1.46
C GLU B 127 7.87 -16.89 -0.50
N PHE B 128 7.61 -17.12 0.80
CA PHE B 128 8.30 -16.39 1.85
C PHE B 128 9.56 -17.16 2.19
N ASN B 129 10.68 -16.46 2.08
CA ASN B 129 11.97 -16.99 2.50
C ASN B 129 12.27 -16.28 3.81
N LYS B 130 12.08 -16.98 4.91
CA LYS B 130 12.18 -16.41 6.23
C LYS B 130 13.63 -16.19 6.68
N GLU B 131 14.60 -16.77 5.99
CA GLU B 131 16.01 -16.60 6.34
C GLU B 131 16.60 -15.28 5.81
N ILE B 132 15.96 -14.67 4.82
CA ILE B 132 16.41 -13.38 4.27
C ILE B 132 16.21 -12.22 5.28
N PRO B 133 14.98 -11.91 5.72
CA PRO B 133 13.71 -12.47 5.26
C PRO B 133 13.08 -11.63 4.15
N ALA B 134 12.36 -12.27 3.24
CA ALA B 134 11.66 -11.59 2.14
C ALA B 134 10.70 -12.52 1.39
N TRP B 135 9.72 -11.92 0.68
CA TRP B 135 8.90 -12.64 -0.28
C TRP B 135 9.67 -12.71 -1.61
N VAL B 136 9.79 -13.93 -2.14
CA VAL B 136 10.52 -14.22 -3.35
C VAL B 136 9.55 -14.49 -4.50
N PRO B 137 9.49 -13.61 -5.51
CA PRO B 137 8.57 -13.82 -6.64
C PRO B 137 9.12 -14.72 -7.73
N PHE B 138 8.25 -15.54 -8.31
CA PHE B 138 8.60 -16.44 -9.42
C PHE B 138 7.85 -16.11 -10.71
N ASP B 139 7.08 -15.02 -10.70
CA ASP B 139 6.15 -14.66 -11.77
C ASP B 139 6.03 -13.13 -11.77
N PRO B 140 6.09 -12.47 -12.95
CA PRO B 140 5.96 -11.00 -13.05
C PRO B 140 4.89 -10.38 -12.14
N ALA B 141 3.72 -10.98 -12.06
CA ALA B 141 2.59 -10.47 -11.28
C ALA B 141 2.82 -10.54 -9.78
N ALA B 142 3.66 -11.47 -9.34
CA ALA B 142 4.07 -11.55 -7.94
C ALA B 142 4.89 -10.35 -7.45
N GLN B 143 5.42 -9.55 -8.38
CA GLN B 143 6.05 -8.26 -8.04
C GLN B 143 5.07 -7.33 -7.38
N ILE B 144 3.82 -7.33 -7.86
CA ILE B 144 2.76 -6.50 -7.28
C ILE B 144 2.38 -7.04 -5.91
N THR B 145 2.23 -8.36 -5.80
CA THR B 145 1.89 -8.99 -4.52
C THR B 145 3.02 -8.79 -3.49
N LYS B 146 4.26 -8.97 -3.95
CA LYS B 146 5.44 -8.72 -3.10
C LYS B 146 5.45 -7.34 -2.50
N GLN B 147 5.07 -6.35 -3.30
CA GLN B 147 5.11 -4.96 -2.85
C GLN B 147 4.00 -4.63 -1.86
N LYS B 148 2.80 -5.21 -2.04
CA LYS B 148 1.73 -5.05 -1.04
C LYS B 148 2.11 -5.71 0.29
N TRP B 149 2.70 -6.91 0.21
CA TRP B 149 3.05 -7.68 1.40
C TRP B 149 4.36 -7.21 2.08
N GLU B 150 5.11 -6.36 1.40
CA GLU B 150 6.29 -5.66 1.97
C GLU B 150 6.16 -4.14 1.83
N ALA B 151 4.94 -3.60 2.00
CA ALA B 151 4.67 -2.16 1.91
C ALA B 151 5.41 -1.25 2.88
N GLU B 152 5.63 -1.74 4.09
CA GLU B 152 6.54 -1.09 5.09
C GLU B 152 7.59 -2.12 5.43
N PRO B 153 8.87 -1.72 5.59
CA PRO B 153 9.99 -2.70 5.65
C PRO B 153 10.01 -3.65 6.85
N VAL B 154 9.25 -3.33 7.88
CA VAL B 154 9.04 -4.20 9.06
C VAL B 154 8.12 -5.43 8.83
N TYR B 155 7.33 -5.41 7.74
CA TYR B 155 6.46 -6.54 7.39
C TYR B 155 7.18 -7.85 7.25
N VAL B 156 8.27 -7.93 6.53
CA VAL B 156 9.06 -9.16 6.45
C VAL B 156 9.47 -9.72 7.83
N GLN B 157 9.89 -8.84 8.72
CA GLN B 157 10.33 -9.27 10.07
C GLN B 157 9.12 -9.78 10.90
N ARG B 158 7.97 -9.10 10.75
CA ARG B 158 6.74 -9.57 11.37
C ARG B 158 6.27 -10.93 10.82
N ALA B 159 6.38 -11.11 9.51
CA ALA B 159 6.00 -12.35 8.85
C ALA B 159 6.86 -13.49 9.33
N LYS B 160 8.19 -13.29 9.38
CA LYS B 160 9.13 -14.28 9.94
C LYS B 160 8.76 -14.62 11.36
N ALA B 161 8.45 -13.60 12.17
CA ALA B 161 8.15 -13.81 13.58
C ALA B 161 6.82 -14.62 13.79
N TYR B 162 5.86 -14.32 12.92
CA TYR B 162 4.59 -15.07 13.00
C TYR B 162 4.79 -16.50 12.59
N LEU B 163 5.46 -16.74 11.48
CA LEU B 163 5.76 -18.09 10.97
C LEU B 163 6.59 -18.93 11.95
N GLU B 164 7.61 -18.34 12.59
CA GLU B 164 8.51 -19.06 13.49
C GLU B 164 8.09 -19.15 14.97
N GLU B 165 7.08 -18.40 15.42
CA GLU B 165 6.52 -18.47 16.75
C GLU B 165 5.05 -18.91 16.87
N GLU B 166 4.17 -18.34 16.08
CA GLU B 166 2.73 -18.62 16.18
C GLU B 166 2.33 -19.99 15.69
N CYS B 167 2.85 -20.40 14.56
CA CYS B 167 2.53 -21.72 14.00
C CYS B 167 2.97 -22.84 14.97
N PRO B 168 4.25 -22.81 15.45
CA PRO B 168 4.63 -23.80 16.47
C PRO B 168 3.82 -23.77 17.76
N ALA B 169 3.38 -22.58 18.17
CA ALA B 169 2.57 -22.44 19.39
C ALA B 169 1.18 -23.05 19.21
N THR B 170 0.56 -22.82 18.04
CA THR B 170 -0.70 -23.46 17.72
C THR B 170 -0.54 -25.00 17.66
N LEU B 171 0.51 -25.45 16.98
CA LEU B 171 0.82 -26.90 16.92
C LEU B 171 0.95 -27.50 18.33
N ARG B 172 1.80 -26.93 19.18
CA ARG B 172 1.92 -27.37 20.59
C ARG B 172 0.59 -27.34 21.36
N LYS B 173 -0.24 -26.31 21.13
CA LYS B 173 -1.57 -26.27 21.74
C LYS B 173 -2.39 -27.47 21.27
N TYR B 174 -2.48 -27.64 19.96
CA TYR B 174 -3.24 -28.76 19.36
C TYR B 174 -2.75 -30.16 19.80
N LEU B 175 -1.46 -30.33 20.04
CA LEU B 175 -0.91 -31.60 20.54
C LEU B 175 -1.44 -32.02 21.92
N LYS B 176 -1.64 -31.06 22.81
CA LYS B 176 -2.20 -31.33 24.14
C LYS B 176 -3.62 -31.89 24.08
N TYR B 177 -4.31 -31.64 22.98
CA TYR B 177 -5.63 -32.19 22.71
C TYR B 177 -5.68 -33.37 21.73
N SER B 178 -4.63 -33.54 20.93
CA SER B 178 -4.62 -34.51 19.80
C SER B 178 -3.61 -35.64 19.93
N LYS B 179 -2.90 -35.73 21.05
CA LYS B 179 -1.84 -36.74 21.27
C LYS B 179 -2.31 -38.18 21.04
N ASN B 180 -3.46 -38.54 21.57
CA ASN B 180 -4.01 -39.90 21.41
C ASN B 180 -4.35 -40.22 19.96
N ILE B 181 -4.97 -39.28 19.28
CA ILE B 181 -5.33 -39.41 17.86
C ILE B 181 -4.07 -39.55 17.02
N LEU B 182 -3.07 -38.71 17.26
CA LEU B 182 -1.88 -38.67 16.41
C LEU B 182 -0.85 -39.74 16.68
N ASP B 183 -0.88 -40.29 17.89
CA ASP B 183 0.10 -41.34 18.29
C ASP B 183 -0.53 -42.74 18.18
N ARG B 184 -1.69 -42.88 17.54
CA ARG B 184 -2.26 -44.16 17.15
C ARG B 184 -1.18 -45.03 16.52
N GLN B 185 -1.07 -46.27 17.01
CA GLN B 185 -0.12 -47.25 16.51
C GLN B 185 -0.93 -48.47 16.16
N ASP B 186 -1.11 -48.74 14.85
CA ASP B 186 -1.78 -49.94 14.36
C ASP B 186 -0.73 -50.81 13.72
N PRO B 187 -0.52 -52.04 14.27
CA PRO B 187 0.59 -52.82 13.75
C PRO B 187 0.24 -53.47 12.39
N PRO B 188 1.27 -53.69 11.55
CA PRO B 188 1.05 -54.29 10.24
C PRO B 188 0.84 -55.79 10.28
N SER B 189 -0.15 -56.26 9.52
CA SER B 189 -0.26 -57.66 9.14
C SER B 189 0.52 -57.84 7.82
N VAL B 190 0.93 -59.08 7.57
CA VAL B 190 1.79 -59.38 6.44
C VAL B 190 1.19 -60.52 5.60
N VAL B 191 1.37 -60.41 4.28
CA VAL B 191 1.03 -61.46 3.32
C VAL B 191 2.21 -61.59 2.38
N VAL B 192 2.66 -62.83 2.16
CA VAL B 192 3.74 -63.12 1.21
C VAL B 192 3.19 -64.02 0.09
N THR B 193 3.60 -63.73 -1.14
CA THR B 193 3.09 -64.41 -2.32
C THR B 193 4.25 -64.78 -3.22
N SER B 194 4.07 -65.82 -4.03
CA SER B 194 5.04 -66.17 -5.07
C SER B 194 4.34 -66.57 -6.34
N HIS B 195 5.02 -66.37 -7.47
CA HIS B 195 4.54 -66.98 -8.73
C HIS B 195 5.67 -67.25 -9.69
N GLN B 196 5.46 -68.25 -10.55
CA GLN B 196 6.47 -68.65 -11.52
C GLN B 196 5.89 -69.52 -12.62
N ALA B 197 6.45 -69.35 -13.83
CA ALA B 197 6.41 -70.38 -14.87
C ALA B 197 7.29 -71.55 -14.41
N PRO B 198 6.96 -72.80 -14.79
CA PRO B 198 7.38 -74.03 -14.07
C PRO B 198 8.85 -74.13 -13.57
N GLY B 199 9.81 -73.70 -14.39
CA GLY B 199 11.24 -73.69 -14.03
C GLY B 199 11.94 -72.40 -14.44
N GLU B 200 11.42 -71.26 -13.98
CA GLU B 200 11.88 -69.92 -14.36
C GLU B 200 11.84 -68.97 -13.15
N LYS B 201 12.31 -67.73 -13.34
CA LYS B 201 12.38 -66.71 -12.25
C LYS B 201 11.10 -66.64 -11.41
N LYS B 202 11.26 -66.90 -10.13
CA LYS B 202 10.18 -66.79 -9.16
C LYS B 202 10.08 -65.32 -8.74
N LYS B 203 8.85 -64.78 -8.71
CA LYS B 203 8.62 -63.44 -8.19
C LYS B 203 8.06 -63.54 -6.79
N LEU B 204 8.75 -62.97 -5.80
CA LEU B 204 8.27 -62.99 -4.42
C LEU B 204 7.77 -61.60 -4.06
N LYS B 205 6.56 -61.51 -3.53
CA LYS B 205 5.96 -60.25 -3.16
C LYS B 205 5.67 -60.27 -1.67
N CYS B 206 6.03 -59.18 -0.98
CA CYS B 206 5.65 -59.01 0.42
C CYS B 206 4.78 -57.79 0.53
N LEU B 207 3.67 -57.92 1.26
CA LEU B 207 2.71 -56.84 1.45
C LEU B 207 2.46 -56.63 2.93
N ALA B 208 2.75 -55.43 3.43
CA ALA B 208 2.31 -55.03 4.77
C ALA B 208 1.04 -54.19 4.60
N TYR B 209 0.08 -54.35 5.50
CA TYR B 209 -1.20 -53.66 5.42
C TYR B 209 -1.85 -53.49 6.77
N ASP B 210 -2.86 -52.62 6.81
CA ASP B 210 -3.63 -52.33 8.02
C ASP B 210 -2.79 -51.59 9.07
N PHE B 211 -1.79 -50.83 8.64
CA PHE B 211 -0.90 -50.15 9.57
C PHE B 211 -1.04 -48.64 9.62
N TYR B 212 -0.64 -48.08 10.77
CA TYR B 212 -0.57 -46.64 10.97
C TYR B 212 0.45 -46.44 12.09
N PRO B 213 1.38 -45.48 11.99
CA PRO B 213 1.45 -44.48 10.93
C PRO B 213 2.07 -44.99 9.64
N GLY B 214 2.12 -44.12 8.63
CA GLY B 214 2.53 -44.49 7.30
C GLY B 214 3.98 -44.82 7.09
N LYS B 215 4.86 -44.28 7.92
CA LYS B 215 6.28 -44.57 7.79
C LYS B 215 6.51 -46.06 8.07
N ILE B 216 7.24 -46.72 7.19
CA ILE B 216 7.45 -48.16 7.29
C ILE B 216 8.59 -48.54 6.39
N ASP B 217 9.25 -49.65 6.68
CA ASP B 217 10.28 -50.18 5.80
C ASP B 217 9.94 -51.67 5.59
N VAL B 218 9.59 -51.99 4.35
CA VAL B 218 9.26 -53.35 3.92
C VAL B 218 10.37 -53.72 2.95
N HIS B 219 11.02 -54.86 3.19
CA HIS B 219 12.07 -55.31 2.25
C HIS B 219 12.33 -56.79 2.39
N TRP B 220 12.84 -57.38 1.31
CA TRP B 220 13.27 -58.76 1.31
C TRP B 220 14.71 -58.82 1.75
N THR B 221 15.06 -59.82 2.56
CA THR B 221 16.48 -60.16 2.82
C THR B 221 16.74 -61.53 2.25
N ARG B 222 17.93 -61.70 1.68
CA ARG B 222 18.44 -62.99 1.24
C ARG B 222 19.53 -63.34 2.26
N ALA B 223 19.21 -64.27 3.17
CA ALA B 223 20.13 -64.68 4.22
C ALA B 223 20.64 -63.51 5.06
N GLY B 224 19.72 -62.58 5.37
CA GLY B 224 20.04 -61.40 6.14
C GLY B 224 20.36 -60.13 5.37
N GLU B 225 20.78 -60.26 4.11
CA GLU B 225 21.17 -59.13 3.26
C GLU B 225 20.00 -58.57 2.48
N VAL B 226 19.77 -57.25 2.64
CA VAL B 226 18.68 -56.53 2.00
C VAL B 226 18.80 -56.64 0.48
N GLN B 227 17.70 -56.93 -0.20
CA GLN B 227 17.71 -57.02 -1.68
C GLN B 227 16.94 -55.85 -2.28
N GLU B 228 17.36 -55.42 -3.46
CA GLU B 228 16.71 -54.31 -4.15
C GLU B 228 15.44 -54.82 -4.80
N PRO B 229 14.28 -54.23 -4.48
CA PRO B 229 13.05 -54.64 -5.20
C PRO B 229 13.07 -54.23 -6.65
N GLU B 230 12.47 -55.04 -7.52
CA GLU B 230 12.24 -54.64 -8.90
C GLU B 230 10.96 -53.82 -9.09
N LEU B 231 10.11 -53.81 -8.07
CA LEU B 231 8.79 -53.15 -8.14
C LEU B 231 8.34 -52.91 -6.69
N ARG B 232 7.76 -51.73 -6.43
CA ARG B 232 7.21 -51.42 -5.13
C ARG B 232 6.01 -50.50 -5.25
N GLY B 233 5.29 -50.35 -4.15
CA GLY B 233 4.07 -49.61 -4.17
C GLY B 233 3.45 -49.40 -2.81
N ASP B 234 2.53 -48.45 -2.72
CA ASP B 234 1.93 -48.01 -1.46
C ASP B 234 0.46 -47.75 -1.64
N VAL B 235 -0.29 -47.79 -0.54
CA VAL B 235 -1.73 -47.57 -0.55
C VAL B 235 -2.10 -46.76 0.69
N LEU B 236 -3.08 -45.88 0.57
CA LEU B 236 -3.67 -45.17 1.69
C LEU B 236 -5.18 -45.32 1.55
N HIS B 237 -5.81 -45.95 2.53
CA HIS B 237 -7.26 -45.96 2.65
C HIS B 237 -7.60 -44.75 3.51
N ASN B 238 -8.14 -43.71 2.86
CA ASN B 238 -8.44 -42.43 3.53
C ASN B 238 -9.53 -42.54 4.62
N GLY B 239 -10.50 -43.43 4.42
CA GLY B 239 -11.58 -43.68 5.38
C GLY B 239 -11.08 -44.10 6.76
N ASN B 240 -10.59 -45.33 6.88
CA ASN B 240 -10.08 -45.80 8.18
C ASN B 240 -8.65 -45.32 8.51
N GLY B 241 -7.99 -44.67 7.56
CA GLY B 241 -6.70 -44.04 7.80
C GLY B 241 -5.56 -45.03 7.94
N THR B 242 -5.66 -46.19 7.29
CA THR B 242 -4.59 -47.18 7.31
C THR B 242 -3.85 -47.18 5.99
N TYR B 243 -2.64 -47.73 6.03
CA TYR B 243 -1.75 -47.77 4.87
C TYR B 243 -1.44 -49.21 4.52
N GLN B 244 -0.89 -49.39 3.32
CA GLN B 244 -0.28 -50.64 2.90
C GLN B 244 0.97 -50.30 2.11
N SER B 245 1.91 -51.23 2.07
CA SER B 245 3.17 -51.05 1.34
C SER B 245 3.65 -52.43 0.92
N TRP B 246 4.10 -52.57 -0.33
CA TRP B 246 4.55 -53.85 -0.87
C TRP B 246 5.80 -53.74 -1.74
N VAL B 247 6.56 -54.84 -1.82
CA VAL B 247 7.75 -54.95 -2.65
C VAL B 247 7.82 -56.31 -3.35
N VAL B 248 8.45 -56.34 -4.52
CA VAL B 248 8.63 -57.56 -5.29
C VAL B 248 10.11 -57.75 -5.62
N VAL B 249 10.62 -58.97 -5.44
CA VAL B 249 11.94 -59.36 -5.94
C VAL B 249 11.85 -60.58 -6.83
N ALA B 250 12.77 -60.68 -7.77
CA ALA B 250 12.88 -61.81 -8.67
C ALA B 250 13.99 -62.69 -8.14
N VAL B 251 13.76 -63.99 -8.08
CA VAL B 251 14.68 -64.97 -7.49
C VAL B 251 15.03 -65.98 -8.61
N PRO B 252 16.31 -66.08 -8.99
CA PRO B 252 16.70 -67.10 -9.99
C PRO B 252 16.31 -68.53 -9.56
N PRO B 253 15.88 -69.39 -10.50
CA PRO B 253 15.48 -70.78 -10.15
C PRO B 253 16.61 -71.63 -9.51
N GLN B 254 17.87 -71.29 -9.81
CA GLN B 254 19.04 -71.89 -9.16
C GLN B 254 19.48 -71.25 -7.80
N ASP B 255 18.69 -70.31 -7.26
CA ASP B 255 19.02 -69.64 -5.98
C ASP B 255 18.32 -70.35 -4.84
N THR B 256 19.10 -70.92 -3.93
CA THR B 256 18.62 -71.73 -2.81
C THR B 256 18.77 -71.05 -1.45
N ALA B 257 19.32 -69.83 -1.42
CA ALA B 257 19.41 -69.09 -0.14
C ALA B 257 18.02 -68.82 0.48
N PRO B 258 17.94 -68.65 1.79
CA PRO B 258 16.66 -68.41 2.43
C PRO B 258 16.24 -66.94 2.39
N TYR B 259 15.03 -66.68 1.89
CA TYR B 259 14.48 -65.33 1.76
C TYR B 259 13.44 -65.09 2.84
N SER B 260 13.49 -63.91 3.45
CA SER B 260 12.51 -63.48 4.42
C SER B 260 12.04 -62.09 4.08
N CYS B 261 10.79 -61.79 4.40
CA CYS B 261 10.29 -60.42 4.34
C CYS B 261 10.49 -59.75 5.67
N HIS B 262 11.02 -58.54 5.67
CA HIS B 262 11.22 -57.78 6.90
C HIS B 262 10.29 -56.58 6.89
N VAL B 263 9.64 -56.33 8.02
CA VAL B 263 8.81 -55.15 8.18
C VAL B 263 9.17 -54.38 9.44
N GLN B 264 9.77 -53.19 9.25
CA GLN B 264 10.14 -52.30 10.37
C GLN B 264 9.09 -51.19 10.47
N HIS B 265 8.46 -51.09 11.64
CA HIS B 265 7.42 -50.14 11.91
C HIS B 265 7.42 -49.78 13.40
N SER B 266 7.00 -48.55 13.70
CA SER B 266 7.07 -47.97 15.04
C SER B 266 6.18 -48.67 16.07
N SER B 267 5.15 -49.38 15.60
CA SER B 267 4.23 -50.11 16.47
C SER B 267 4.79 -51.40 17.04
N LEU B 268 5.96 -51.82 16.53
CA LEU B 268 6.56 -53.11 16.85
C LEU B 268 7.77 -52.95 17.76
N ALA B 269 7.87 -53.85 18.74
CA ALA B 269 9.08 -54.01 19.55
C ALA B 269 10.31 -54.23 18.69
N GLN B 270 10.20 -55.15 17.74
CA GLN B 270 11.27 -55.38 16.75
C GLN B 270 10.68 -55.72 15.39
N PRO B 271 11.47 -55.60 14.34
CA PRO B 271 10.98 -55.96 13.01
C PRO B 271 10.32 -57.34 12.91
N LEU B 272 9.22 -57.43 12.16
CA LEU B 272 8.62 -58.72 11.79
C LEU B 272 9.49 -59.33 10.72
N VAL B 273 9.77 -60.60 10.84
CA VAL B 273 10.59 -61.34 9.90
C VAL B 273 9.73 -62.53 9.52
N VAL B 274 9.31 -62.59 8.26
CA VAL B 274 8.42 -63.64 7.77
C VAL B 274 9.19 -64.45 6.74
N PRO B 275 9.63 -65.67 7.11
CA PRO B 275 10.41 -66.47 6.16
C PRO B 275 9.57 -66.96 5.01
N TRP B 276 10.17 -67.10 3.82
CA TRP B 276 9.51 -67.75 2.71
C TRP B 276 10.20 -69.10 2.42
N GLU B 277 9.49 -70.20 2.62
CA GLU B 277 10.04 -71.56 2.42
C GLU B 277 9.56 -72.13 1.08
N ALA B 278 10.48 -72.24 0.10
CA ALA B 278 10.10 -72.65 -1.27
C ALA B 278 9.41 -74.03 -1.37
N ASP C 6 -15.09 -22.55 43.41
CA ASP C 6 -13.61 -22.31 43.16
C ASP C 6 -13.14 -20.88 43.53
N GLY C 7 -13.91 -19.89 43.09
CA GLY C 7 -13.59 -18.49 43.38
C GLY C 7 -13.15 -17.72 42.15
N ARG C 8 -12.95 -16.42 42.33
CA ARG C 8 -12.47 -15.53 41.28
C ARG C 8 -10.94 -15.58 41.19
N TYR C 9 -10.42 -15.71 39.96
CA TYR C 9 -8.98 -15.64 39.68
C TYR C 9 -8.79 -14.77 38.45
N SER C 10 -7.69 -14.03 38.41
CA SER C 10 -7.39 -13.19 37.24
C SER C 10 -5.93 -13.32 36.86
N LEU C 11 -5.66 -13.15 35.57
CA LEU C 11 -4.30 -13.08 35.03
C LEU C 11 -4.22 -11.73 34.32
N THR C 12 -3.30 -10.88 34.77
CA THR C 12 -3.14 -9.54 34.21
C THR C 12 -1.66 -9.21 33.96
N TYR C 13 -1.46 -8.32 33.00
CA TYR C 13 -0.12 -7.89 32.53
C TYR C 13 -0.07 -6.37 32.42
N ILE C 14 1.06 -5.78 32.80
CA ILE C 14 1.34 -4.35 32.58
C ILE C 14 2.64 -4.25 31.78
N TYR C 15 2.55 -3.67 30.57
CA TYR C 15 3.72 -3.35 29.73
C TYR C 15 3.89 -1.84 29.75
N THR C 16 5.09 -1.36 30.05
CA THR C 16 5.39 0.09 30.07
C THR C 16 6.66 0.40 29.28
N GLY C 17 6.60 1.47 28.48
CA GLY C 17 7.69 1.81 27.57
C GLY C 17 7.95 3.30 27.53
N LEU C 18 9.24 3.68 27.68
CA LEU C 18 9.64 5.10 27.72
C LEU C 18 10.38 5.48 26.43
N SER C 19 10.04 6.65 25.90
CA SER C 19 10.68 7.18 24.69
C SER C 19 12.09 7.75 24.95
N LYS C 20 12.36 8.10 26.19
CA LYS C 20 13.60 8.84 26.53
C LYS C 20 14.42 8.08 27.57
N HIS C 21 15.50 7.48 27.09
CA HIS C 21 16.55 6.83 27.90
C HIS C 21 16.87 7.54 29.23
N VAL C 22 16.78 6.79 30.31
CA VAL C 22 17.25 7.22 31.65
C VAL C 22 18.28 6.17 32.06
N GLU C 23 19.40 6.59 32.63
CA GLU C 23 20.59 5.71 32.80
C GLU C 23 20.43 4.29 33.39
N ASP C 24 19.88 4.06 34.58
CA ASP C 24 19.84 2.67 35.04
C ASP C 24 18.52 1.91 34.73
N VAL C 25 17.74 2.43 33.78
CA VAL C 25 16.30 2.15 33.73
C VAL C 25 15.99 1.57 32.36
N PRO C 26 15.56 0.29 32.31
CA PRO C 26 15.17 -0.26 31.02
C PRO C 26 14.01 0.49 30.40
N ALA C 27 14.14 0.79 29.11
CA ALA C 27 13.11 1.49 28.35
C ALA C 27 11.77 0.76 28.36
N PHE C 28 11.81 -0.57 28.30
CA PHE C 28 10.60 -1.40 28.26
C PHE C 28 10.61 -2.31 29.48
N GLN C 29 9.50 -2.30 30.22
CA GLN C 29 9.34 -3.14 31.41
C GLN C 29 8.00 -3.85 31.35
N ALA C 30 8.01 -5.14 31.66
CA ALA C 30 6.82 -5.99 31.65
C ALA C 30 6.66 -6.66 33.00
N LEU C 31 5.42 -6.71 33.48
CA LEU C 31 5.04 -7.30 34.75
C LEU C 31 3.78 -8.15 34.55
N GLY C 32 3.78 -9.38 35.06
CA GLY C 32 2.56 -10.22 35.04
C GLY C 32 2.11 -10.51 36.46
N SER C 33 0.79 -10.59 36.67
CA SER C 33 0.21 -10.87 37.99
C SER C 33 -0.87 -11.93 37.94
N LEU C 34 -0.94 -12.72 39.01
CA LEU C 34 -2.05 -13.64 39.26
C LEU C 34 -2.75 -13.10 40.49
N ASN C 35 -4.02 -12.73 40.33
CA ASN C 35 -4.70 -11.90 41.34
C ASN C 35 -3.79 -10.68 41.62
N ASP C 36 -3.39 -10.44 42.86
CA ASP C 36 -2.62 -9.23 43.22
C ASP C 36 -1.13 -9.53 43.40
N LEU C 37 -0.72 -10.76 43.08
CA LEU C 37 0.64 -11.21 43.27
C LEU C 37 1.39 -11.26 41.94
N GLN C 38 2.60 -10.75 41.95
CA GLN C 38 3.39 -10.63 40.74
C GLN C 38 4.18 -11.90 40.56
N PHE C 39 4.04 -12.54 39.40
CA PHE C 39 4.67 -13.85 39.16
C PHE C 39 5.81 -13.83 38.14
N PHE C 40 5.88 -12.83 37.27
CA PHE C 40 7.01 -12.74 36.32
C PHE C 40 7.30 -11.30 35.96
N ARG C 41 8.54 -11.05 35.53
CA ARG C 41 8.95 -9.75 35.00
C ARG C 41 9.87 -9.92 33.81
N TYR C 42 10.06 -8.84 33.06
CA TYR C 42 10.93 -8.82 31.88
C TYR C 42 11.27 -7.36 31.62
N ASN C 43 12.49 -7.09 31.16
CA ASN C 43 12.89 -5.75 30.77
C ASN C 43 13.80 -5.77 29.55
N SER C 44 13.96 -4.61 28.92
CA SER C 44 14.72 -4.50 27.68
C SER C 44 16.24 -4.65 27.82
N LYS C 45 16.80 -4.51 29.03
CA LYS C 45 18.24 -4.73 29.24
C LYS C 45 18.57 -6.21 29.25
N ASP C 46 17.95 -6.94 30.15
CA ASP C 46 18.24 -8.37 30.33
C ASP C 46 17.54 -9.25 29.28
N ARG C 47 16.41 -8.77 28.78
CA ARG C 47 15.62 -9.49 27.78
C ARG C 47 15.36 -10.95 28.17
N LYS C 48 14.99 -11.16 29.44
CA LYS C 48 14.69 -12.49 29.99
C LYS C 48 13.43 -12.48 30.87
N SER C 49 12.50 -13.40 30.59
CA SER C 49 11.32 -13.60 31.43
C SER C 49 11.69 -14.26 32.75
N GLN C 50 11.66 -13.50 33.84
CA GLN C 50 12.07 -13.98 35.17
C GLN C 50 10.88 -14.23 36.07
N PRO C 51 10.73 -15.44 36.62
CA PRO C 51 9.70 -15.61 37.66
C PRO C 51 10.03 -14.84 38.94
N MET C 52 9.01 -14.47 39.70
CA MET C 52 9.14 -13.65 40.92
C MET C 52 8.51 -14.31 42.14
N GLY C 53 8.93 -13.86 43.32
CA GLY C 53 8.36 -14.32 44.60
C GLY C 53 8.38 -15.82 44.73
N LEU C 54 7.26 -16.38 45.16
CA LEU C 54 7.13 -17.83 45.37
C LEU C 54 7.15 -18.66 44.07
N TRP C 55 6.92 -18.02 42.93
CA TRP C 55 7.03 -18.70 41.63
C TRP C 55 8.48 -18.97 41.19
N ARG C 56 9.46 -18.36 41.85
CA ARG C 56 10.88 -18.77 41.70
C ARG C 56 11.09 -20.25 42.10
N GLN C 57 10.28 -20.76 43.05
CA GLN C 57 10.40 -22.16 43.54
C GLN C 57 9.35 -23.12 42.96
N VAL C 58 8.51 -22.66 42.03
CA VAL C 58 7.58 -23.52 41.30
C VAL C 58 8.25 -23.95 39.99
N GLU C 59 8.14 -25.25 39.68
CA GLU C 59 8.71 -25.81 38.45
C GLU C 59 7.59 -26.35 37.54
N GLY C 60 7.77 -26.17 36.23
CA GLY C 60 6.85 -26.72 35.23
C GLY C 60 5.69 -25.83 34.82
N MET C 61 5.56 -24.66 35.45
CA MET C 61 4.41 -23.79 35.19
C MET C 61 4.54 -23.14 33.82
N GLU C 62 5.74 -22.66 33.51
CA GLU C 62 6.01 -22.05 32.21
C GLU C 62 7.46 -22.30 31.83
N ASP C 63 7.72 -22.41 30.53
CA ASP C 63 9.06 -22.45 29.99
C ASP C 63 9.54 -21.01 29.82
N TRP C 64 10.28 -20.53 30.82
CA TRP C 64 10.70 -19.13 30.86
C TRP C 64 11.64 -18.71 29.71
N LYS C 65 12.47 -19.65 29.26
CA LYS C 65 13.39 -19.41 28.13
C LYS C 65 12.60 -19.15 26.87
N GLN C 66 11.57 -19.97 26.64
CA GLN C 66 10.69 -19.81 25.50
C GLN C 66 9.87 -18.52 25.60
N ASP C 67 9.26 -18.28 26.77
CA ASP C 67 8.47 -17.09 26.96
C ASP C 67 9.28 -15.78 26.74
N SER C 68 10.57 -15.80 27.11
CA SER C 68 11.45 -14.66 26.78
C SER C 68 11.45 -14.27 25.30
N GLN C 69 11.28 -15.26 24.41
CA GLN C 69 11.22 -15.00 22.97
C GLN C 69 9.90 -14.33 22.59
N LEU C 70 8.81 -14.80 23.20
CA LEU C 70 7.52 -14.14 23.09
C LEU C 70 7.59 -12.67 23.54
N GLN C 71 8.25 -12.39 24.68
CA GLN C 71 8.32 -11.03 25.21
C GLN C 71 9.18 -10.08 24.36
N LYS C 72 10.27 -10.59 23.79
CA LYS C 72 11.08 -9.83 22.81
C LYS C 72 10.27 -9.37 21.62
N ALA C 73 9.45 -10.27 21.07
CA ALA C 73 8.61 -9.95 19.92
C ALA C 73 7.62 -8.84 20.29
N ARG C 74 6.92 -9.05 21.42
CA ARG C 74 5.99 -8.05 21.94
C ARG C 74 6.67 -6.71 22.24
N GLU C 75 7.88 -6.74 22.80
CA GLU C 75 8.65 -5.51 23.03
C GLU C 75 8.78 -4.68 21.76
N ASP C 76 9.17 -5.33 20.66
CA ASP C 76 9.46 -4.63 19.42
C ASP C 76 8.23 -3.94 18.84
N ILE C 77 7.12 -4.68 18.80
CA ILE C 77 5.88 -4.09 18.32
C ILE C 77 5.36 -2.97 19.25
N PHE C 78 5.46 -3.18 20.54
CA PHE C 78 5.06 -2.19 21.55
C PHE C 78 5.87 -0.89 21.40
N MET C 79 7.20 -1.00 21.40
CA MET C 79 8.06 0.17 21.27
C MET C 79 7.91 0.89 19.91
N GLU C 80 7.60 0.13 18.87
CA GLU C 80 7.30 0.73 17.58
C GLU C 80 6.03 1.59 17.62
N THR C 81 5.00 1.08 18.28
CA THR C 81 3.78 1.85 18.53
C THR C 81 4.08 3.16 19.29
N LEU C 82 4.91 3.10 20.31
CA LEU C 82 5.30 4.30 21.07
C LEU C 82 5.94 5.34 20.15
N LYS C 83 6.95 4.86 19.41
CA LYS C 83 7.66 5.66 18.41
C LYS C 83 6.69 6.38 17.43
N ASP C 84 5.66 5.65 16.98
CA ASP C 84 4.64 6.22 16.08
C ASP C 84 3.84 7.33 16.75
N ILE C 85 3.46 7.13 18.01
CA ILE C 85 2.68 8.14 18.74
C ILE C 85 3.51 9.41 18.94
N VAL C 86 4.78 9.23 19.31
CA VAL C 86 5.70 10.38 19.49
C VAL C 86 5.91 11.12 18.17
N GLU C 87 6.02 10.38 17.08
CA GLU C 87 6.15 10.98 15.73
C GLU C 87 4.87 11.72 15.32
N TYR C 88 3.70 11.18 15.65
CA TYR C 88 2.42 11.88 15.41
C TYR C 88 2.41 13.28 16.02
N TYR C 89 2.87 13.40 17.27
CA TYR C 89 2.86 14.67 17.97
C TYR C 89 4.14 15.51 17.76
N ASN C 90 5.11 14.96 17.03
CA ASN C 90 6.45 15.54 16.85
C ASN C 90 7.07 16.11 18.14
N ASP C 91 6.96 15.35 19.23
CA ASP C 91 7.67 15.65 20.48
C ASP C 91 8.78 14.61 20.68
N SER C 92 9.59 14.41 19.64
CA SER C 92 10.61 13.36 19.62
C SER C 92 11.84 13.65 20.52
N ASN C 93 11.91 14.85 21.13
CA ASN C 93 12.93 15.18 22.14
C ASN C 93 12.46 15.23 23.61
N GLY C 94 11.15 15.17 23.86
CA GLY C 94 10.61 15.11 25.23
C GLY C 94 10.46 13.67 25.71
N SER C 95 10.16 13.52 27.00
CA SER C 95 9.89 12.20 27.60
C SER C 95 8.42 11.81 27.43
N HIS C 96 8.16 10.61 26.91
CA HIS C 96 6.80 10.10 26.81
C HIS C 96 6.75 8.63 27.17
N VAL C 97 5.56 8.20 27.60
CA VAL C 97 5.36 6.85 28.13
C VAL C 97 4.10 6.26 27.52
N LEU C 98 4.18 4.98 27.15
CA LEU C 98 3.01 4.23 26.70
C LEU C 98 2.89 3.08 27.67
N GLN C 99 1.67 2.81 28.13
CA GLN C 99 1.40 1.65 28.96
C GLN C 99 0.27 0.86 28.40
N GLY C 100 0.43 -0.44 28.34
CA GLY C 100 -0.59 -1.39 27.88
C GLY C 100 -0.93 -2.30 29.05
N ARG C 101 -2.22 -2.55 29.27
CA ARG C 101 -2.69 -3.47 30.28
C ARG C 101 -3.66 -4.45 29.64
N PHE C 102 -3.50 -5.72 29.92
CA PHE C 102 -4.41 -6.73 29.41
C PHE C 102 -4.48 -7.95 30.29
N GLY C 103 -5.56 -8.70 30.13
CA GLY C 103 -5.77 -9.88 30.92
C GLY C 103 -7.17 -10.43 30.83
N CYS C 104 -7.42 -11.45 31.65
CA CYS C 104 -8.72 -12.12 31.70
C CYS C 104 -9.02 -12.58 33.13
N GLU C 105 -10.24 -13.05 33.32
CA GLU C 105 -10.72 -13.48 34.63
C GLU C 105 -11.55 -14.76 34.49
N ILE C 106 -11.54 -15.59 35.53
CA ILE C 106 -12.48 -16.70 35.66
C ILE C 106 -13.10 -16.69 37.06
N GLU C 107 -14.39 -17.01 37.13
CA GLU C 107 -15.07 -17.29 38.40
C GLU C 107 -15.87 -18.59 38.28
N ASN C 108 -15.70 -19.47 39.27
CA ASN C 108 -16.26 -20.84 39.26
C ASN C 108 -15.82 -21.61 38.00
N ASN C 109 -14.56 -21.37 37.61
CA ASN C 109 -13.94 -21.94 36.40
C ASN C 109 -14.60 -21.55 35.05
N ARG C 110 -15.44 -20.51 35.03
CA ARG C 110 -16.05 -19.99 33.79
C ARG C 110 -15.55 -18.56 33.55
N SER C 111 -15.11 -18.26 32.32
CA SER C 111 -14.61 -16.92 31.97
C SER C 111 -15.61 -15.82 32.30
N SER C 112 -15.14 -14.81 33.05
CA SER C 112 -16.00 -13.75 33.60
C SER C 112 -15.53 -12.35 33.22
N GLY C 113 -14.63 -12.23 32.24
CA GLY C 113 -14.18 -10.92 31.77
C GLY C 113 -12.82 -11.00 31.09
N ALA C 114 -12.57 -10.03 30.21
CA ALA C 114 -11.26 -9.76 29.69
C ALA C 114 -11.16 -8.30 29.24
N PHE C 115 -9.93 -7.82 29.11
CA PHE C 115 -9.69 -6.41 28.76
C PHE C 115 -8.34 -6.25 28.14
N TRP C 116 -8.18 -5.17 27.39
CA TRP C 116 -6.95 -4.85 26.71
C TRP C 116 -7.01 -3.37 26.40
N LYS C 117 -6.16 -2.60 27.06
CA LYS C 117 -6.22 -1.14 27.04
C LYS C 117 -4.84 -0.51 27.06
N TYR C 118 -4.72 0.68 26.46
CA TYR C 118 -3.45 1.42 26.39
C TYR C 118 -3.65 2.84 26.89
N TYR C 119 -2.61 3.37 27.52
CA TYR C 119 -2.57 4.74 28.01
C TYR C 119 -1.32 5.39 27.46
N TYR C 120 -1.43 6.63 27.01
CA TYR C 120 -0.29 7.39 26.53
C TYR C 120 -0.16 8.60 27.40
N ASP C 121 1.05 8.81 27.96
CA ASP C 121 1.29 9.86 28.97
C ASP C 121 0.21 9.93 30.06
N GLY C 122 -0.23 8.76 30.51
CA GLY C 122 -1.19 8.64 31.57
C GLY C 122 -2.65 8.80 31.20
N LYS C 123 -2.96 9.11 29.95
CA LYS C 123 -4.35 9.33 29.50
C LYS C 123 -4.80 8.17 28.60
N ASP C 124 -6.10 7.92 28.58
CA ASP C 124 -6.67 6.85 27.75
C ASP C 124 -6.27 7.03 26.30
N TYR C 125 -5.77 5.96 25.67
CA TYR C 125 -5.32 6.04 24.28
C TYR C 125 -6.19 5.22 23.35
N ILE C 126 -6.26 3.92 23.59
CA ILE C 126 -7.06 3.00 22.77
C ILE C 126 -7.40 1.78 23.62
N GLU C 127 -8.54 1.16 23.38
CA GLU C 127 -8.87 -0.12 24.00
C GLU C 127 -9.56 -1.04 23.01
N PHE C 128 -9.40 -2.34 23.21
CA PHE C 128 -10.03 -3.36 22.39
C PHE C 128 -11.39 -3.69 22.94
N ASN C 129 -12.42 -3.57 22.11
CA ASN C 129 -13.76 -4.06 22.40
C ASN C 129 -13.89 -5.38 21.61
N LYS C 130 -13.86 -6.47 22.36
CA LYS C 130 -13.83 -7.80 21.80
C LYS C 130 -15.13 -8.30 21.23
N GLU C 131 -16.24 -7.64 21.55
CA GLU C 131 -17.56 -8.02 21.05
C GLU C 131 -17.81 -7.56 19.62
N ILE C 132 -17.07 -6.55 19.15
CA ILE C 132 -17.24 -6.08 17.77
C ILE C 132 -16.71 -7.10 16.73
N PRO C 133 -15.43 -7.49 16.73
CA PRO C 133 -14.36 -6.94 17.56
C PRO C 133 -13.61 -5.80 16.88
N ALA C 134 -13.13 -4.83 17.66
CA ALA C 134 -12.42 -3.67 17.14
C ALA C 134 -11.84 -2.78 18.23
N TRP C 135 -10.84 -2.00 17.82
CA TRP C 135 -10.11 -1.09 18.68
C TRP C 135 -10.86 0.23 18.73
N VAL C 136 -11.12 0.70 19.94
CA VAL C 136 -11.85 1.94 20.21
C VAL C 136 -10.87 3.05 20.63
N PRO C 137 -10.70 4.10 19.81
CA PRO C 137 -9.76 5.18 20.13
C PRO C 137 -10.32 6.25 21.06
N PHE C 138 -9.47 6.78 21.92
CA PHE C 138 -9.82 7.90 22.82
C PHE C 138 -9.04 9.19 22.53
N ASP C 139 -8.20 9.16 21.51
CA ASP C 139 -7.18 10.20 21.26
C ASP C 139 -6.96 10.23 19.74
N PRO C 140 -6.92 11.43 19.12
CA PRO C 140 -6.71 11.57 17.67
C PRO C 140 -5.64 10.63 17.07
N ALA C 141 -4.51 10.48 17.76
CA ALA C 141 -3.41 9.64 17.27
C ALA C 141 -3.70 8.17 17.27
N ALA C 142 -4.62 7.74 18.15
CA ALA C 142 -5.08 6.35 18.17
C ALA C 142 -5.86 5.94 16.90
N GLN C 143 -6.33 6.92 16.12
CA GLN C 143 -6.92 6.64 14.78
C GLN C 143 -5.88 5.99 13.89
N ILE C 144 -4.64 6.46 13.94
CA ILE C 144 -3.54 5.88 13.16
C ILE C 144 -3.19 4.49 13.67
N THR C 145 -3.12 4.33 15.00
CA THR C 145 -2.84 3.02 15.61
C THR C 145 -3.96 2.04 15.30
N LYS C 146 -5.21 2.49 15.43
CA LYS C 146 -6.38 1.68 15.07
C LYS C 146 -6.28 1.14 13.65
N GLN C 147 -5.83 1.97 12.71
CA GLN C 147 -5.77 1.58 11.33
C GLN C 147 -4.63 0.59 11.05
N LYS C 148 -3.49 0.73 11.71
CA LYS C 148 -2.44 -0.29 11.60
C LYS C 148 -2.84 -1.62 12.20
N TRP C 149 -3.52 -1.58 13.34
CA TRP C 149 -3.94 -2.79 14.05
C TRP C 149 -5.21 -3.43 13.48
N GLU C 150 -5.90 -2.73 12.56
CA GLU C 150 -7.02 -3.27 11.78
C GLU C 150 -6.79 -3.18 10.28
N ALA C 151 -5.52 -3.20 9.84
CA ALA C 151 -5.18 -3.12 8.41
C ALA C 151 -5.58 -4.37 7.63
N GLU C 152 -5.52 -5.54 8.30
CA GLU C 152 -6.00 -6.80 7.77
C GLU C 152 -7.09 -7.30 8.71
N PRO C 153 -8.21 -7.84 8.16
CA PRO C 153 -9.33 -8.29 8.98
C PRO C 153 -9.05 -9.45 9.96
N VAL C 154 -7.94 -10.14 9.76
CA VAL C 154 -7.47 -11.19 10.67
C VAL C 154 -6.91 -10.68 12.02
N TYR C 155 -6.42 -9.42 12.04
CA TYR C 155 -5.78 -8.88 13.23
C TYR C 155 -6.75 -8.83 14.46
N VAL C 156 -7.92 -8.21 14.20
CA VAL C 156 -8.95 -8.13 15.23
C VAL C 156 -9.41 -9.52 15.71
N GLN C 157 -9.53 -10.46 14.80
CA GLN C 157 -9.96 -11.83 15.17
C GLN C 157 -8.91 -12.55 16.03
N ARG C 158 -7.65 -12.35 15.70
CA ARG C 158 -6.56 -12.84 16.56
C ARG C 158 -6.54 -12.21 17.96
N ALA C 159 -6.77 -10.90 18.00
CA ALA C 159 -6.82 -10.16 19.27
C ALA C 159 -7.97 -10.71 20.16
N LYS C 160 -9.16 -10.86 19.57
CA LYS C 160 -10.32 -11.46 20.26
C LYS C 160 -10.00 -12.87 20.76
N ALA C 161 -9.34 -13.67 19.91
CA ALA C 161 -9.01 -15.04 20.28
C ALA C 161 -7.99 -15.13 21.41
N TYR C 162 -7.05 -14.17 21.49
CA TYR C 162 -6.11 -14.18 22.60
C TYR C 162 -6.88 -13.96 23.93
N LEU C 163 -7.70 -12.90 23.96
CA LEU C 163 -8.50 -12.59 25.16
C LEU C 163 -9.49 -13.66 25.57
N GLU C 164 -10.19 -14.25 24.59
CA GLU C 164 -11.25 -15.25 24.86
C GLU C 164 -10.81 -16.69 24.93
N GLU C 165 -9.64 -17.04 24.40
CA GLU C 165 -9.19 -18.44 24.39
C GLU C 165 -7.81 -18.63 25.04
N GLU C 166 -6.82 -17.87 24.60
CA GLU C 166 -5.45 -18.12 25.05
C GLU C 166 -5.21 -17.66 26.49
N CYS C 167 -5.69 -16.47 26.80
CA CYS C 167 -5.52 -15.93 28.14
C CYS C 167 -6.18 -16.83 29.20
N PRO C 168 -7.46 -17.20 29.01
CA PRO C 168 -8.08 -18.15 29.98
C PRO C 168 -7.38 -19.51 30.08
N ALA C 169 -6.81 -19.99 28.97
CA ALA C 169 -6.11 -21.27 28.97
C ALA C 169 -4.81 -21.19 29.76
N THR C 170 -4.07 -20.10 29.57
CA THR C 170 -2.87 -19.85 30.37
C THR C 170 -3.21 -19.71 31.86
N LEU C 171 -4.25 -18.93 32.17
CA LEU C 171 -4.72 -18.79 33.56
C LEU C 171 -5.03 -20.15 34.19
N ARG C 172 -5.88 -20.95 33.54
CA ARG C 172 -6.17 -22.33 34.02
C ARG C 172 -4.91 -23.20 34.19
N LYS C 173 -3.97 -23.10 33.25
CA LYS C 173 -2.70 -23.81 33.40
C LYS C 173 -1.97 -23.34 34.67
N TYR C 174 -1.80 -22.03 34.80
CA TYR C 174 -1.11 -21.46 35.97
C TYR C 174 -1.77 -21.79 37.33
N LEU C 175 -3.11 -21.92 37.36
CA LEU C 175 -3.81 -22.32 38.58
C LEU C 175 -3.46 -23.69 39.11
N LYS C 176 -3.23 -24.65 38.20
CA LYS C 176 -2.84 -26.00 38.61
C LYS C 176 -1.48 -26.03 39.33
N TYR C 177 -0.67 -25.00 39.10
CA TYR C 177 0.62 -24.82 39.75
C TYR C 177 0.63 -23.81 40.91
N SER C 178 -0.36 -22.90 40.95
CA SER C 178 -0.36 -21.74 41.86
C SER C 178 -1.46 -21.73 42.94
N LYS C 179 -2.30 -22.76 42.97
CA LYS C 179 -3.48 -22.81 43.86
C LYS C 179 -3.17 -22.54 45.36
N ASN C 180 -2.12 -23.17 45.88
CA ASN C 180 -1.75 -22.97 47.29
C ASN C 180 -1.30 -21.55 47.60
N ILE C 181 -0.49 -20.99 46.70
CA ILE C 181 -0.03 -19.60 46.82
C ILE C 181 -1.23 -18.63 46.79
N LEU C 182 -2.15 -18.84 45.84
CA LEU C 182 -3.22 -17.90 45.61
C LEU C 182 -4.41 -18.02 46.57
N ASP C 183 -4.56 -19.18 47.22
CA ASP C 183 -5.65 -19.42 48.14
C ASP C 183 -5.38 -19.10 49.63
N ARG C 184 -4.20 -18.55 49.90
CA ARG C 184 -3.84 -18.08 51.24
C ARG C 184 -5.00 -17.27 51.90
N GLN C 185 -5.33 -17.63 53.13
CA GLN C 185 -6.34 -16.95 53.94
C GLN C 185 -5.68 -16.59 55.26
N ASP C 186 -5.39 -15.30 55.48
CA ASP C 186 -4.84 -14.80 56.75
C ASP C 186 -5.91 -13.96 57.42
N PRO C 187 -6.34 -14.36 58.62
CA PRO C 187 -7.47 -13.63 59.22
C PRO C 187 -7.07 -12.28 59.82
N PRO C 188 -7.98 -11.30 59.82
CA PRO C 188 -7.68 -9.98 60.36
C PRO C 188 -7.69 -9.91 61.88
N SER C 189 -6.70 -9.23 62.43
CA SER C 189 -6.74 -8.72 63.80
C SER C 189 -7.35 -7.32 63.77
N VAL C 190 -7.92 -6.89 64.89
CA VAL C 190 -8.66 -5.63 64.97
C VAL C 190 -8.18 -4.77 66.12
N VAL C 191 -8.16 -3.45 65.88
CA VAL C 191 -7.86 -2.43 66.90
C VAL C 191 -8.90 -1.35 66.76
N VAL C 192 -9.48 -0.92 67.87
CA VAL C 192 -10.42 0.22 67.91
C VAL C 192 -9.84 1.34 68.79
N THR C 193 -10.01 2.57 68.34
CA THR C 193 -9.43 3.75 69.00
C THR C 193 -10.49 4.83 69.10
N SER C 194 -10.35 5.74 70.07
CA SER C 194 -11.21 6.92 70.15
C SER C 194 -10.40 8.14 70.55
N HIS C 195 -10.85 9.32 70.14
CA HIS C 195 -10.29 10.55 70.70
C HIS C 195 -11.28 11.70 70.69
N GLN C 196 -11.08 12.63 71.61
CA GLN C 196 -11.95 13.81 71.69
C GLN C 196 -11.34 14.94 72.48
N ALA C 197 -11.63 16.16 72.04
CA ALA C 197 -11.56 17.36 72.87
C ALA C 197 -12.68 17.25 73.93
N PRO C 198 -12.46 17.81 75.14
CA PRO C 198 -13.16 17.39 76.39
C PRO C 198 -14.68 17.13 76.33
N GLY C 199 -15.43 18.00 75.63
CA GLY C 199 -16.89 17.83 75.45
C GLY C 199 -17.34 18.11 74.02
N GLU C 200 -16.76 17.40 73.07
CA GLU C 200 -16.95 17.62 71.61
C GLU C 200 -17.01 16.26 70.87
N LYS C 201 -17.30 16.30 69.58
CA LYS C 201 -17.34 15.11 68.70
C LYS C 201 -16.22 14.10 68.98
N LYS C 202 -16.60 12.90 69.36
CA LYS C 202 -15.71 11.79 69.55
C LYS C 202 -15.45 11.15 68.18
N LYS C 203 -14.19 10.87 67.85
CA LYS C 203 -13.84 10.18 66.62
C LYS C 203 -13.52 8.73 66.96
N LEU C 204 -14.28 7.78 66.42
CA LEU C 204 -13.98 6.35 66.60
C LEU C 204 -13.35 5.79 65.34
N LYS C 205 -12.23 5.10 65.50
CA LYS C 205 -11.51 4.53 64.37
C LYS C 205 -11.44 3.03 64.56
N CYS C 206 -11.75 2.27 63.50
CA CYS C 206 -11.57 0.83 63.51
C CYS C 206 -10.55 0.46 62.46
N LEU C 207 -9.58 -0.39 62.82
CA LEU C 207 -8.52 -0.82 61.93
C LEU C 207 -8.46 -2.34 61.89
N ALA C 208 -8.61 -2.92 60.70
CA ALA C 208 -8.30 -4.34 60.49
C ALA C 208 -6.92 -4.41 59.85
N TYR C 209 -6.12 -5.40 60.24
CA TYR C 209 -4.76 -5.54 59.74
C TYR C 209 -4.27 -6.98 59.77
N ASP C 210 -3.17 -7.21 59.07
CA ASP C 210 -2.53 -8.53 58.98
C ASP C 210 -3.39 -9.53 58.19
N PHE C 211 -4.20 -9.05 57.25
CA PHE C 211 -5.09 -9.93 56.53
C PHE C 211 -4.76 -10.14 55.04
N TYR C 212 -5.21 -11.26 54.51
CA TYR C 212 -5.10 -11.59 53.10
C TYR C 212 -6.23 -12.59 52.81
N PRO C 213 -6.99 -12.45 51.73
CA PRO C 213 -6.78 -11.50 50.65
C PRO C 213 -7.30 -10.10 50.99
N GLY C 214 -7.09 -9.18 50.05
CA GLY C 214 -7.37 -7.78 50.24
C GLY C 214 -8.82 -7.37 50.34
N LYS C 215 -9.71 -8.15 49.74
CA LYS C 215 -11.13 -7.82 49.81
C LYS C 215 -11.61 -7.94 51.27
N ILE C 216 -12.31 -6.92 51.73
CA ILE C 216 -12.71 -6.84 53.13
C ILE C 216 -13.77 -5.78 53.26
N ASP C 217 -14.61 -5.87 54.28
CA ASP C 217 -15.56 -4.81 54.58
C ASP C 217 -15.41 -4.49 56.06
N VAL C 218 -14.93 -3.28 56.32
CA VAL C 218 -14.75 -2.74 57.69
C VAL C 218 -15.76 -1.60 57.78
N HIS C 219 -16.60 -1.61 58.80
CA HIS C 219 -17.54 -0.50 59.00
C HIS C 219 -18.06 -0.44 60.42
N TRP C 220 -18.44 0.77 60.83
CA TRP C 220 -19.09 0.98 62.12
C TRP C 220 -20.58 0.79 61.96
N THR C 221 -21.21 0.15 62.96
CA THR C 221 -22.66 0.15 63.09
C THR C 221 -23.03 0.90 64.35
N ARG C 222 -24.12 1.65 64.29
CA ARG C 222 -24.76 2.29 65.45
C ARG C 222 -26.03 1.47 65.69
N ALA C 223 -26.01 0.62 66.71
CA ALA C 223 -27.13 -0.25 67.05
C ALA C 223 -27.60 -1.09 65.85
N GLY C 224 -26.62 -1.62 65.11
CA GLY C 224 -26.89 -2.44 63.95
C GLY C 224 -26.88 -1.75 62.59
N GLU C 225 -27.09 -0.42 62.59
CA GLU C 225 -27.17 0.37 61.36
C GLU C 225 -25.80 0.90 60.93
N VAL C 226 -25.43 0.58 59.68
CA VAL C 226 -24.15 0.97 59.09
C VAL C 226 -24.03 2.49 59.09
N GLN C 227 -22.87 3.02 59.49
CA GLN C 227 -22.66 4.48 59.49
C GLN C 227 -21.68 4.85 58.39
N GLU C 228 -21.88 6.04 57.82
CA GLU C 228 -21.01 6.53 56.76
C GLU C 228 -19.72 7.06 57.39
N PRO C 229 -18.56 6.52 56.98
CA PRO C 229 -17.31 7.06 57.56
C PRO C 229 -17.02 8.47 57.08
N GLU C 230 -16.41 9.28 57.93
CA GLU C 230 -15.90 10.59 57.48
C GLU C 230 -14.49 10.50 56.88
N LEU C 231 -13.83 9.36 57.07
CA LEU C 231 -12.47 9.14 56.62
C LEU C 231 -12.23 7.63 56.56
N ARG C 232 -11.56 7.16 55.50
CA ARG C 232 -11.17 5.76 55.40
C ARG C 232 -9.85 5.61 54.67
N GLY C 233 -9.29 4.41 54.72
CA GLY C 233 -7.98 4.20 54.17
C GLY C 233 -7.59 2.75 54.17
N ASP C 234 -6.57 2.45 53.37
CA ASP C 234 -6.09 1.08 53.15
C ASP C 234 -4.57 1.08 53.14
N VAL C 235 -3.98 -0.08 53.39
CA VAL C 235 -2.54 -0.28 53.40
C VAL C 235 -2.25 -1.63 52.74
N LEU C 236 -1.14 -1.70 51.99
CA LEU C 236 -0.62 -2.93 51.46
C LEU C 236 0.87 -2.97 51.82
N HIS C 237 1.26 -3.96 52.63
CA HIS C 237 2.66 -4.24 52.86
C HIS C 237 3.05 -5.24 51.78
N ASN C 238 3.81 -4.76 50.79
CA ASN C 238 4.22 -5.56 49.63
C ASN C 238 5.12 -6.74 49.97
N GLY C 239 5.98 -6.58 50.99
CA GLY C 239 6.86 -7.64 51.47
C GLY C 239 6.14 -8.90 51.90
N ASN C 240 5.46 -8.86 53.05
CA ASN C 240 4.73 -10.03 53.53
C ASN C 240 3.34 -10.25 52.85
N GLY C 241 2.92 -9.29 52.05
CA GLY C 241 1.72 -9.42 51.24
C GLY C 241 0.44 -9.34 52.05
N THR C 242 0.44 -8.62 53.17
CA THR C 242 -0.76 -8.42 53.98
C THR C 242 -1.30 -7.03 53.77
N TYR C 243 -2.58 -6.87 54.13
CA TYR C 243 -3.30 -5.62 53.97
C TYR C 243 -3.75 -5.11 55.32
N GLN C 244 -4.15 -3.84 55.33
CA GLN C 244 -4.87 -3.22 56.44
C GLN C 244 -5.95 -2.32 55.85
N SER C 245 -7.01 -2.08 56.61
CA SER C 245 -8.11 -1.23 56.18
C SER C 245 -8.74 -0.62 57.42
N TRP C 246 -9.03 0.69 57.39
CA TRP C 246 -9.58 1.40 58.52
C TRP C 246 -10.63 2.42 58.14
N VAL C 247 -11.53 2.72 59.10
CA VAL C 247 -12.58 3.74 58.94
C VAL C 247 -12.73 4.57 60.22
N VAL C 248 -13.16 5.82 60.06
CA VAL C 248 -13.40 6.71 61.17
C VAL C 248 -14.83 7.27 61.08
N VAL C 249 -15.55 7.27 62.20
CA VAL C 249 -16.83 7.97 62.31
C VAL C 249 -16.78 8.97 63.45
N ALA C 250 -17.55 10.04 63.31
CA ALA C 250 -17.69 11.06 64.31
C ALA C 250 -18.99 10.82 65.04
N VAL C 251 -18.95 10.88 66.36
CA VAL C 251 -20.09 10.54 67.22
C VAL C 251 -20.40 11.79 68.04
N PRO C 252 -21.62 12.36 67.90
CA PRO C 252 -21.99 13.51 68.75
C PRO C 252 -21.88 13.21 70.25
N PRO C 253 -21.42 14.20 71.06
CA PRO C 253 -21.26 13.96 72.53
C PRO C 253 -22.58 13.58 73.26
N GLN C 254 -23.72 14.00 72.72
CA GLN C 254 -25.05 13.58 73.19
C GLN C 254 -25.58 12.23 72.65
N ASP C 255 -24.79 11.48 71.87
CA ASP C 255 -25.22 10.21 71.27
C ASP C 255 -24.79 9.05 72.16
N THR C 256 -25.79 8.33 72.67
CA THR C 256 -25.58 7.25 73.66
C THR C 256 -25.82 5.85 73.07
N ALA C 257 -26.17 5.75 71.78
CA ALA C 257 -26.35 4.44 71.16
C ALA C 257 -25.08 3.59 71.18
N PRO C 258 -25.21 2.26 71.13
CA PRO C 258 -24.03 1.41 71.15
C PRO C 258 -23.40 1.21 69.77
N TYR C 259 -22.12 1.50 69.65
CA TYR C 259 -21.35 1.40 68.42
C TYR C 259 -20.48 0.16 68.44
N SER C 260 -20.42 -0.55 67.31
CA SER C 260 -19.54 -1.68 67.13
C SER C 260 -18.82 -1.54 65.81
N CYS C 261 -17.60 -2.07 65.75
CA CYS C 261 -16.91 -2.21 64.48
C CYS C 261 -17.19 -3.60 63.91
N HIS C 262 -17.53 -3.66 62.63
CA HIS C 262 -17.77 -4.94 61.96
C HIS C 262 -16.68 -5.17 60.93
N VAL C 263 -16.15 -6.39 60.89
CA VAL C 263 -15.17 -6.78 59.89
C VAL C 263 -15.59 -8.07 59.17
N GLN C 264 -15.98 -7.95 57.90
CA GLN C 264 -16.34 -9.11 57.05
C GLN C 264 -15.17 -9.46 56.14
N HIS C 265 -14.71 -10.69 56.24
CA HIS C 265 -13.56 -11.19 55.46
C HIS C 265 -13.72 -12.70 55.21
N SER C 266 -13.18 -13.15 54.09
CA SER C 266 -13.35 -14.53 53.61
C SER C 266 -12.72 -15.60 54.51
N SER C 267 -11.74 -15.20 55.31
CA SER C 267 -11.07 -16.10 56.24
C SER C 267 -11.88 -16.44 57.50
N LEU C 268 -13.01 -15.76 57.69
CA LEU C 268 -13.80 -15.84 58.92
C LEU C 268 -15.09 -16.61 58.71
N ALA C 269 -15.44 -17.45 59.71
CA ALA C 269 -16.73 -18.11 59.79
C ALA C 269 -17.89 -17.12 59.70
N GLN C 270 -17.80 -16.06 60.51
CA GLN C 270 -18.76 -14.96 60.43
C GLN C 270 -18.06 -13.64 60.73
N PRO C 271 -18.68 -12.52 60.38
CA PRO C 271 -18.08 -11.22 60.70
C PRO C 271 -17.65 -11.04 62.16
N LEU C 272 -16.49 -10.44 62.37
CA LEU C 272 -16.06 -10.01 63.71
C LEU C 272 -16.85 -8.78 64.06
N VAL C 273 -17.37 -8.73 65.29
CA VAL C 273 -18.13 -7.62 65.79
C VAL C 273 -17.45 -7.21 67.07
N VAL C 274 -16.85 -6.02 67.09
CA VAL C 274 -16.06 -5.54 68.23
C VAL C 274 -16.80 -4.33 68.80
N PRO C 275 -17.46 -4.50 69.96
CA PRO C 275 -18.20 -3.38 70.55
C PRO C 275 -17.27 -2.29 71.06
N TRP C 276 -17.71 -1.04 71.00
CA TRP C 276 -16.99 0.04 71.67
C TRP C 276 -17.80 0.54 72.86
N GLU C 277 -17.29 0.21 74.05
CA GLU C 277 -17.78 0.41 75.40
C GLU C 277 -19.28 0.41 75.70
N ASP D 6 -24.55 6.07 -33.83
CA ASP D 6 -24.62 4.79 -33.12
C ASP D 6 -23.94 3.59 -33.83
N GLY D 7 -22.81 3.82 -34.50
CA GLY D 7 -21.91 2.73 -34.89
C GLY D 7 -20.63 2.70 -34.05
N ARG D 8 -19.66 1.91 -34.48
CA ARG D 8 -18.34 1.89 -33.88
C ARG D 8 -17.45 3.02 -34.45
N TYR D 9 -16.78 3.75 -33.56
CA TYR D 9 -15.79 4.76 -33.93
C TYR D 9 -14.56 4.58 -33.05
N SER D 10 -13.37 4.85 -33.60
CA SER D 10 -12.14 4.78 -32.81
C SER D 10 -11.28 5.98 -33.07
N LEU D 11 -10.48 6.35 -32.06
CA LEU D 11 -9.45 7.39 -32.16
C LEU D 11 -8.15 6.74 -31.76
N THR D 12 -7.19 6.69 -32.66
CA THR D 12 -5.92 6.03 -32.40
C THR D 12 -4.73 6.87 -32.88
N TYR D 13 -3.58 6.63 -32.25
CA TYR D 13 -2.34 7.39 -32.47
C TYR D 13 -1.16 6.45 -32.57
N ILE D 14 -0.23 6.76 -33.47
CA ILE D 14 1.05 6.04 -33.60
C ILE D 14 2.17 7.06 -33.46
N TYR D 15 3.01 6.90 -32.43
CA TYR D 15 4.24 7.70 -32.24
C TYR D 15 5.42 6.78 -32.52
N THR D 16 6.34 7.20 -33.40
CA THR D 16 7.55 6.42 -33.72
C THR D 16 8.80 7.28 -33.64
N GLY D 17 9.86 6.72 -33.06
CA GLY D 17 11.09 7.48 -32.78
C GLY D 17 12.33 6.66 -33.06
N LEU D 18 13.27 7.25 -33.81
CA LEU D 18 14.51 6.56 -34.21
C LEU D 18 15.71 7.12 -33.46
N SER D 19 16.59 6.24 -32.98
CA SER D 19 17.80 6.65 -32.26
C SER D 19 18.90 7.16 -33.17
N LYS D 20 18.84 6.79 -34.46
CA LYS D 20 19.90 7.06 -35.41
C LYS D 20 19.39 7.92 -36.58
N HIS D 21 19.78 9.19 -36.56
CA HIS D 21 19.58 10.17 -37.62
C HIS D 21 19.82 9.60 -39.04
N VAL D 22 18.81 9.75 -39.88
CA VAL D 22 18.92 9.51 -41.34
C VAL D 22 18.56 10.85 -41.97
N GLU D 23 19.35 11.27 -42.98
CA GLU D 23 19.13 12.58 -43.61
C GLU D 23 17.76 12.61 -44.29
N ASP D 24 17.07 13.71 -44.05
CA ASP D 24 15.69 14.02 -44.53
C ASP D 24 14.53 13.24 -43.89
N VAL D 25 14.83 12.52 -42.80
CA VAL D 25 13.83 11.71 -42.12
C VAL D 25 13.72 12.21 -40.68
N PRO D 26 12.58 12.78 -40.28
CA PRO D 26 12.46 13.20 -38.91
C PRO D 26 12.58 12.05 -37.92
N ALA D 27 13.38 12.25 -36.89
CA ALA D 27 13.61 11.24 -35.87
C ALA D 27 12.32 10.80 -35.16
N PHE D 28 11.40 11.75 -34.95
CA PHE D 28 10.14 11.49 -34.28
C PHE D 28 9.01 11.81 -35.23
N GLN D 29 8.10 10.85 -35.41
CA GLN D 29 6.93 11.02 -36.28
C GLN D 29 5.69 10.59 -35.52
N ALA D 30 4.63 11.38 -35.65
CA ALA D 30 3.35 11.13 -34.99
C ALA D 30 2.25 11.13 -36.06
N LEU D 31 1.32 10.18 -35.92
CA LEU D 31 0.15 10.04 -36.78
C LEU D 31 -1.10 9.82 -35.92
N GLY D 32 -2.19 10.53 -36.19
CA GLY D 32 -3.47 10.27 -35.55
C GLY D 32 -4.50 9.80 -36.58
N SER D 33 -5.40 8.89 -36.18
CA SER D 33 -6.44 8.37 -37.08
C SER D 33 -7.81 8.35 -36.40
N LEU D 34 -8.84 8.59 -37.21
CA LEU D 34 -10.24 8.39 -36.83
C LEU D 34 -10.73 7.27 -37.70
N ASN D 35 -11.13 6.16 -37.08
CA ASN D 35 -11.32 4.91 -37.80
C ASN D 35 -10.08 4.66 -38.68
N ASP D 36 -10.21 4.52 -39.99
CA ASP D 36 -9.08 4.14 -40.87
C ASP D 36 -8.51 5.35 -41.61
N LEU D 37 -8.99 6.54 -41.28
CA LEU D 37 -8.60 7.78 -41.93
C LEU D 37 -7.65 8.56 -41.04
N GLN D 38 -6.59 9.07 -41.64
CA GLN D 38 -5.57 9.81 -40.93
C GLN D 38 -5.95 11.26 -40.93
N PHE D 39 -6.02 11.85 -39.74
CA PHE D 39 -6.52 13.24 -39.60
C PHE D 39 -5.45 14.26 -39.20
N PHE D 40 -4.35 13.83 -38.60
CA PHE D 40 -3.28 14.77 -38.24
C PHE D 40 -1.93 14.08 -38.25
N ARG D 41 -0.87 14.87 -38.44
CA ARG D 41 0.50 14.39 -38.32
C ARG D 41 1.37 15.43 -37.64
N TYR D 42 2.56 15.01 -37.22
CA TYR D 42 3.54 15.87 -36.57
C TYR D 42 4.89 15.18 -36.71
N ASN D 43 5.95 15.97 -36.89
CA ASN D 43 7.30 15.42 -36.91
C ASN D 43 8.29 16.36 -36.23
N SER D 44 9.47 15.83 -35.91
CA SER D 44 10.47 16.59 -35.18
C SER D 44 11.18 17.72 -35.96
N LYS D 45 11.11 17.71 -37.28
CA LYS D 45 11.70 18.80 -38.08
C LYS D 45 10.81 20.03 -38.06
N ASP D 46 9.57 19.88 -38.48
CA ASP D 46 8.64 21.01 -38.59
C ASP D 46 8.01 21.36 -37.25
N ARG D 47 7.90 20.39 -36.34
CA ARG D 47 7.34 20.60 -35.02
C ARG D 47 5.99 21.31 -35.03
N LYS D 48 5.11 20.90 -35.97
CA LYS D 48 3.77 21.48 -36.11
C LYS D 48 2.72 20.38 -36.30
N SER D 49 1.65 20.43 -35.52
CA SER D 49 0.50 19.53 -35.68
C SER D 49 -0.30 19.92 -36.91
N GLN D 50 -0.20 19.10 -37.97
CA GLN D 50 -0.82 19.44 -39.26
C GLN D 50 -2.05 18.54 -39.48
N PRO D 51 -3.23 19.13 -39.72
CA PRO D 51 -4.33 18.30 -40.17
C PRO D 51 -4.10 17.71 -41.57
N MET D 52 -4.72 16.58 -41.87
CA MET D 52 -4.53 15.85 -43.15
C MET D 52 -5.86 15.61 -43.86
N GLY D 53 -5.77 15.39 -45.17
CA GLY D 53 -6.95 15.04 -46.00
C GLY D 53 -8.06 16.05 -45.87
N LEU D 54 -9.28 15.56 -45.68
CA LEU D 54 -10.46 16.43 -45.59
C LEU D 54 -10.52 17.26 -44.29
N TRP D 55 -9.74 16.89 -43.28
CA TRP D 55 -9.65 17.69 -42.07
C TRP D 55 -8.84 18.99 -42.24
N ARG D 56 -8.08 19.12 -43.33
CA ARG D 56 -7.50 20.42 -43.71
C ARG D 56 -8.58 21.51 -43.93
N GLN D 57 -9.79 21.11 -44.37
CA GLN D 57 -10.89 22.06 -44.62
C GLN D 57 -11.97 22.10 -43.52
N VAL D 58 -11.76 21.39 -42.41
CA VAL D 58 -12.64 21.45 -41.24
C VAL D 58 -12.07 22.50 -40.28
N GLU D 59 -12.95 23.37 -39.76
CA GLU D 59 -12.55 24.41 -38.81
C GLU D 59 -13.26 24.22 -37.48
N GLY D 60 -12.54 24.51 -36.39
CA GLY D 60 -13.08 24.43 -35.03
C GLY D 60 -12.93 23.09 -34.33
N MET D 61 -12.41 22.07 -35.03
CA MET D 61 -12.32 20.73 -34.45
C MET D 61 -11.20 20.70 -33.41
N GLU D 62 -10.06 21.29 -33.74
CA GLU D 62 -8.94 21.39 -32.82
C GLU D 62 -8.14 22.66 -33.10
N ASP D 63 -7.56 23.22 -32.04
CA ASP D 63 -6.63 24.33 -32.18
C ASP D 63 -5.24 23.75 -32.44
N TRP D 64 -4.87 23.69 -33.72
CA TRP D 64 -3.64 23.02 -34.13
C TRP D 64 -2.36 23.68 -33.63
N LYS D 65 -2.38 25.01 -33.47
CA LYS D 65 -1.25 25.77 -32.93
C LYS D 65 -1.00 25.34 -31.49
N GLN D 66 -2.06 25.26 -30.71
CA GLN D 66 -1.99 24.82 -29.33
C GLN D 66 -1.55 23.36 -29.23
N ASP D 67 -2.20 22.49 -30.01
CA ASP D 67 -1.85 21.07 -29.99
C ASP D 67 -0.37 20.82 -30.35
N SER D 68 0.20 21.62 -31.25
CA SER D 68 1.64 21.56 -31.53
C SER D 68 2.52 21.65 -30.28
N GLN D 69 2.08 22.42 -29.29
CA GLN D 69 2.82 22.57 -28.03
C GLN D 69 2.70 21.29 -27.19
N LEU D 70 1.51 20.72 -27.16
CA LEU D 70 1.29 19.41 -26.58
C LEU D 70 2.18 18.32 -27.20
N GLN D 71 2.28 18.32 -28.54
CA GLN D 71 3.10 17.29 -29.24
C GLN D 71 4.59 17.45 -29.02
N LYS D 72 5.09 18.69 -28.93
CA LYS D 72 6.49 18.97 -28.56
C LYS D 72 6.85 18.40 -27.20
N ALA D 73 5.96 18.58 -26.23
CA ALA D 73 6.16 18.05 -24.89
C ALA D 73 6.24 16.54 -24.92
N ARG D 74 5.25 15.92 -25.56
CA ARG D 74 5.21 14.45 -25.75
C ARG D 74 6.46 13.95 -26.52
N GLU D 75 6.88 14.66 -27.55
CA GLU D 75 8.11 14.30 -28.27
C GLU D 75 9.29 14.16 -27.34
N ASP D 76 9.49 15.15 -26.47
CA ASP D 76 10.68 15.19 -25.60
C ASP D 76 10.70 14.05 -24.61
N ILE D 77 9.57 13.79 -23.98
CA ILE D 77 9.47 12.64 -23.06
C ILE D 77 9.61 11.30 -23.79
N PHE D 78 9.00 11.18 -24.94
CA PHE D 78 9.11 9.96 -25.78
C PHE D 78 10.56 9.69 -26.18
N MET D 79 11.21 10.68 -26.78
CA MET D 79 12.63 10.51 -27.19
C MET D 79 13.59 10.29 -26.04
N GLU D 80 13.28 10.86 -24.88
CA GLU D 80 14.06 10.62 -23.66
C GLU D 80 13.95 9.15 -23.24
N THR D 81 12.74 8.59 -23.30
CA THR D 81 12.53 7.17 -23.04
C THR D 81 13.35 6.30 -23.99
N LEU D 82 13.36 6.64 -25.28
CA LEU D 82 14.17 5.88 -26.26
C LEU D 82 15.64 5.91 -25.87
N LYS D 83 16.15 7.12 -25.63
CA LYS D 83 17.53 7.34 -25.19
C LYS D 83 17.89 6.48 -23.97
N ASP D 84 16.98 6.38 -22.99
CA ASP D 84 17.20 5.54 -21.81
C ASP D 84 17.31 4.08 -22.17
N ILE D 85 16.44 3.59 -23.05
CA ILE D 85 16.47 2.18 -23.44
C ILE D 85 17.78 1.86 -24.14
N VAL D 86 18.20 2.73 -25.06
CA VAL D 86 19.46 2.53 -25.80
C VAL D 86 20.66 2.56 -24.83
N GLU D 87 20.63 3.46 -23.85
CA GLU D 87 21.68 3.52 -22.83
C GLU D 87 21.70 2.28 -21.92
N TYR D 88 20.52 1.75 -21.57
CA TYR D 88 20.43 0.50 -20.81
C TYR D 88 21.17 -0.64 -21.50
N TYR D 89 21.00 -0.78 -22.81
CA TYR D 89 21.65 -1.86 -23.57
C TYR D 89 23.03 -1.50 -24.11
N ASN D 90 23.46 -0.27 -23.90
CA ASN D 90 24.71 0.28 -24.47
C ASN D 90 24.93 -0.05 -25.96
N ASP D 91 23.86 0.09 -26.77
CA ASP D 91 23.94 0.02 -28.23
C ASP D 91 23.73 1.41 -28.81
N SER D 92 24.50 2.38 -28.28
CA SER D 92 24.39 3.78 -28.67
C SER D 92 25.04 4.08 -30.05
N ASN D 93 25.59 3.08 -30.74
CA ASN D 93 26.04 3.19 -32.14
C ASN D 93 25.11 2.55 -33.21
N GLY D 94 24.17 1.69 -32.79
CA GLY D 94 23.27 1.02 -33.73
C GLY D 94 21.98 1.82 -33.91
N SER D 95 21.17 1.38 -34.88
CA SER D 95 19.83 1.95 -35.10
C SER D 95 18.80 1.24 -34.21
N HIS D 96 17.99 2.02 -33.47
CA HIS D 96 16.90 1.46 -32.69
C HIS D 96 15.66 2.30 -32.80
N VAL D 97 14.51 1.67 -32.59
CA VAL D 97 13.21 2.30 -32.80
C VAL D 97 12.31 2.01 -31.61
N LEU D 98 11.57 3.03 -31.19
CA LEU D 98 10.54 2.87 -30.16
C LEU D 98 9.26 3.29 -30.81
N GLN D 99 8.20 2.51 -30.59
CA GLN D 99 6.88 2.89 -31.11
C GLN D 99 5.88 2.80 -30.00
N GLY D 100 5.04 3.83 -29.89
CA GLY D 100 3.94 3.85 -28.93
C GLY D 100 2.66 3.96 -29.67
N ARG D 101 1.66 3.20 -29.21
CA ARG D 101 0.32 3.21 -29.84
C ARG D 101 -0.70 3.36 -28.73
N PHE D 102 -1.65 4.27 -28.92
CA PHE D 102 -2.71 4.43 -27.94
C PHE D 102 -3.97 4.97 -28.54
N GLY D 103 -5.07 4.76 -27.84
CA GLY D 103 -6.37 5.19 -28.32
C GLY D 103 -7.53 4.60 -27.55
N CYS D 104 -8.72 4.89 -28.05
CA CYS D 104 -9.96 4.40 -27.44
C CYS D 104 -11.02 4.17 -28.51
N GLU D 105 -12.13 3.59 -28.09
CA GLU D 105 -13.23 3.25 -28.99
C GLU D 105 -14.57 3.56 -28.34
N ILE D 106 -15.57 3.88 -29.16
CA ILE D 106 -16.97 3.92 -28.71
C ILE D 106 -17.85 3.15 -29.68
N GLU D 107 -18.85 2.44 -29.16
CA GLU D 107 -19.91 1.83 -29.96
C GLU D 107 -21.27 2.14 -29.32
N ASN D 108 -22.23 2.58 -30.14
CA ASN D 108 -23.54 3.08 -29.69
C ASN D 108 -23.37 4.21 -28.65
N ASN D 109 -22.36 5.04 -28.89
CA ASN D 109 -21.97 6.15 -28.02
C ASN D 109 -21.53 5.77 -26.57
N ARG D 110 -21.23 4.49 -26.32
CA ARG D 110 -20.67 4.03 -25.04
C ARG D 110 -19.26 3.50 -25.26
N SER D 111 -18.31 3.89 -24.41
CA SER D 111 -16.91 3.44 -24.48
C SER D 111 -16.81 1.92 -24.51
N SER D 112 -16.09 1.40 -25.51
CA SER D 112 -16.00 -0.04 -25.78
C SER D 112 -14.57 -0.57 -25.82
N GLY D 113 -13.61 0.22 -25.35
CA GLY D 113 -12.23 -0.22 -25.22
C GLY D 113 -11.22 0.92 -25.26
N ALA D 114 -10.02 0.59 -24.83
CA ALA D 114 -8.90 1.52 -24.88
C ALA D 114 -7.60 0.78 -24.66
N PHE D 115 -6.50 1.35 -25.13
CA PHE D 115 -5.20 0.68 -25.09
C PHE D 115 -4.08 1.69 -25.14
N TRP D 116 -2.92 1.26 -24.66
CA TRP D 116 -1.74 2.11 -24.61
C TRP D 116 -0.58 1.17 -24.46
N LYS D 117 0.24 1.06 -25.51
CA LYS D 117 1.30 0.06 -25.57
C LYS D 117 2.53 0.59 -26.30
N TYR D 118 3.69 0.06 -25.94
CA TYR D 118 4.97 0.44 -26.55
C TYR D 118 5.73 -0.77 -27.03
N TYR D 119 6.45 -0.61 -28.14
CA TYR D 119 7.29 -1.65 -28.71
C TYR D 119 8.67 -1.07 -28.91
N TYR D 120 9.70 -1.85 -28.56
CA TYR D 120 11.09 -1.44 -28.77
C TYR D 120 11.70 -2.44 -29.74
N ASP D 121 12.28 -1.92 -30.83
CA ASP D 121 12.77 -2.74 -31.95
C ASP D 121 11.80 -3.85 -32.37
N GLY D 122 10.51 -3.50 -32.42
CA GLY D 122 9.49 -4.43 -32.86
C GLY D 122 8.98 -5.43 -31.84
N LYS D 123 9.52 -5.44 -30.63
CA LYS D 123 9.10 -6.38 -29.58
C LYS D 123 8.37 -5.64 -28.48
N ASP D 124 7.48 -6.35 -27.78
CA ASP D 124 6.68 -5.77 -26.69
C ASP D 124 7.61 -5.17 -25.64
N TYR D 125 7.35 -3.92 -25.24
CA TYR D 125 8.22 -3.23 -24.27
C TYR D 125 7.49 -3.01 -22.94
N ILE D 126 6.40 -2.26 -23.00
CA ILE D 126 5.59 -1.95 -21.83
C ILE D 126 4.17 -1.62 -22.28
N GLU D 127 3.17 -1.93 -21.45
CA GLU D 127 1.80 -1.52 -21.74
C GLU D 127 1.10 -1.09 -20.46
N PHE D 128 0.13 -0.18 -20.60
CA PHE D 128 -0.65 0.30 -19.47
C PHE D 128 -1.87 -0.59 -19.30
N ASN D 129 -2.00 -1.16 -18.11
CA ASN D 129 -3.19 -1.91 -17.74
C ASN D 129 -3.96 -1.00 -16.78
N LYS D 130 -5.04 -0.44 -17.30
CA LYS D 130 -5.79 0.58 -16.57
C LYS D 130 -6.69 0.01 -15.47
N GLU D 131 -6.91 -1.31 -15.46
CA GLU D 131 -7.71 -1.95 -14.43
C GLU D 131 -6.97 -2.15 -13.10
N ILE D 132 -5.64 -2.14 -13.13
CA ILE D 132 -4.86 -2.29 -11.90
C ILE D 132 -4.97 -1.04 -10.98
N PRO D 133 -4.57 0.17 -11.41
CA PRO D 133 -3.89 0.47 -12.68
C PRO D 133 -2.37 0.46 -12.55
N ALA D 134 -1.68 0.07 -13.61
CA ALA D 134 -0.21 0.04 -13.62
C ALA D 134 0.35 -0.19 -15.02
N TRP D 135 1.63 0.18 -15.19
CA TRP D 135 2.41 -0.17 -16.37
C TRP D 135 2.97 -1.58 -16.21
N VAL D 136 2.74 -2.43 -17.21
CA VAL D 136 3.15 -3.82 -17.22
C VAL D 136 4.36 -4.00 -18.15
N PRO D 137 5.54 -4.32 -17.59
CA PRO D 137 6.75 -4.48 -18.41
C PRO D 137 6.91 -5.85 -19.05
N PHE D 138 7.42 -5.88 -20.29
CA PHE D 138 7.70 -7.13 -21.01
C PHE D 138 9.19 -7.34 -21.29
N ASP D 139 10.03 -6.45 -20.77
CA ASP D 139 11.46 -6.39 -21.08
C ASP D 139 12.18 -5.83 -19.85
N PRO D 140 13.32 -6.41 -19.45
CA PRO D 140 14.11 -5.92 -18.29
C PRO D 140 14.23 -4.40 -18.18
N ALA D 141 14.49 -3.73 -19.30
CA ALA D 141 14.69 -2.27 -19.33
C ALA D 141 13.41 -1.48 -19.06
N ALA D 142 12.25 -2.09 -19.35
CA ALA D 142 10.97 -1.49 -19.02
C ALA D 142 10.71 -1.36 -17.51
N GLN D 143 11.47 -2.09 -16.69
CA GLN D 143 11.45 -1.89 -15.22
C GLN D 143 11.85 -0.46 -14.87
N ILE D 144 12.86 0.07 -15.56
CA ILE D 144 13.32 1.43 -15.34
C ILE D 144 12.28 2.43 -15.83
N THR D 145 11.70 2.18 -17.01
CA THR D 145 10.65 3.04 -17.56
C THR D 145 9.41 3.01 -16.68
N LYS D 146 9.02 1.81 -16.22
CA LYS D 146 7.90 1.66 -15.29
C LYS D 146 8.05 2.53 -14.05
N GLN D 147 9.28 2.58 -13.52
CA GLN D 147 9.54 3.32 -12.30
C GLN D 147 9.52 4.83 -12.51
N LYS D 148 10.02 5.31 -13.65
CA LYS D 148 9.89 6.74 -13.98
C LYS D 148 8.45 7.16 -14.20
N TRP D 149 7.67 6.32 -14.87
CA TRP D 149 6.27 6.62 -15.19
C TRP D 149 5.31 6.35 -14.02
N GLU D 150 5.80 5.70 -12.97
CA GLU D 150 5.07 5.54 -11.70
C GLU D 150 5.81 6.18 -10.50
N ALA D 151 6.67 7.18 -10.75
CA ALA D 151 7.48 7.82 -9.71
C ALA D 151 6.63 8.68 -8.76
N GLU D 152 5.58 9.30 -9.29
CA GLU D 152 4.58 10.00 -8.51
C GLU D 152 3.25 9.30 -8.71
N PRO D 153 2.46 9.12 -7.63
CA PRO D 153 1.17 8.42 -7.74
C PRO D 153 0.10 9.10 -8.64
N VAL D 154 0.31 10.38 -8.97
CA VAL D 154 -0.55 11.08 -9.93
C VAL D 154 -0.36 10.67 -11.40
N TYR D 155 0.81 10.14 -11.75
CA TYR D 155 1.10 9.76 -13.16
C TYR D 155 0.16 8.65 -13.65
N VAL D 156 0.08 7.58 -12.87
CA VAL D 156 -0.79 6.45 -13.19
C VAL D 156 -2.25 6.90 -13.27
N GLN D 157 -2.68 7.78 -12.36
CA GLN D 157 -4.06 8.26 -12.34
C GLN D 157 -4.37 9.11 -13.58
N ARG D 158 -3.42 9.93 -13.99
CA ARG D 158 -3.54 10.69 -15.24
C ARG D 158 -3.60 9.79 -16.47
N ALA D 159 -2.76 8.75 -16.50
CA ALA D 159 -2.76 7.80 -17.60
C ALA D 159 -4.12 7.10 -17.73
N LYS D 160 -4.64 6.60 -16.60
CA LYS D 160 -5.98 6.00 -16.55
C LYS D 160 -7.04 6.96 -17.02
N ALA D 161 -6.96 8.20 -16.55
CA ALA D 161 -7.96 9.23 -16.85
C ALA D 161 -7.92 9.63 -18.31
N TYR D 162 -6.75 9.64 -18.95
CA TYR D 162 -6.67 9.94 -20.37
C TYR D 162 -7.42 8.88 -21.17
N LEU D 163 -7.10 7.62 -20.93
CA LEU D 163 -7.75 6.51 -21.64
C LEU D 163 -9.25 6.41 -21.39
N GLU D 164 -9.67 6.59 -20.13
CA GLU D 164 -11.09 6.41 -19.77
C GLU D 164 -11.97 7.65 -19.91
N GLU D 165 -11.38 8.84 -19.90
CA GLU D 165 -12.19 10.08 -19.93
C GLU D 165 -11.83 11.03 -21.06
N GLU D 166 -10.53 11.35 -21.20
CA GLU D 166 -10.11 12.38 -22.17
C GLU D 166 -10.17 11.88 -23.59
N CYS D 167 -9.68 10.68 -23.84
CA CYS D 167 -9.68 10.10 -25.19
C CYS D 167 -11.10 9.94 -25.71
N PRO D 168 -12.03 9.34 -24.94
CA PRO D 168 -13.43 9.30 -25.41
C PRO D 168 -14.08 10.67 -25.63
N ALA D 169 -13.72 11.64 -24.80
CA ALA D 169 -14.27 13.02 -24.93
C ALA D 169 -13.76 13.69 -26.18
N THR D 170 -12.48 13.54 -26.47
CA THR D 170 -11.89 14.04 -27.73
C THR D 170 -12.53 13.35 -28.93
N LEU D 171 -12.68 12.03 -28.88
CA LEU D 171 -13.37 11.29 -29.95
C LEU D 171 -14.78 11.83 -30.19
N ARG D 172 -15.60 11.90 -29.15
CA ARG D 172 -16.95 12.52 -29.25
C ARG D 172 -16.94 13.96 -29.79
N LYS D 173 -15.97 14.76 -29.37
CA LYS D 173 -15.81 16.13 -29.90
C LYS D 173 -15.52 16.06 -31.40
N TYR D 174 -14.52 15.27 -31.78
CA TYR D 174 -14.15 15.11 -33.20
C TYR D 174 -15.28 14.56 -34.09
N LEU D 175 -16.15 13.70 -33.55
CA LEU D 175 -17.31 13.21 -34.31
C LEU D 175 -18.33 14.29 -34.70
N LYS D 176 -18.54 15.28 -33.85
CA LYS D 176 -19.44 16.40 -34.17
C LYS D 176 -18.94 17.23 -35.37
N TYR D 177 -17.64 17.15 -35.65
CA TYR D 177 -17.02 17.80 -36.79
C TYR D 177 -16.71 16.87 -37.97
N SER D 178 -16.65 15.56 -37.74
CA SER D 178 -16.18 14.57 -38.73
C SER D 178 -17.22 13.55 -39.18
N LYS D 179 -18.46 13.67 -38.74
CA LYS D 179 -19.53 12.69 -39.01
C LYS D 179 -19.73 12.41 -40.51
N ASN D 180 -19.77 13.45 -41.34
CA ASN D 180 -19.93 13.29 -42.78
C ASN D 180 -18.76 12.56 -43.43
N ILE D 181 -17.55 12.94 -43.04
CA ILE D 181 -16.33 12.29 -43.53
C ILE D 181 -16.32 10.80 -43.15
N LEU D 182 -16.62 10.50 -41.89
CA LEU D 182 -16.50 9.14 -41.36
C LEU D 182 -17.63 8.20 -41.73
N ASP D 183 -18.80 8.76 -42.02
CA ASP D 183 -19.99 7.95 -42.35
C ASP D 183 -20.23 7.87 -43.84
N ARG D 184 -19.26 8.26 -44.66
CA ARG D 184 -19.29 8.03 -46.11
C ARG D 184 -19.67 6.57 -46.39
N GLN D 185 -20.61 6.38 -47.30
CA GLN D 185 -21.06 5.06 -47.74
C GLN D 185 -20.92 5.04 -49.25
N ASP D 186 -19.93 4.30 -49.75
CA ASP D 186 -19.74 4.10 -51.21
C ASP D 186 -20.07 2.67 -51.49
N PRO D 187 -21.08 2.41 -52.34
CA PRO D 187 -21.47 1.02 -52.55
C PRO D 187 -20.52 0.27 -53.47
N PRO D 188 -20.38 -1.06 -53.26
CA PRO D 188 -19.49 -1.85 -54.09
C PRO D 188 -20.04 -2.18 -55.46
N SER D 189 -19.18 -2.05 -56.48
CA SER D 189 -19.40 -2.66 -57.77
C SER D 189 -18.79 -4.07 -57.74
N VAL D 190 -19.30 -4.96 -58.58
CA VAL D 190 -18.94 -6.38 -58.52
C VAL D 190 -18.56 -6.88 -59.91
N VAL D 191 -17.52 -7.72 -59.95
CA VAL D 191 -17.07 -8.41 -61.16
C VAL D 191 -16.86 -9.87 -60.80
N VAL D 192 -17.35 -10.77 -61.64
CA VAL D 192 -17.14 -12.23 -61.49
C VAL D 192 -16.38 -12.76 -62.71
N THR D 193 -15.46 -13.67 -62.48
CA THR D 193 -14.54 -14.21 -63.49
C THR D 193 -14.48 -15.72 -63.34
N SER D 194 -14.12 -16.41 -64.42
CA SER D 194 -13.87 -17.87 -64.36
C SER D 194 -12.72 -18.25 -65.24
N HIS D 195 -12.05 -19.35 -64.90
CA HIS D 195 -11.13 -19.97 -65.86
C HIS D 195 -10.99 -21.46 -65.65
N GLN D 196 -10.65 -22.16 -66.71
CA GLN D 196 -10.43 -23.60 -66.66
C GLN D 196 -9.68 -24.12 -67.85
N ALA D 197 -8.82 -25.11 -67.60
CA ALA D 197 -8.37 -26.06 -68.61
C ALA D 197 -9.58 -26.93 -69.01
N PRO D 198 -9.63 -27.40 -70.28
CA PRO D 198 -10.90 -27.79 -70.97
C PRO D 198 -11.93 -28.63 -70.16
N GLY D 199 -11.46 -29.64 -69.41
CA GLY D 199 -12.33 -30.49 -68.58
C GLY D 199 -11.75 -30.74 -67.19
N GLU D 200 -11.46 -29.65 -66.47
CA GLU D 200 -10.79 -29.68 -65.15
C GLU D 200 -11.41 -28.63 -64.21
N LYS D 201 -10.93 -28.59 -62.95
CA LYS D 201 -11.43 -27.62 -61.95
C LYS D 201 -11.58 -26.20 -62.47
N LYS D 202 -12.80 -25.70 -62.42
CA LYS D 202 -13.11 -24.32 -62.75
C LYS D 202 -12.79 -23.44 -61.53
N LYS D 203 -12.08 -22.34 -61.73
CA LYS D 203 -11.81 -21.39 -60.67
C LYS D 203 -12.71 -20.20 -60.85
N LEU D 204 -13.57 -19.92 -59.87
CA LEU D 204 -14.47 -18.75 -59.92
C LEU D 204 -13.97 -17.69 -58.99
N LYS D 205 -13.83 -16.46 -59.47
CA LYS D 205 -13.34 -15.36 -58.65
C LYS D 205 -14.40 -14.28 -58.59
N CYS D 206 -14.67 -13.76 -57.39
CA CYS D 206 -15.58 -12.63 -57.21
C CYS D 206 -14.81 -11.48 -56.60
N LEU D 207 -14.99 -10.28 -57.17
CA LEU D 207 -14.28 -9.09 -56.73
C LEU D 207 -15.27 -7.97 -56.47
N ALA D 208 -15.30 -7.47 -55.24
CA ALA D 208 -16.00 -6.22 -54.93
C ALA D 208 -14.97 -5.10 -54.88
N TYR D 209 -15.33 -3.93 -55.37
CA TYR D 209 -14.40 -2.79 -55.44
C TYR D 209 -15.12 -1.46 -55.43
N ASP D 210 -14.33 -0.40 -55.19
CA ASP D 210 -14.84 0.98 -55.12
C ASP D 210 -15.75 1.22 -53.91
N PHE D 211 -15.53 0.47 -52.82
CA PHE D 211 -16.41 0.58 -51.67
C PHE D 211 -15.77 1.22 -50.43
N TYR D 212 -16.63 1.78 -49.59
CA TYR D 212 -16.23 2.34 -48.29
C TYR D 212 -17.50 2.30 -47.44
N PRO D 213 -17.45 1.87 -46.18
CA PRO D 213 -16.24 1.52 -45.44
C PRO D 213 -15.70 0.15 -45.76
N GLY D 214 -14.56 -0.17 -45.15
CA GLY D 214 -13.84 -1.39 -45.45
C GLY D 214 -14.45 -2.68 -45.03
N LYS D 215 -15.29 -2.65 -44.00
CA LYS D 215 -15.96 -3.88 -43.55
C LYS D 215 -16.89 -4.37 -44.67
N ILE D 216 -16.79 -5.65 -45.00
CA ILE D 216 -17.53 -6.23 -46.09
C ILE D 216 -17.47 -7.73 -45.96
N ASP D 217 -18.44 -8.44 -46.52
CA ASP D 217 -18.40 -9.89 -46.58
C ASP D 217 -18.67 -10.28 -48.03
N VAL D 218 -17.64 -10.83 -48.67
CA VAL D 218 -17.69 -11.31 -50.05
C VAL D 218 -17.52 -12.80 -49.94
N HIS D 219 -18.42 -13.57 -50.53
CA HIS D 219 -18.28 -15.02 -50.52
C HIS D 219 -19.11 -15.67 -51.61
N TRP D 220 -18.67 -16.85 -52.03
CA TRP D 220 -19.42 -17.66 -52.97
C TRP D 220 -20.38 -18.55 -52.19
N THR D 221 -21.59 -18.71 -52.73
CA THR D 221 -22.53 -19.73 -52.24
C THR D 221 -22.74 -20.73 -53.35
N ARG D 222 -22.86 -22.00 -52.96
CA ARG D 222 -23.32 -23.07 -53.84
C ARG D 222 -24.74 -23.39 -53.41
N ALA D 223 -25.71 -22.94 -54.21
CA ALA D 223 -27.14 -23.10 -53.91
C ALA D 223 -27.52 -22.61 -52.51
N GLY D 224 -26.99 -21.47 -52.14
CA GLY D 224 -27.22 -20.85 -50.84
C GLY D 224 -26.19 -21.12 -49.76
N GLU D 225 -25.43 -22.20 -49.88
CA GLU D 225 -24.43 -22.61 -48.88
C GLU D 225 -23.06 -21.98 -49.14
N VAL D 226 -22.55 -21.28 -48.12
CA VAL D 226 -21.27 -20.56 -48.18
C VAL D 226 -20.15 -21.56 -48.47
N GLN D 227 -19.24 -21.23 -49.40
CA GLN D 227 -18.11 -22.11 -49.71
C GLN D 227 -16.81 -21.49 -49.21
N GLU D 228 -15.88 -22.36 -48.82
CA GLU D 228 -14.60 -21.92 -48.28
C GLU D 228 -13.70 -21.52 -49.45
N PRO D 229 -13.22 -20.26 -49.47
CA PRO D 229 -12.33 -19.89 -50.58
C PRO D 229 -10.99 -20.59 -50.50
N GLU D 230 -10.40 -20.90 -51.65
CA GLU D 230 -9.02 -21.38 -51.69
C GLU D 230 -7.99 -20.23 -51.72
N LEU D 231 -8.46 -19.01 -51.96
CA LEU D 231 -7.63 -17.83 -52.01
C LEU D 231 -8.53 -16.61 -51.78
N ARG D 232 -8.06 -15.63 -51.00
CA ARG D 232 -8.75 -14.37 -50.84
C ARG D 232 -7.78 -13.23 -50.64
N GLY D 233 -8.29 -12.01 -50.72
CA GLY D 233 -7.43 -10.86 -50.69
C GLY D 233 -8.21 -9.56 -50.62
N ASP D 234 -7.47 -8.52 -50.23
CA ASP D 234 -8.03 -7.19 -50.00
C ASP D 234 -7.11 -6.14 -50.58
N VAL D 235 -7.66 -4.97 -50.87
CA VAL D 235 -6.92 -3.84 -51.42
C VAL D 235 -7.44 -2.57 -50.75
N LEU D 236 -6.52 -1.64 -50.49
CA LEU D 236 -6.85 -0.31 -50.03
C LEU D 236 -6.13 0.68 -50.92
N HIS D 237 -6.89 1.51 -51.65
CA HIS D 237 -6.34 2.64 -52.37
C HIS D 237 -6.38 3.80 -51.38
N ASN D 238 -5.20 4.16 -50.87
CA ASN D 238 -5.04 5.19 -49.86
C ASN D 238 -5.46 6.61 -50.32
N GLY D 239 -5.24 6.91 -51.60
CA GLY D 239 -5.63 8.19 -52.19
C GLY D 239 -7.11 8.48 -52.08
N ASN D 240 -7.94 7.79 -52.85
CA ASN D 240 -9.40 8.01 -52.79
C ASN D 240 -10.11 7.32 -51.59
N GLY D 241 -9.37 6.49 -50.86
CA GLY D 241 -9.87 5.89 -49.64
C GLY D 241 -10.90 4.78 -49.87
N THR D 242 -10.83 4.09 -51.01
CA THR D 242 -11.73 2.98 -51.30
C THR D 242 -11.02 1.67 -51.14
N TYR D 243 -11.82 0.62 -51.01
CA TYR D 243 -11.33 -0.74 -50.79
C TYR D 243 -11.78 -1.65 -51.91
N GLN D 244 -11.13 -2.82 -51.96
CA GLN D 244 -11.58 -3.94 -52.79
C GLN D 244 -11.37 -5.20 -51.99
N SER D 245 -12.14 -6.24 -52.30
CA SER D 245 -12.06 -7.52 -51.60
C SER D 245 -12.49 -8.59 -52.58
N TRP D 246 -11.74 -9.69 -52.66
CA TRP D 246 -12.00 -10.76 -53.62
C TRP D 246 -11.78 -12.15 -53.02
N VAL D 247 -12.47 -13.14 -53.59
CA VAL D 247 -12.35 -14.56 -53.20
C VAL D 247 -12.38 -15.46 -54.41
N VAL D 248 -11.72 -16.61 -54.31
CA VAL D 248 -11.67 -17.61 -55.35
C VAL D 248 -12.10 -18.95 -54.78
N VAL D 249 -12.99 -19.65 -55.50
CA VAL D 249 -13.33 -21.04 -55.19
C VAL D 249 -13.06 -21.93 -56.40
N ALA D 250 -12.73 -23.18 -56.12
CA ALA D 250 -12.54 -24.20 -57.13
C ALA D 250 -13.81 -25.02 -57.17
N VAL D 251 -14.29 -25.30 -58.38
CA VAL D 251 -15.54 -26.03 -58.61
C VAL D 251 -15.18 -27.29 -59.39
N PRO D 252 -15.43 -28.48 -58.82
CA PRO D 252 -15.18 -29.72 -59.59
C PRO D 252 -15.95 -29.77 -60.92
N PRO D 253 -15.34 -30.32 -61.99
CA PRO D 253 -16.02 -30.36 -63.31
C PRO D 253 -17.35 -31.15 -63.33
N GLN D 254 -17.50 -32.11 -62.41
CA GLN D 254 -18.78 -32.82 -62.20
C GLN D 254 -19.82 -32.11 -61.27
N ASP D 255 -19.54 -30.88 -60.83
CA ASP D 255 -20.45 -30.15 -59.93
C ASP D 255 -21.35 -29.24 -60.76
N THR D 256 -22.65 -29.49 -60.69
CA THR D 256 -23.66 -28.79 -61.50
C THR D 256 -24.53 -27.83 -60.69
N ALA D 257 -24.32 -27.74 -59.37
CA ALA D 257 -25.07 -26.78 -58.55
C ALA D 257 -24.85 -25.32 -58.99
N PRO D 258 -25.83 -24.44 -58.73
CA PRO D 258 -25.67 -23.05 -59.15
C PRO D 258 -24.91 -22.22 -58.13
N TYR D 259 -23.87 -21.51 -58.59
CA TYR D 259 -23.00 -20.70 -57.77
C TYR D 259 -23.32 -19.21 -57.95
N SER D 260 -23.36 -18.49 -56.83
CA SER D 260 -23.56 -17.04 -56.84
C SER D 260 -22.51 -16.39 -55.97
N CYS D 261 -22.13 -15.16 -56.30
CA CYS D 261 -21.30 -14.36 -55.41
C CYS D 261 -22.20 -13.49 -54.55
N HIS D 262 -21.95 -13.47 -53.24
CA HIS D 262 -22.72 -12.64 -52.32
C HIS D 262 -21.82 -11.53 -51.80
N VAL D 263 -22.35 -10.31 -51.75
CA VAL D 263 -21.64 -9.18 -51.18
C VAL D 263 -22.52 -8.45 -50.14
N GLN D 264 -22.15 -8.58 -48.87
CA GLN D 264 -22.84 -7.89 -47.77
C GLN D 264 -22.01 -6.65 -47.37
N HIS D 265 -22.63 -5.48 -47.44
CA HIS D 265 -21.99 -4.22 -47.12
C HIS D 265 -23.03 -3.23 -46.59
N SER D 266 -22.58 -2.33 -45.71
CA SER D 266 -23.46 -1.39 -45.00
C SER D 266 -24.18 -0.38 -45.89
N SER D 267 -23.63 -0.13 -47.07
CA SER D 267 -24.22 0.81 -48.03
C SER D 267 -25.44 0.24 -48.78
N LEU D 268 -25.72 -1.05 -48.62
CA LEU D 268 -26.73 -1.75 -49.40
C LEU D 268 -27.96 -2.08 -48.54
N ALA D 269 -29.14 -1.91 -49.13
CA ALA D 269 -30.41 -2.34 -48.53
C ALA D 269 -30.38 -3.84 -48.17
N GLN D 270 -29.94 -4.66 -49.13
CA GLN D 270 -29.69 -6.08 -48.86
C GLN D 270 -28.49 -6.57 -49.64
N PRO D 271 -27.95 -7.74 -49.27
CA PRO D 271 -26.82 -8.28 -50.02
C PRO D 271 -27.01 -8.34 -51.55
N LEU D 272 -25.97 -8.00 -52.29
CA LEU D 272 -25.91 -8.26 -53.73
C LEU D 272 -25.69 -9.72 -53.93
N VAL D 273 -26.44 -10.31 -54.86
CA VAL D 273 -26.32 -11.71 -55.21
C VAL D 273 -26.12 -11.70 -56.70
N VAL D 274 -24.94 -12.13 -57.16
CA VAL D 274 -24.59 -12.12 -58.57
C VAL D 274 -24.42 -13.58 -58.99
N PRO D 275 -25.40 -14.14 -59.73
CA PRO D 275 -25.31 -15.53 -60.15
C PRO D 275 -24.22 -15.75 -61.17
N TRP D 276 -23.59 -16.92 -61.16
CA TRP D 276 -22.69 -17.29 -62.23
C TRP D 276 -23.30 -18.42 -63.05
N GLU D 277 -23.74 -18.07 -64.27
CA GLU D 277 -24.40 -19.01 -65.20
C GLU D 277 -23.56 -19.17 -66.44
N ARG E 8 -44.75 18.46 -7.75
CA ARG E 8 -43.78 17.77 -6.87
C ARG E 8 -44.44 16.55 -6.20
N TYR E 9 -43.76 15.41 -6.26
CA TYR E 9 -44.18 14.18 -5.57
C TYR E 9 -42.97 13.58 -4.90
N SER E 10 -43.16 12.93 -3.75
CA SER E 10 -42.06 12.26 -3.06
C SER E 10 -42.49 10.89 -2.57
N LEU E 11 -41.53 9.97 -2.50
CA LEU E 11 -41.71 8.64 -1.91
C LEU E 11 -40.67 8.54 -0.81
N THR E 12 -41.12 8.36 0.43
CA THR E 12 -40.22 8.27 1.57
C THR E 12 -40.59 7.11 2.49
N TYR E 13 -39.59 6.64 3.24
CA TYR E 13 -39.69 5.49 4.15
C TYR E 13 -39.03 5.81 5.49
N ILE E 14 -39.63 5.37 6.58
CA ILE E 14 -39.05 5.46 7.93
C ILE E 14 -39.00 4.05 8.52
N TYR E 15 -37.81 3.57 8.82
CA TYR E 15 -37.56 2.28 9.50
C TYR E 15 -37.06 2.61 10.90
N THR E 16 -37.69 2.05 11.94
CA THR E 16 -37.28 2.27 13.34
C THR E 16 -37.16 0.95 14.08
N GLY E 17 -36.09 0.83 14.88
CA GLY E 17 -35.76 -0.41 15.56
C GLY E 17 -35.29 -0.19 16.98
N LEU E 18 -35.86 -0.95 17.92
CA LEU E 18 -35.55 -0.80 19.35
C LEU E 18 -34.75 -2.00 19.85
N SER E 19 -33.71 -1.72 20.64
CA SER E 19 -32.86 -2.76 21.22
C SER E 19 -33.52 -3.48 22.40
N LYS E 20 -34.50 -2.83 23.04
CA LYS E 20 -35.13 -3.32 24.25
C LYS E 20 -36.63 -3.54 24.06
N HIS E 21 -37.00 -4.82 23.94
CA HIS E 21 -38.39 -5.30 23.95
C HIS E 21 -39.25 -4.61 25.06
N VAL E 22 -40.38 -4.05 24.63
CA VAL E 22 -41.46 -3.64 25.53
C VAL E 22 -42.68 -4.43 25.03
N GLU E 23 -43.50 -4.92 25.96
CA GLU E 23 -44.65 -5.75 25.62
C GLU E 23 -45.64 -4.95 24.78
N ASP E 24 -46.11 -5.61 23.73
CA ASP E 24 -47.07 -5.13 22.72
C ASP E 24 -46.56 -4.10 21.71
N VAL E 25 -45.24 -3.87 21.70
CA VAL E 25 -44.63 -2.90 20.79
C VAL E 25 -43.61 -3.66 19.94
N PRO E 26 -43.87 -3.76 18.62
CA PRO E 26 -42.91 -4.44 17.77
C PRO E 26 -41.54 -3.73 17.78
N ALA E 27 -40.50 -4.54 17.92
CA ALA E 27 -39.12 -4.04 17.93
C ALA E 27 -38.76 -3.27 16.66
N PHE E 28 -39.26 -3.72 15.52
CA PHE E 28 -38.98 -3.10 14.24
C PHE E 28 -40.29 -2.65 13.63
N GLN E 29 -40.33 -1.38 13.22
CA GLN E 29 -41.51 -0.77 12.60
C GLN E 29 -41.10 -0.03 11.34
N ALA E 30 -41.86 -0.23 10.27
CA ALA E 30 -41.61 0.39 8.97
C ALA E 30 -42.86 1.14 8.53
N LEU E 31 -42.64 2.31 7.94
CA LEU E 31 -43.67 3.20 7.43
C LEU E 31 -43.25 3.73 6.07
N GLY E 32 -44.12 3.68 5.06
CA GLY E 32 -43.87 4.32 3.75
C GLY E 32 -44.87 5.44 3.52
N SER E 33 -44.43 6.52 2.87
CA SER E 33 -45.30 7.67 2.58
C SER E 33 -45.17 8.14 1.14
N LEU E 34 -46.29 8.61 0.59
CA LEU E 34 -46.34 9.29 -0.69
C LEU E 34 -46.77 10.71 -0.36
N ASN E 35 -45.92 11.68 -0.65
CA ASN E 35 -46.07 13.02 -0.10
C ASN E 35 -46.23 12.89 1.42
N ASP E 36 -47.31 13.40 2.01
CA ASP E 36 -47.48 13.41 3.48
C ASP E 36 -48.44 12.32 3.95
N LEU E 37 -48.85 11.45 3.03
CA LEU E 37 -49.81 10.39 3.29
C LEU E 37 -49.11 9.06 3.41
N GLN E 38 -49.47 8.29 4.45
CA GLN E 38 -48.86 7.01 4.71
C GLN E 38 -49.62 5.95 3.94
N PHE E 39 -48.90 5.18 3.13
CA PHE E 39 -49.52 4.18 2.25
C PHE E 39 -49.27 2.73 2.64
N PHE E 40 -48.23 2.43 3.41
CA PHE E 40 -48.00 1.06 3.87
C PHE E 40 -47.29 1.05 5.22
N ARG E 41 -47.44 -0.03 5.95
CA ARG E 41 -46.71 -0.27 7.19
C ARG E 41 -46.29 -1.74 7.29
N TYR E 42 -45.38 -2.00 8.21
CA TYR E 42 -44.87 -3.35 8.48
C TYR E 42 -44.27 -3.32 9.87
N ASN E 43 -44.40 -4.42 10.60
CA ASN E 43 -43.76 -4.55 11.91
C ASN E 43 -43.27 -5.97 12.14
N SER E 44 -42.39 -6.13 13.13
CA SER E 44 -41.74 -7.41 13.40
C SER E 44 -42.65 -8.48 14.02
N LYS E 45 -43.81 -8.11 14.58
CA LYS E 45 -44.75 -9.09 15.11
C LYS E 45 -45.53 -9.78 13.99
N ASP E 46 -46.21 -8.99 13.19
CA ASP E 46 -47.07 -9.50 12.12
C ASP E 46 -46.28 -9.89 10.87
N ARG E 47 -45.14 -9.22 10.66
CA ARG E 47 -44.26 -9.49 9.53
C ARG E 47 -45.00 -9.49 8.18
N LYS E 48 -45.90 -8.51 8.00
CA LYS E 48 -46.70 -8.36 6.78
C LYS E 48 -46.75 -6.90 6.32
N SER E 49 -46.45 -6.66 5.04
CA SER E 49 -46.59 -5.34 4.43
C SER E 49 -48.05 -5.00 4.21
N GLN E 50 -48.60 -4.09 5.02
CA GLN E 50 -50.02 -3.76 4.99
C GLN E 50 -50.24 -2.40 4.37
N PRO E 51 -51.09 -2.31 3.31
CA PRO E 51 -51.46 -0.97 2.83
C PRO E 51 -52.32 -0.23 3.86
N MET E 52 -52.27 1.11 3.82
CA MET E 52 -52.98 1.98 4.78
C MET E 52 -53.88 3.00 4.07
N GLY E 53 -54.85 3.52 4.81
CA GLY E 53 -55.75 4.58 4.33
C GLY E 53 -56.45 4.19 3.05
N LEU E 54 -56.47 5.11 2.09
CA LEU E 54 -57.13 4.89 0.81
C LEU E 54 -56.45 3.83 -0.09
N TRP E 55 -55.19 3.52 0.20
CA TRP E 55 -54.48 2.46 -0.53
C TRP E 55 -54.93 1.05 -0.15
N ARG E 56 -55.68 0.89 0.95
CA ARG E 56 -56.39 -0.37 1.23
C ARG E 56 -57.40 -0.73 0.11
N GLN E 57 -57.95 0.26 -0.58
CA GLN E 57 -58.93 0.04 -1.67
C GLN E 57 -58.33 0.16 -3.10
N VAL E 58 -57.02 0.37 -3.22
CA VAL E 58 -56.34 0.38 -4.51
C VAL E 58 -55.78 -1.02 -4.77
N GLU E 59 -55.97 -1.52 -5.98
CA GLU E 59 -55.47 -2.84 -6.40
C GLU E 59 -54.47 -2.69 -7.55
N GLY E 60 -53.44 -3.55 -7.52
CA GLY E 60 -52.44 -3.60 -8.59
C GLY E 60 -51.23 -2.71 -8.41
N MET E 61 -51.21 -1.89 -7.36
CA MET E 61 -50.12 -0.94 -7.16
C MET E 61 -48.86 -1.68 -6.73
N GLU E 62 -49.01 -2.61 -5.81
CA GLU E 62 -47.90 -3.42 -5.31
C GLU E 62 -48.40 -4.80 -4.90
N ASP E 63 -47.56 -5.81 -5.06
CA ASP E 63 -47.83 -7.14 -4.56
C ASP E 63 -47.37 -7.18 -3.10
N TRP E 64 -48.32 -6.98 -2.19
CA TRP E 64 -48.01 -6.86 -0.76
C TRP E 64 -47.44 -8.13 -0.14
N LYS E 65 -47.86 -9.29 -0.63
CA LYS E 65 -47.35 -10.58 -0.15
C LYS E 65 -45.86 -10.69 -0.47
N GLN E 66 -45.50 -10.34 -1.70
CA GLN E 66 -44.12 -10.33 -2.12
C GLN E 66 -43.29 -9.30 -1.37
N ASP E 67 -43.81 -8.08 -1.29
CA ASP E 67 -43.09 -7.01 -0.59
C ASP E 67 -42.82 -7.36 0.90
N SER E 68 -43.74 -8.08 1.54
CA SER E 68 -43.49 -8.59 2.89
C SER E 68 -42.17 -9.38 3.03
N GLN E 69 -41.78 -10.08 1.97
CA GLN E 69 -40.53 -10.85 1.96
C GLN E 69 -39.33 -9.92 1.87
N LEU E 70 -39.45 -8.90 1.02
CA LEU E 70 -38.46 -7.80 0.96
C LEU E 70 -38.29 -7.13 2.33
N GLN E 71 -39.38 -6.84 3.04
CA GLN E 71 -39.30 -6.15 4.34
C GLN E 71 -38.69 -7.01 5.46
N LYS E 72 -38.96 -8.32 5.46
CA LYS E 72 -38.30 -9.28 6.36
C LYS E 72 -36.78 -9.28 6.20
N ALA E 73 -36.32 -9.28 4.94
CA ALA E 73 -34.89 -9.24 4.65
C ALA E 73 -34.27 -7.95 5.18
N ARG E 74 -34.90 -6.83 4.84
CA ARG E 74 -34.46 -5.51 5.33
C ARG E 74 -34.50 -5.43 6.87
N GLU E 75 -35.52 -6.01 7.49
CA GLU E 75 -35.58 -6.06 8.96
C GLU E 75 -34.32 -6.67 9.55
N ASP E 76 -33.91 -7.82 9.01
CA ASP E 76 -32.79 -8.58 9.58
C ASP E 76 -31.47 -7.80 9.49
N ILE E 77 -31.21 -7.22 8.32
CA ILE E 77 -30.00 -6.42 8.16
C ILE E 77 -30.03 -5.13 9.02
N PHE E 78 -31.20 -4.49 9.09
CA PHE E 78 -31.39 -3.31 9.93
C PHE E 78 -31.14 -3.60 11.40
N MET E 79 -31.82 -4.62 11.93
CA MET E 79 -31.67 -4.97 13.34
C MET E 79 -30.26 -5.48 13.69
N GLU E 80 -29.58 -6.10 12.73
CA GLU E 80 -28.20 -6.50 12.92
C GLU E 80 -27.30 -5.27 13.06
N THR E 81 -27.51 -4.25 12.24
CA THR E 81 -26.82 -2.98 12.40
C THR E 81 -27.03 -2.36 13.77
N LEU E 82 -28.26 -2.37 14.27
CA LEU E 82 -28.56 -1.84 15.62
C LEU E 82 -27.76 -2.60 16.68
N LYS E 83 -27.85 -3.92 16.62
CA LYS E 83 -27.10 -4.83 17.50
C LYS E 83 -25.60 -4.52 17.51
N ASP E 84 -25.02 -4.23 16.34
CA ASP E 84 -23.60 -3.85 16.25
C ASP E 84 -23.32 -2.55 16.99
N ILE E 85 -24.18 -1.55 16.80
CA ILE E 85 -23.98 -0.25 17.45
C ILE E 85 -24.06 -0.39 18.97
N VAL E 86 -25.04 -1.15 19.45
CA VAL E 86 -25.21 -1.37 20.90
C VAL E 86 -24.00 -2.13 21.47
N GLU E 87 -23.49 -3.11 20.72
CA GLU E 87 -22.28 -3.84 21.13
C GLU E 87 -21.02 -2.95 21.14
N TYR E 88 -20.91 -2.05 20.16
CA TYR E 88 -19.81 -1.07 20.15
C TYR E 88 -19.75 -0.26 21.44
N TYR E 89 -20.89 0.20 21.93
CA TYR E 89 -20.95 1.02 23.15
C TYR E 89 -21.11 0.20 24.43
N ASN E 90 -21.24 -1.12 24.30
CA ASN E 90 -21.54 -2.04 25.40
C ASN E 90 -22.62 -1.55 26.37
N ASP E 91 -23.72 -1.01 25.81
CA ASP E 91 -24.93 -0.69 26.58
C ASP E 91 -26.03 -1.68 26.23
N SER E 92 -25.70 -2.96 26.30
CA SER E 92 -26.61 -4.05 25.87
C SER E 92 -27.79 -4.31 26.82
N ASN E 93 -27.84 -3.62 27.97
CA ASN E 93 -29.01 -3.68 28.89
C ASN E 93 -29.91 -2.43 28.90
N GLY E 94 -29.45 -1.32 28.30
CA GLY E 94 -30.26 -0.10 28.18
C GLY E 94 -31.11 -0.08 26.92
N SER E 95 -32.02 0.88 26.82
CA SER E 95 -32.88 1.05 25.64
C SER E 95 -32.16 1.92 24.59
N HIS E 96 -32.09 1.46 23.36
CA HIS E 96 -31.55 2.25 22.25
C HIS E 96 -32.37 2.08 21.00
N VAL E 97 -32.29 3.08 20.14
CA VAL E 97 -33.12 3.15 18.93
C VAL E 97 -32.26 3.53 17.74
N LEU E 98 -32.51 2.88 16.61
CA LEU E 98 -31.89 3.23 15.34
C LEU E 98 -33.03 3.57 14.43
N GLN E 99 -32.90 4.67 13.68
CA GLN E 99 -33.90 5.02 12.68
C GLN E 99 -33.21 5.29 11.37
N GLY E 100 -33.77 4.76 10.30
CA GLY E 100 -33.30 5.00 8.95
C GLY E 100 -34.39 5.63 8.15
N ARG E 101 -34.04 6.63 7.35
CA ARG E 101 -34.98 7.34 6.50
C ARG E 101 -34.39 7.40 5.10
N PHE E 102 -35.19 7.08 4.09
CA PHE E 102 -34.73 7.19 2.71
C PHE E 102 -35.87 7.42 1.75
N GLY E 103 -35.53 7.94 0.60
CA GLY E 103 -36.53 8.27 -0.40
C GLY E 103 -36.01 9.12 -1.52
N CYS E 104 -36.92 9.54 -2.38
CA CYS E 104 -36.62 10.36 -3.54
C CYS E 104 -37.79 11.29 -3.86
N GLU E 105 -37.56 12.18 -4.81
CA GLU E 105 -38.54 13.18 -5.22
C GLU E 105 -38.52 13.34 -6.73
N ILE E 106 -39.66 13.70 -7.31
CA ILE E 106 -39.74 14.16 -8.69
C ILE E 106 -40.56 15.45 -8.77
N GLU E 107 -40.14 16.36 -9.64
CA GLU E 107 -40.93 17.54 -10.01
C GLU E 107 -40.95 17.67 -11.53
N ASN E 108 -42.14 17.89 -12.09
CA ASN E 108 -42.37 17.91 -13.55
C ASN E 108 -41.87 16.62 -14.22
N ASN E 109 -42.06 15.51 -13.52
CA ASN E 109 -41.62 14.17 -13.92
C ASN E 109 -40.08 13.97 -14.06
N ARG E 110 -39.28 14.90 -13.52
CA ARG E 110 -37.81 14.76 -13.50
C ARG E 110 -37.33 14.67 -12.05
N SER E 111 -36.45 13.71 -11.76
CA SER E 111 -35.89 13.53 -10.41
C SER E 111 -35.28 14.81 -9.86
N SER E 112 -35.71 15.20 -8.65
CA SER E 112 -35.34 16.48 -8.03
C SER E 112 -34.71 16.33 -6.65
N GLY E 113 -34.31 15.11 -6.27
CA GLY E 113 -33.63 14.89 -4.99
C GLY E 113 -33.80 13.48 -4.47
N ALA E 114 -32.89 13.12 -3.58
CA ALA E 114 -32.95 11.82 -2.90
C ALA E 114 -32.06 11.83 -1.68
N PHE E 115 -32.32 10.94 -0.74
CA PHE E 115 -31.61 10.93 0.54
C PHE E 115 -31.70 9.58 1.18
N TRP E 116 -30.76 9.31 2.08
CA TRP E 116 -30.68 8.05 2.79
C TRP E 116 -29.83 8.32 4.01
N LYS E 117 -30.44 8.28 5.18
CA LYS E 117 -29.83 8.74 6.43
C LYS E 117 -30.27 7.89 7.61
N TYR E 118 -29.39 7.77 8.61
CA TYR E 118 -29.64 7.01 9.83
C TYR E 118 -29.36 7.86 11.05
N TYR E 119 -30.16 7.64 12.09
CA TYR E 119 -30.02 8.30 13.38
C TYR E 119 -29.95 7.23 14.46
N TYR E 120 -29.03 7.40 15.40
CA TYR E 120 -28.92 6.48 16.54
C TYR E 120 -29.20 7.28 17.80
N ASP E 121 -30.14 6.80 18.62
CA ASP E 121 -30.63 7.55 19.78
C ASP E 121 -30.93 9.03 19.51
N GLY E 122 -31.53 9.29 18.36
CA GLY E 122 -31.92 10.63 17.99
C GLY E 122 -30.85 11.50 17.36
N LYS E 123 -29.60 11.04 17.29
CA LYS E 123 -28.50 11.83 16.75
C LYS E 123 -28.01 11.28 15.43
N ASP E 124 -27.44 12.14 14.60
CA ASP E 124 -26.94 11.74 13.27
C ASP E 124 -25.95 10.59 13.41
N TYR E 125 -26.14 9.53 12.62
CA TYR E 125 -25.28 8.35 12.69
C TYR E 125 -24.43 8.19 11.42
N ILE E 126 -25.10 8.03 10.30
CA ILE E 126 -24.45 7.87 9.00
C ILE E 126 -25.43 8.31 7.91
N GLU E 127 -24.92 8.85 6.81
CA GLU E 127 -25.75 9.13 5.65
C GLU E 127 -25.01 8.81 4.37
N PHE E 128 -25.77 8.46 3.32
CA PHE E 128 -25.23 8.18 2.01
C PHE E 128 -25.19 9.48 1.22
N ASN E 129 -24.00 9.83 0.77
CA ASN E 129 -23.80 10.94 -0.14
C ASN E 129 -23.56 10.32 -1.51
N LYS E 130 -24.56 10.39 -2.36
CA LYS E 130 -24.52 9.70 -3.65
C LYS E 130 -23.65 10.42 -4.70
N GLU E 131 -23.28 11.67 -4.44
CA GLU E 131 -22.44 12.43 -5.36
C GLU E 131 -20.96 12.08 -5.25
N ILE E 132 -20.53 11.49 -4.13
CA ILE E 132 -19.13 11.08 -3.96
C ILE E 132 -18.76 9.89 -4.86
N PRO E 133 -19.40 8.72 -4.76
CA PRO E 133 -20.40 8.34 -3.75
C PRO E 133 -19.76 7.66 -2.55
N ALA E 134 -20.36 7.83 -1.38
CA ALA E 134 -19.87 7.20 -0.13
C ALA E 134 -20.85 7.36 1.02
N TRP E 135 -20.71 6.49 2.02
CA TRP E 135 -21.36 6.66 3.32
C TRP E 135 -20.52 7.60 4.17
N VAL E 136 -21.16 8.63 4.71
CA VAL E 136 -20.54 9.67 5.53
C VAL E 136 -20.90 9.46 7.00
N PRO E 137 -19.92 9.11 7.85
CA PRO E 137 -20.19 8.86 9.27
C PRO E 137 -20.19 10.12 10.13
N PHE E 138 -21.08 10.17 11.12
CA PHE E 138 -21.16 11.28 12.07
C PHE E 138 -20.85 10.87 13.51
N ASP E 139 -20.48 9.60 13.70
CA ASP E 139 -20.35 8.97 15.01
C ASP E 139 -19.27 7.89 14.88
N PRO E 140 -18.33 7.80 15.86
CA PRO E 140 -17.25 6.80 15.83
C PRO E 140 -17.69 5.39 15.38
N ALA E 141 -18.82 4.91 15.88
CA ALA E 141 -19.33 3.57 15.58
C ALA E 141 -19.78 3.40 14.14
N ALA E 142 -20.18 4.50 13.50
CA ALA E 142 -20.53 4.48 12.08
C ALA E 142 -19.33 4.19 11.16
N GLN E 143 -18.10 4.30 11.67
CA GLN E 143 -16.91 3.85 10.94
C GLN E 143 -16.99 2.36 10.65
N ILE E 144 -17.48 1.58 11.62
CA ILE E 144 -17.63 0.14 11.46
C ILE E 144 -18.76 -0.15 10.47
N THR E 145 -19.88 0.56 10.59
CA THR E 145 -21.01 0.40 9.67
C THR E 145 -20.61 0.81 8.24
N LYS E 146 -19.90 1.93 8.13
CA LYS E 146 -19.37 2.38 6.84
C LYS E 146 -18.55 1.33 6.14
N GLN E 147 -17.72 0.63 6.91
CA GLN E 147 -16.82 -0.37 6.34
C GLN E 147 -17.55 -1.64 5.90
N LYS E 148 -18.57 -2.07 6.65
CA LYS E 148 -19.42 -3.19 6.21
C LYS E 148 -20.20 -2.86 4.95
N TRP E 149 -20.74 -1.64 4.89
CA TRP E 149 -21.58 -1.22 3.76
C TRP E 149 -20.75 -0.76 2.54
N GLU E 150 -19.44 -0.61 2.71
CA GLU E 150 -18.50 -0.39 1.59
C GLU E 150 -17.42 -1.50 1.47
N ALA E 151 -17.73 -2.71 1.96
CA ALA E 151 -16.77 -3.83 1.96
C ALA E 151 -16.49 -4.36 0.54
N GLU E 152 -17.51 -4.32 -0.32
CA GLU E 152 -17.37 -4.63 -1.73
C GLU E 152 -17.74 -3.39 -2.52
N PRO E 153 -16.98 -3.07 -3.59
CA PRO E 153 -17.25 -1.85 -4.37
C PRO E 153 -18.62 -1.80 -5.11
N VAL E 154 -19.29 -2.95 -5.22
CA VAL E 154 -20.65 -2.99 -5.77
C VAL E 154 -21.75 -2.46 -4.82
N TYR E 155 -21.49 -2.46 -3.52
CA TYR E 155 -22.50 -2.00 -2.53
C TYR E 155 -22.85 -0.53 -2.72
N VAL E 156 -21.82 0.31 -2.76
CA VAL E 156 -21.98 1.74 -2.99
C VAL E 156 -22.72 2.03 -4.31
N GLN E 157 -22.39 1.27 -5.36
CA GLN E 157 -23.02 1.47 -6.68
C GLN E 157 -24.49 1.07 -6.66
N ARG E 158 -24.80 0.00 -5.95
CA ARG E 158 -26.20 -0.40 -5.73
C ARG E 158 -26.98 0.62 -4.92
N ALA E 159 -26.36 1.18 -3.88
CA ALA E 159 -26.98 2.20 -3.06
C ALA E 159 -27.32 3.45 -3.89
N LYS E 160 -26.35 3.91 -4.67
CA LYS E 160 -26.56 5.03 -5.61
C LYS E 160 -27.68 4.72 -6.60
N ALA E 161 -27.67 3.52 -7.14
CA ALA E 161 -28.64 3.09 -8.14
C ALA E 161 -30.05 2.98 -7.58
N TYR E 162 -30.20 2.60 -6.31
CA TYR E 162 -31.52 2.55 -5.70
C TYR E 162 -32.09 3.96 -5.64
N LEU E 163 -31.33 4.89 -5.07
CA LEU E 163 -31.76 6.28 -4.95
C LEU E 163 -32.03 6.97 -6.29
N GLU E 164 -31.15 6.76 -7.27
CA GLU E 164 -31.23 7.46 -8.57
C GLU E 164 -32.10 6.78 -9.63
N GLU E 165 -32.34 5.47 -9.52
CA GLU E 165 -33.12 4.76 -10.53
C GLU E 165 -34.33 4.00 -10.00
N GLU E 166 -34.14 3.19 -8.95
CA GLU E 166 -35.23 2.32 -8.48
C GLU E 166 -36.31 3.08 -7.74
N CYS E 167 -35.89 3.98 -6.84
CA CYS E 167 -36.83 4.76 -6.07
C CYS E 167 -37.71 5.64 -6.97
N PRO E 168 -37.11 6.41 -7.91
CA PRO E 168 -37.97 7.16 -8.85
C PRO E 168 -38.89 6.30 -9.72
N ALA E 169 -38.45 5.10 -10.07
CA ALA E 169 -39.26 4.19 -10.89
C ALA E 169 -40.47 3.67 -10.10
N THR E 170 -40.24 3.30 -8.84
CA THR E 170 -41.33 2.91 -7.95
C THR E 170 -42.31 4.07 -7.74
N LEU E 171 -41.78 5.27 -7.47
CA LEU E 171 -42.61 6.47 -7.34
C LEU E 171 -43.50 6.70 -8.57
N ARG E 172 -42.91 6.73 -9.76
CA ARG E 172 -43.67 6.83 -11.03
C ARG E 172 -44.73 5.72 -11.19
N LYS E 173 -44.38 4.49 -10.81
CA LYS E 173 -45.36 3.39 -10.84
C LYS E 173 -46.53 3.71 -9.90
N TYR E 174 -46.21 4.03 -8.64
CA TYR E 174 -47.23 4.37 -7.64
C TYR E 174 -48.13 5.58 -8.00
N LEU E 175 -47.58 6.55 -8.73
CA LEU E 175 -48.39 7.69 -9.20
C LEU E 175 -49.50 7.33 -10.17
N LYS E 176 -49.27 6.35 -11.03
CA LYS E 176 -50.31 5.88 -11.96
C LYS E 176 -51.51 5.25 -11.24
N TYR E 177 -51.30 4.83 -10.00
CA TYR E 177 -52.36 4.30 -9.14
C TYR E 177 -52.87 5.28 -8.07
N SER E 178 -52.09 6.31 -7.74
CA SER E 178 -52.36 7.20 -6.59
C SER E 178 -52.68 8.67 -6.93
N LYS E 179 -52.72 9.00 -8.22
CA LYS E 179 -52.89 10.39 -8.69
C LYS E 179 -54.09 11.13 -8.07
N ASN E 180 -55.25 10.47 -8.04
CA ASN E 180 -56.47 11.09 -7.48
C ASN E 180 -56.34 11.37 -5.99
N ILE E 181 -55.80 10.40 -5.25
CA ILE E 181 -55.56 10.54 -3.81
C ILE E 181 -54.60 11.70 -3.54
N LEU E 182 -53.49 11.75 -4.30
CA LEU E 182 -52.43 12.70 -4.01
C LEU E 182 -52.66 14.12 -4.53
N ASP E 183 -53.55 14.27 -5.52
CA ASP E 183 -53.87 15.57 -6.09
C ASP E 183 -55.04 16.33 -5.45
N ARG E 184 -55.58 15.77 -4.37
CA ARG E 184 -56.63 16.45 -3.59
C ARG E 184 -56.30 17.92 -3.32
N GLN E 185 -57.25 18.80 -3.63
CA GLN E 185 -57.12 20.23 -3.38
C GLN E 185 -58.35 20.64 -2.57
N ASP E 186 -58.17 20.93 -1.29
CA ASP E 186 -59.24 21.44 -0.40
C ASP E 186 -58.92 22.88 -0.09
N PRO E 187 -59.80 23.82 -0.48
CA PRO E 187 -59.45 25.21 -0.30
C PRO E 187 -59.60 25.68 1.15
N PRO E 188 -58.80 26.66 1.59
CA PRO E 188 -58.86 27.14 2.96
C PRO E 188 -60.02 28.08 3.22
N SER E 189 -60.68 27.87 4.37
CA SER E 189 -61.54 28.89 4.97
C SER E 189 -60.70 29.76 5.89
N VAL E 190 -61.15 30.98 6.15
CA VAL E 190 -60.37 31.97 6.89
C VAL E 190 -61.18 32.57 8.02
N VAL E 191 -60.51 32.82 9.15
CA VAL E 191 -61.06 33.53 10.31
C VAL E 191 -60.04 34.56 10.74
N VAL E 192 -60.49 35.79 10.99
CA VAL E 192 -59.63 36.85 11.53
C VAL E 192 -60.19 37.30 12.89
N THR E 193 -59.30 37.57 13.84
CA THR E 193 -59.67 37.93 15.21
C THR E 193 -58.81 39.11 15.65
N SER E 194 -59.30 39.87 16.63
CA SER E 194 -58.52 40.94 17.26
C SER E 194 -58.75 40.97 18.76
N HIS E 195 -57.77 41.49 19.50
CA HIS E 195 -58.02 41.90 20.88
C HIS E 195 -57.13 43.04 21.34
N GLN E 196 -57.63 43.80 22.30
CA GLN E 196 -56.86 44.89 22.87
C GLN E 196 -57.40 45.37 24.20
N ALA E 197 -56.48 45.76 25.09
CA ALA E 197 -56.78 46.68 26.19
C ALA E 197 -57.08 48.06 25.58
N PRO E 198 -57.95 48.86 26.23
CA PRO E 198 -58.70 49.96 25.56
C PRO E 198 -57.94 50.89 24.58
N GLY E 199 -56.71 51.30 24.93
CA GLY E 199 -55.86 52.14 24.07
C GLY E 199 -54.42 51.66 24.03
N GLU E 200 -54.21 50.40 23.66
CA GLU E 200 -52.91 49.71 23.68
C GLU E 200 -52.75 48.78 22.47
N LYS E 201 -51.58 48.14 22.33
CA LYS E 201 -51.29 47.24 21.20
C LYS E 201 -52.43 46.27 20.87
N LYS E 202 -52.94 46.38 19.65
CA LYS E 202 -53.95 45.48 19.13
C LYS E 202 -53.25 44.25 18.59
N LYS E 203 -53.74 43.07 18.94
CA LYS E 203 -53.22 41.82 18.39
C LYS E 203 -54.17 41.31 17.35
N LEU E 204 -53.73 41.18 16.11
CA LEU E 204 -54.56 40.63 15.03
C LEU E 204 -54.12 39.23 14.70
N LYS E 205 -55.03 38.28 14.67
CA LYS E 205 -54.71 36.89 14.36
C LYS E 205 -55.46 36.46 13.10
N CYS E 206 -54.77 35.80 12.18
CA CYS E 206 -55.40 35.23 10.99
C CYS E 206 -55.19 33.74 11.00
N LEU E 207 -56.25 32.98 10.75
CA LEU E 207 -56.23 31.52 10.75
C LEU E 207 -56.79 30.99 9.45
N ALA E 208 -55.99 30.22 8.70
CA ALA E 208 -56.52 29.41 7.60
C ALA E 208 -56.71 27.99 8.10
N TYR E 209 -57.76 27.32 7.65
CA TYR E 209 -58.09 25.96 8.11
C TYR E 209 -58.88 25.18 7.09
N ASP E 210 -58.95 23.86 7.31
CA ASP E 210 -59.68 22.93 6.46
C ASP E 210 -59.04 22.80 5.07
N PHE E 211 -57.73 22.98 4.97
CA PHE E 211 -57.06 22.96 3.68
C PHE E 211 -56.14 21.75 3.46
N TYR E 212 -55.92 21.45 2.18
CA TYR E 212 -54.98 20.42 1.74
C TYR E 212 -54.61 20.79 0.31
N PRO E 213 -53.33 20.75 -0.10
CA PRO E 213 -52.20 20.22 0.70
C PRO E 213 -51.69 21.23 1.72
N GLY E 214 -50.71 20.81 2.49
CA GLY E 214 -50.20 21.55 3.62
C GLY E 214 -49.42 22.81 3.30
N LYS E 215 -48.81 22.88 2.13
CA LYS E 215 -48.06 24.08 1.76
C LYS E 215 -49.02 25.27 1.64
N ILE E 216 -48.67 26.37 2.28
CA ILE E 216 -49.55 27.54 2.34
C ILE E 216 -48.73 28.73 2.80
N ASP E 217 -49.17 29.93 2.45
CA ASP E 217 -48.53 31.14 2.97
C ASP E 217 -49.65 32.01 3.53
N VAL E 218 -49.65 32.19 4.85
CA VAL E 218 -50.59 33.02 5.58
C VAL E 218 -49.77 34.17 6.12
N HIS E 219 -50.17 35.41 5.87
CA HIS E 219 -49.46 36.56 6.43
C HIS E 219 -50.33 37.81 6.42
N TRP E 220 -50.01 38.72 7.34
CA TRP E 220 -50.64 40.02 7.39
C TRP E 220 -49.88 40.98 6.51
N THR E 221 -50.62 41.84 5.79
CA THR E 221 -50.03 42.99 5.10
C THR E 221 -50.57 44.23 5.74
N ARG E 222 -49.71 45.25 5.85
CA ARG E 222 -50.10 46.61 6.21
C ARG E 222 -50.02 47.42 4.91
N ALA E 223 -51.18 47.72 4.33
CA ALA E 223 -51.29 48.43 3.06
C ALA E 223 -50.45 47.80 1.94
N GLY E 224 -50.49 46.48 1.88
CA GLY E 224 -49.75 45.71 0.88
C GLY E 224 -48.41 45.15 1.33
N GLU E 225 -47.78 45.74 2.36
CA GLU E 225 -46.47 45.34 2.85
C GLU E 225 -46.55 44.25 3.92
N VAL E 226 -45.85 43.14 3.67
CA VAL E 226 -45.86 41.95 4.54
C VAL E 226 -45.32 42.35 5.92
N GLN E 227 -45.97 41.92 6.99
CA GLN E 227 -45.50 42.20 8.35
C GLN E 227 -44.98 40.93 9.01
N GLU E 228 -43.98 41.09 9.88
CA GLU E 228 -43.39 39.97 10.58
C GLU E 228 -44.30 39.55 11.72
N PRO E 229 -44.76 38.28 11.73
CA PRO E 229 -45.60 37.86 12.88
C PRO E 229 -44.80 37.79 14.17
N GLU E 230 -45.45 38.10 15.29
CA GLU E 230 -44.83 37.85 16.60
C GLU E 230 -45.07 36.42 17.12
N LEU E 231 -45.97 35.69 16.46
CA LEU E 231 -46.33 34.33 16.83
C LEU E 231 -46.96 33.66 15.61
N ARG E 232 -46.62 32.40 15.37
CA ARG E 232 -47.28 31.62 14.31
C ARG E 232 -47.36 30.15 14.69
N GLY E 233 -48.14 29.40 13.92
CA GLY E 233 -48.40 28.02 14.27
C GLY E 233 -49.15 27.28 13.20
N ASP E 234 -49.12 25.97 13.31
CA ASP E 234 -49.68 25.05 12.32
C ASP E 234 -50.39 23.89 13.02
N VAL E 235 -51.31 23.25 12.31
CA VAL E 235 -52.07 22.13 12.84
C VAL E 235 -52.24 21.11 11.72
N LEU E 236 -52.22 19.83 12.08
CA LEU E 236 -52.54 18.74 11.19
C LEU E 236 -53.54 17.84 11.89
N HIS E 237 -54.74 17.72 11.33
CA HIS E 237 -55.71 16.72 11.76
C HIS E 237 -55.42 15.48 10.93
N ASN E 238 -54.82 14.49 11.57
CA ASN E 238 -54.40 13.22 10.93
C ASN E 238 -55.53 12.41 10.34
N GLY E 239 -56.68 12.42 11.02
CA GLY E 239 -57.90 11.72 10.56
C GLY E 239 -58.36 12.14 9.18
N ASN E 240 -58.93 13.34 9.07
CA ASN E 240 -59.40 13.81 7.74
C ASN E 240 -58.29 14.38 6.83
N GLY E 241 -57.08 14.51 7.36
CA GLY E 241 -55.92 14.90 6.59
C GLY E 241 -55.92 16.35 6.17
N THR E 242 -56.55 17.23 6.96
CA THR E 242 -56.55 18.67 6.69
C THR E 242 -55.59 19.38 7.62
N TYR E 243 -55.21 20.58 7.20
CA TYR E 243 -54.25 21.41 7.92
C TYR E 243 -54.89 22.71 8.35
N GLN E 244 -54.21 23.39 9.26
CA GLN E 244 -54.52 24.79 9.62
C GLN E 244 -53.20 25.52 9.81
N SER E 245 -53.20 26.82 9.64
CA SER E 245 -52.02 27.64 9.80
C SER E 245 -52.48 29.03 10.21
N TRP E 246 -51.82 29.64 11.20
CA TRP E 246 -52.19 30.95 11.74
C TRP E 246 -50.98 31.83 12.08
N VAL E 247 -51.21 33.15 12.07
CA VAL E 247 -50.21 34.16 12.43
C VAL E 247 -50.82 35.28 13.25
N VAL E 248 -50.01 35.87 14.12
CA VAL E 248 -50.43 37.01 14.94
C VAL E 248 -49.46 38.15 14.74
N VAL E 249 -50.01 39.36 14.53
CA VAL E 249 -49.22 40.61 14.48
C VAL E 249 -49.75 41.59 15.51
N ALA E 250 -48.83 42.41 16.00
CA ALA E 250 -49.14 43.45 16.96
C ALA E 250 -49.19 44.75 16.17
N VAL E 251 -50.20 45.57 16.44
CA VAL E 251 -50.44 46.82 15.72
C VAL E 251 -50.39 47.95 16.76
N PRO E 252 -49.45 48.89 16.64
CA PRO E 252 -49.41 50.03 17.55
C PRO E 252 -50.73 50.82 17.62
N PRO E 253 -51.14 51.31 18.81
CA PRO E 253 -52.42 52.06 18.92
C PRO E 253 -52.50 53.33 18.07
N GLN E 254 -51.35 53.94 17.75
CA GLN E 254 -51.25 55.07 16.81
C GLN E 254 -51.19 54.70 15.30
N ASP E 255 -51.31 53.41 14.95
CA ASP E 255 -51.18 52.97 13.55
C ASP E 255 -52.56 52.84 12.93
N THR E 256 -52.80 53.64 11.89
CA THR E 256 -54.11 53.74 11.22
C THR E 256 -54.14 53.11 9.83
N ALA E 257 -53.01 52.55 9.37
CA ALA E 257 -52.98 51.88 8.07
C ALA E 257 -53.94 50.69 8.00
N PRO E 258 -54.40 50.34 6.78
CA PRO E 258 -55.30 49.20 6.64
C PRO E 258 -54.57 47.87 6.58
N TYR E 259 -54.98 46.93 7.44
CA TYR E 259 -54.39 45.60 7.53
C TYR E 259 -55.30 44.57 6.89
N SER E 260 -54.71 43.65 6.13
CA SER E 260 -55.42 42.53 5.53
C SER E 260 -54.67 41.26 5.79
N CYS E 261 -55.40 40.14 5.91
CA CYS E 261 -54.77 38.84 5.93
C CYS E 261 -54.68 38.28 4.52
N HIS E 262 -53.53 37.76 4.15
CA HIS E 262 -53.34 37.15 2.82
C HIS E 262 -53.14 35.66 2.98
N VAL E 263 -53.81 34.87 2.14
CA VAL E 263 -53.66 33.43 2.13
C VAL E 263 -53.38 32.92 0.71
N GLN E 264 -52.14 32.47 0.48
CA GLN E 264 -51.72 31.89 -0.81
C GLN E 264 -51.72 30.36 -0.69
N HIS E 265 -52.49 29.69 -1.53
CA HIS E 265 -52.62 28.24 -1.53
C HIS E 265 -52.93 27.74 -2.96
N SER E 266 -52.46 26.53 -3.26
CA SER E 266 -52.54 25.94 -4.60
C SER E 266 -53.96 25.69 -5.12
N SER E 267 -54.93 25.58 -4.21
CA SER E 267 -56.32 25.36 -4.56
C SER E 267 -57.05 26.62 -5.05
N LEU E 268 -56.39 27.77 -4.96
CA LEU E 268 -56.99 29.08 -5.24
C LEU E 268 -56.45 29.67 -6.55
N ALA E 269 -57.35 30.28 -7.32
CA ALA E 269 -56.99 31.08 -8.49
C ALA E 269 -55.97 32.16 -8.15
N GLN E 270 -56.26 32.91 -7.09
CA GLN E 270 -55.33 33.91 -6.58
C GLN E 270 -55.46 34.00 -5.06
N PRO E 271 -54.48 34.64 -4.40
CA PRO E 271 -54.57 34.78 -2.95
C PRO E 271 -55.90 35.34 -2.43
N LEU E 272 -56.39 34.78 -1.33
CA LEU E 272 -57.47 35.39 -0.55
C LEU E 272 -56.91 36.57 0.18
N VAL E 273 -57.62 37.69 0.16
CA VAL E 273 -57.22 38.92 0.84
C VAL E 273 -58.43 39.26 1.68
N VAL E 274 -58.29 39.19 3.00
CA VAL E 274 -59.39 39.41 3.93
C VAL E 274 -59.05 40.66 4.74
N PRO E 275 -59.72 41.79 4.43
CA PRO E 275 -59.41 43.04 5.12
C PRO E 275 -59.85 43.01 6.57
N TRP E 276 -59.13 43.69 7.44
CA TRP E 276 -59.58 43.92 8.80
C TRP E 276 -59.97 45.39 8.99
N GLU E 277 -61.25 45.62 9.28
CA GLU E 277 -61.92 46.92 9.21
C GLU E 277 -62.01 47.58 10.61
N ALA E 278 -61.28 48.67 10.78
CA ALA E 278 -61.39 49.56 11.96
C ALA E 278 -60.94 48.95 13.32
N SER E 279 -61.88 48.36 14.08
CA SER E 279 -61.71 48.06 15.52
C SER E 279 -61.75 49.32 16.37
N ASP F 6 51.05 12.11 -19.27
CA ASP F 6 49.95 11.61 -20.18
C ASP F 6 50.04 10.07 -20.24
N GLY F 7 49.01 9.40 -20.73
CA GLY F 7 48.99 7.94 -20.78
C GLY F 7 47.99 7.31 -19.82
N ARG F 8 47.65 6.05 -20.09
CA ARG F 8 46.54 5.38 -19.43
C ARG F 8 46.97 4.76 -18.10
N TYR F 9 46.19 5.01 -17.05
CA TYR F 9 46.38 4.40 -15.73
C TYR F 9 45.03 3.93 -15.22
N SER F 10 45.01 2.84 -14.48
CA SER F 10 43.76 2.33 -13.89
C SER F 10 43.97 1.94 -12.44
N LEU F 11 42.91 2.05 -11.64
CA LEU F 11 42.86 1.57 -10.26
C LEU F 11 41.70 0.60 -10.22
N THR F 12 41.98 -0.66 -9.88
CA THR F 12 40.96 -1.69 -9.84
C THR F 12 41.07 -2.55 -8.57
N TYR F 13 39.94 -3.13 -8.18
CA TYR F 13 39.79 -3.95 -6.97
C TYR F 13 39.03 -5.23 -7.26
N ILE F 14 39.45 -6.34 -6.66
CA ILE F 14 38.72 -7.61 -6.69
C ILE F 14 38.42 -8.03 -5.24
N TYR F 15 37.14 -8.13 -4.90
CA TYR F 15 36.66 -8.66 -3.61
C TYR F 15 36.04 -10.03 -3.87
N THR F 16 36.47 -11.05 -3.14
CA THR F 16 35.92 -12.41 -3.30
C THR F 16 35.55 -13.00 -1.94
N GLY F 17 34.39 -13.66 -1.90
CA GLY F 17 33.83 -14.19 -0.65
C GLY F 17 33.25 -15.57 -0.84
N LEU F 18 33.62 -16.50 0.05
CA LEU F 18 33.15 -17.89 -0.02
C LEU F 18 32.16 -18.18 1.10
N SER F 19 31.07 -18.88 0.75
CA SER F 19 30.04 -19.26 1.71
C SER F 19 30.46 -20.43 2.60
N LYS F 20 31.43 -21.23 2.14
CA LYS F 20 31.86 -22.43 2.82
C LYS F 20 33.34 -22.35 3.23
N HIS F 21 33.55 -22.16 4.53
CA HIS F 21 34.83 -22.34 5.23
C HIS F 21 35.66 -23.55 4.70
N VAL F 22 36.89 -23.25 4.31
CA VAL F 22 37.93 -24.25 4.03
C VAL F 22 39.06 -23.89 4.97
N GLU F 23 39.68 -24.89 5.60
CA GLU F 23 40.75 -24.65 6.59
C GLU F 23 41.93 -23.97 5.89
N ASP F 24 42.44 -22.93 6.56
CA ASP F 24 43.55 -22.06 6.14
C ASP F 24 43.28 -21.08 4.98
N VAL F 25 42.02 -20.95 4.59
CA VAL F 25 41.63 -20.07 3.49
C VAL F 25 40.65 -19.03 4.03
N PRO F 26 41.03 -17.75 4.02
CA PRO F 26 40.10 -16.73 4.50
C PRO F 26 38.86 -16.68 3.63
N ALA F 27 37.69 -16.63 4.28
CA ALA F 27 36.41 -16.54 3.59
C ALA F 27 36.30 -15.34 2.67
N PHE F 28 36.88 -14.20 3.08
CA PHE F 28 36.81 -12.96 2.33
C PHE F 28 38.23 -12.52 2.00
N GLN F 29 38.48 -12.25 0.73
CA GLN F 29 39.79 -11.83 0.24
C GLN F 29 39.62 -10.60 -0.66
N ALA F 30 40.46 -9.61 -0.46
CA ALA F 30 40.46 -8.37 -1.23
C ALA F 30 41.85 -8.13 -1.83
N LEU F 31 41.86 -7.68 -3.08
CA LEU F 31 43.04 -7.36 -3.85
C LEU F 31 42.85 -6.01 -4.57
N GLY F 32 43.82 -5.10 -4.48
CA GLY F 32 43.81 -3.86 -5.26
C GLY F 32 44.96 -3.83 -6.24
N SER F 33 44.75 -3.25 -7.43
CA SER F 33 45.78 -3.14 -8.47
C SER F 33 45.88 -1.74 -9.06
N LEU F 34 47.10 -1.35 -9.42
CA LEU F 34 47.36 -0.15 -10.20
C LEU F 34 47.92 -0.67 -11.52
N ASN F 35 47.22 -0.39 -12.62
CA ASN F 35 47.45 -1.09 -13.87
C ASN F 35 47.45 -2.60 -13.57
N ASP F 36 48.52 -3.33 -13.89
CA ASP F 36 48.56 -4.79 -13.74
C ASP F 36 49.34 -5.23 -12.51
N LEU F 37 49.72 -4.26 -11.68
CA LEU F 37 50.52 -4.51 -10.48
C LEU F 37 49.64 -4.45 -9.24
N GLN F 38 49.80 -5.41 -8.36
CA GLN F 38 48.99 -5.52 -7.16
C GLN F 38 49.67 -4.74 -6.06
N PHE F 39 48.95 -3.80 -5.46
CA PHE F 39 49.52 -2.90 -4.45
C PHE F 39 49.04 -3.12 -3.02
N PHE F 40 47.88 -3.75 -2.82
CA PHE F 40 47.41 -4.04 -1.45
C PHE F 40 46.55 -5.29 -1.42
N ARG F 41 46.49 -5.93 -0.25
CA ARG F 41 45.60 -7.06 -0.02
C ARG F 41 44.99 -6.96 1.37
N TYR F 42 43.95 -7.75 1.59
CA TYR F 42 43.24 -7.83 2.87
C TYR F 42 42.50 -9.16 2.89
N ASN F 43 42.41 -9.79 4.07
CA ASN F 43 41.61 -11.00 4.21
C ASN F 43 40.91 -11.04 5.56
N SER F 44 39.92 -11.91 5.69
CA SER F 44 39.10 -11.98 6.89
C SER F 44 39.79 -12.58 8.12
N LYS F 45 40.91 -13.28 7.96
CA LYS F 45 41.66 -13.81 9.12
C LYS F 45 42.45 -12.71 9.79
N ASP F 46 43.32 -12.05 9.04
CA ASP F 46 44.21 -11.03 9.60
C ASP F 46 43.51 -9.68 9.76
N ARG F 47 42.50 -9.42 8.92
CA ARG F 47 41.73 -8.19 8.95
C ARG F 47 42.61 -6.93 8.94
N LYS F 48 43.64 -6.94 8.08
CA LYS F 48 44.58 -5.82 7.94
C LYS F 48 44.88 -5.53 6.46
N SER F 49 44.76 -4.26 6.08
CA SER F 49 45.13 -3.81 4.73
C SER F 49 46.65 -3.77 4.59
N GLN F 50 47.21 -4.71 3.84
CA GLN F 50 48.65 -4.87 3.69
C GLN F 50 49.12 -4.40 2.33
N PRO F 51 50.08 -3.47 2.27
CA PRO F 51 50.69 -3.17 0.96
C PRO F 51 51.51 -4.34 0.42
N MET F 52 51.64 -4.42 -0.90
CA MET F 52 52.34 -5.53 -1.58
C MET F 52 53.45 -5.04 -2.50
N GLY F 53 54.38 -5.94 -2.83
CA GLY F 53 55.48 -5.66 -3.77
C GLY F 53 56.25 -4.42 -3.40
N LEU F 54 56.51 -3.57 -4.38
CA LEU F 54 57.29 -2.35 -4.16
C LEU F 54 56.58 -1.28 -3.31
N TRP F 55 55.27 -1.40 -3.16
CA TRP F 55 54.51 -0.50 -2.28
C TRP F 55 54.72 -0.79 -0.78
N ARG F 56 55.32 -1.93 -0.43
CA ARG F 56 55.81 -2.17 0.95
C ARG F 56 56.87 -1.11 1.35
N GLN F 57 57.65 -0.58 0.39
CA GLN F 57 58.69 0.42 0.67
C GLN F 57 58.30 1.87 0.32
N VAL F 58 57.05 2.11 -0.09
CA VAL F 58 56.52 3.45 -0.30
C VAL F 58 55.83 3.92 0.98
N GLU F 59 56.10 5.15 1.40
CA GLU F 59 55.48 5.74 2.58
C GLU F 59 54.65 6.96 2.21
N GLY F 60 53.52 7.14 2.90
CA GLY F 60 52.65 8.31 2.73
C GLY F 60 51.56 8.18 1.69
N MET F 61 51.53 7.04 0.98
CA MET F 61 50.55 6.87 -0.12
C MET F 61 49.16 6.65 0.47
N GLU F 62 49.07 5.82 1.49
CA GLU F 62 47.81 5.53 2.17
C GLU F 62 48.07 5.19 3.63
N ASP F 63 47.11 5.54 4.49
CA ASP F 63 47.14 5.15 5.88
C ASP F 63 46.52 3.76 5.99
N TRP F 64 47.38 2.74 6.00
CA TRP F 64 46.93 1.35 5.97
C TRP F 64 46.12 0.92 7.20
N LYS F 65 46.44 1.49 8.36
CA LYS F 65 45.72 1.20 9.61
C LYS F 65 44.28 1.67 9.48
N GLN F 66 44.12 2.88 8.96
CA GLN F 66 42.80 3.46 8.74
C GLN F 66 42.03 2.68 7.67
N ASP F 67 42.68 2.41 6.54
CA ASP F 67 42.03 1.68 5.46
C ASP F 67 41.56 0.27 5.91
N SER F 68 42.30 -0.38 6.80
CA SER F 68 41.83 -1.65 7.39
C SER F 68 40.42 -1.57 8.00
N GLN F 69 40.07 -0.40 8.56
CA GLN F 69 38.73 -0.18 9.13
C GLN F 69 37.69 -0.08 8.04
N LEU F 70 38.03 0.64 6.98
CA LEU F 70 37.20 0.70 5.77
C LEU F 70 36.95 -0.72 5.20
N GLN F 71 37.99 -1.56 5.12
CA GLN F 71 37.85 -2.91 4.54
C GLN F 71 37.00 -3.85 5.41
N LYS F 72 37.12 -3.75 6.73
CA LYS F 72 36.24 -4.48 7.68
C LYS F 72 34.77 -4.17 7.46
N ALA F 73 34.46 -2.88 7.29
CA ALA F 73 33.07 -2.46 7.04
C ALA F 73 32.56 -3.06 5.72
N ARG F 74 33.35 -2.90 4.67
CA ARG F 74 33.03 -3.49 3.37
C ARG F 74 32.91 -5.01 3.42
N GLU F 75 33.78 -5.67 4.17
CA GLU F 75 33.67 -7.12 4.37
C GLU F 75 32.28 -7.53 4.86
N ASP F 76 31.79 -6.83 5.89
CA ASP F 76 30.54 -7.21 6.53
C ASP F 76 29.35 -7.08 5.61
N ILE F 77 29.28 -5.96 4.90
CA ILE F 77 28.20 -5.76 3.93
C ILE F 77 28.29 -6.77 2.75
N PHE F 78 29.51 -6.99 2.26
CA PHE F 78 29.75 -7.95 1.19
C PHE F 78 29.32 -9.38 1.59
N MET F 79 29.81 -9.85 2.72
CA MET F 79 29.46 -11.20 3.19
C MET F 79 27.98 -11.38 3.52
N GLU F 80 27.34 -10.30 3.97
CA GLU F 80 25.90 -10.32 4.21
C GLU F 80 25.13 -10.52 2.90
N THR F 81 25.57 -9.81 1.84
CA THR F 81 25.01 -10.02 0.51
C THR F 81 25.15 -11.46 0.04
N LEU F 82 26.33 -12.07 0.24
CA LEU F 82 26.52 -13.47 -0.14
C LEU F 82 25.54 -14.38 0.58
N LYS F 83 25.49 -14.21 1.90
CA LYS F 83 24.56 -14.95 2.76
C LYS F 83 23.11 -14.86 2.27
N ASP F 84 22.68 -13.67 1.84
CA ASP F 84 21.34 -13.49 1.28
C ASP F 84 21.13 -14.28 0.00
N ILE F 85 22.12 -14.26 -0.89
CA ILE F 85 22.00 -14.98 -2.17
C ILE F 85 21.90 -16.50 -1.92
N VAL F 86 22.73 -17.00 -1.01
CA VAL F 86 22.72 -18.44 -0.69
C VAL F 86 21.37 -18.82 -0.05
N GLU F 87 20.84 -17.96 0.81
CA GLU F 87 19.52 -18.19 1.43
C GLU F 87 18.38 -18.13 0.39
N TYR F 88 18.47 -17.23 -0.58
CA TYR F 88 17.51 -17.16 -1.69
C TYR F 88 17.39 -18.49 -2.42
N TYR F 89 18.52 -19.14 -2.71
CA TYR F 89 18.51 -20.42 -3.42
C TYR F 89 18.41 -21.65 -2.51
N ASN F 90 18.40 -21.42 -1.19
CA ASN F 90 18.43 -22.46 -0.17
C ASN F 90 19.42 -23.59 -0.43
N ASP F 91 20.62 -23.21 -0.83
CA ASP F 91 21.77 -24.15 -0.92
C ASP F 91 22.77 -23.76 0.18
N SER F 92 22.27 -23.64 1.40
CA SER F 92 23.07 -23.18 2.55
C SER F 92 24.11 -24.17 3.08
N ASN F 93 24.15 -25.39 2.52
CA ASN F 93 25.23 -26.38 2.81
C ASN F 93 26.29 -26.57 1.70
N GLY F 94 26.03 -26.07 0.49
CA GLY F 94 27.00 -26.16 -0.63
C GLY F 94 27.93 -24.96 -0.68
N SER F 95 28.96 -25.06 -1.51
CA SER F 95 29.98 -24.02 -1.65
C SER F 95 29.54 -23.00 -2.72
N HIS F 96 29.57 -21.72 -2.38
CA HIS F 96 29.26 -20.65 -3.35
C HIS F 96 30.18 -19.48 -3.17
N VAL F 97 30.31 -18.70 -4.24
CA VAL F 97 31.28 -17.59 -4.28
C VAL F 97 30.60 -16.35 -4.85
N LEU F 98 30.91 -15.20 -4.25
CA LEU F 98 30.47 -13.90 -4.78
C LEU F 98 31.75 -13.14 -5.05
N GLN F 99 31.83 -12.50 -6.21
CA GLN F 99 32.98 -11.67 -6.51
C GLN F 99 32.50 -10.32 -6.99
N GLY F 100 33.11 -9.28 -6.45
CA GLY F 100 32.85 -7.91 -6.89
C GLY F 100 34.10 -7.31 -7.45
N ARG F 101 33.95 -6.59 -8.56
CA ARG F 101 35.07 -5.91 -9.21
C ARG F 101 34.68 -4.46 -9.46
N PHE F 102 35.55 -3.54 -9.11
CA PHE F 102 35.28 -2.13 -9.35
C PHE F 102 36.54 -1.32 -9.51
N GLY F 103 36.40 -0.17 -10.14
CA GLY F 103 37.53 0.70 -10.39
C GLY F 103 37.25 1.79 -11.38
N CYS F 104 38.31 2.51 -11.74
CA CYS F 104 38.23 3.62 -12.69
C CYS F 104 39.53 3.72 -13.48
N GLU F 105 39.52 4.59 -14.48
CA GLU F 105 40.65 4.79 -15.37
C GLU F 105 40.84 6.28 -15.66
N ILE F 106 42.08 6.67 -15.93
CA ILE F 106 42.39 8.00 -16.45
C ILE F 106 43.34 7.85 -17.66
N GLU F 107 43.13 8.69 -18.67
CA GLU F 107 44.08 8.86 -19.77
C GLU F 107 44.32 10.34 -20.01
N ASN F 108 45.59 10.73 -20.12
CA ASN F 108 46.01 12.15 -20.25
C ASN F 108 45.46 13.00 -19.10
N ASN F 109 45.43 12.39 -17.91
CA ASN F 109 44.90 13.00 -16.67
C ASN F 109 43.38 13.34 -16.69
N ARG F 110 42.62 12.81 -17.65
CA ARG F 110 41.15 12.94 -17.69
C ARG F 110 40.50 11.57 -17.51
N SER F 111 39.50 11.47 -16.63
CA SER F 111 38.75 10.21 -16.41
C SER F 111 38.21 9.63 -17.72
N SER F 112 38.52 8.35 -17.97
CA SER F 112 38.22 7.67 -19.23
C SER F 112 37.39 6.38 -19.04
N GLY F 113 36.82 6.18 -17.85
CA GLY F 113 35.99 5.01 -17.59
C GLY F 113 35.89 4.65 -16.13
N ALA F 114 34.85 3.93 -15.78
CA ALA F 114 34.69 3.32 -14.47
C ALA F 114 33.67 2.19 -14.53
N PHE F 115 33.73 1.29 -13.57
CA PHE F 115 32.87 0.09 -13.57
C PHE F 115 32.73 -0.44 -12.16
N TRP F 116 31.66 -1.20 -11.97
CA TRP F 116 31.36 -1.79 -10.68
C TRP F 116 30.40 -2.92 -10.97
N LYS F 117 30.86 -4.16 -10.79
CA LYS F 117 30.10 -5.34 -11.18
C LYS F 117 30.30 -6.50 -10.21
N TYR F 118 29.31 -7.37 -10.11
CA TYR F 118 29.33 -8.55 -9.24
C TYR F 118 29.00 -9.80 -10.01
N TYR F 119 29.64 -10.91 -9.61
CA TYR F 119 29.40 -12.22 -10.19
C TYR F 119 29.10 -13.17 -9.05
N TYR F 120 28.09 -14.04 -9.24
CA TYR F 120 27.75 -15.06 -8.27
C TYR F 120 27.97 -16.40 -8.93
N ASP F 121 28.78 -17.27 -8.30
CA ASP F 121 29.24 -18.53 -8.89
C ASP F 121 29.73 -18.38 -10.34
N GLY F 122 30.46 -17.31 -10.60
CA GLY F 122 31.02 -17.06 -11.92
C GLY F 122 30.11 -16.45 -12.96
N LYS F 123 28.84 -16.24 -12.65
CA LYS F 123 27.86 -15.69 -13.62
C LYS F 123 27.46 -14.27 -13.20
N ASP F 124 27.07 -13.47 -14.18
CA ASP F 124 26.71 -12.07 -13.95
C ASP F 124 25.59 -11.97 -12.91
N TYR F 125 25.79 -11.12 -11.91
CA TYR F 125 24.80 -10.99 -10.82
C TYR F 125 24.11 -9.63 -10.84
N ILE F 126 24.90 -8.57 -10.68
CA ILE F 126 24.40 -7.20 -10.67
C ILE F 126 25.54 -6.27 -11.09
N GLU F 127 25.22 -5.15 -11.73
CA GLU F 127 26.21 -4.11 -12.01
C GLU F 127 25.62 -2.72 -11.84
N PHE F 128 26.46 -1.77 -11.48
CA PHE F 128 26.05 -0.38 -11.32
C PHE F 128 26.19 0.34 -12.64
N ASN F 129 25.08 0.91 -13.12
CA ASN F 129 25.09 1.76 -14.29
C ASN F 129 24.95 3.18 -13.75
N LYS F 130 26.05 3.92 -13.77
CA LYS F 130 26.10 5.24 -13.15
C LYS F 130 25.42 6.35 -13.96
N GLU F 131 25.10 6.08 -15.22
CA GLU F 131 24.42 7.05 -16.07
C GLU F 131 22.92 7.13 -15.83
N ILE F 132 22.33 6.09 -15.23
CA ILE F 132 20.90 6.10 -14.91
C ILE F 132 20.56 7.10 -13.79
N PRO F 133 21.10 6.98 -12.57
CA PRO F 133 21.93 5.89 -12.08
C PRO F 133 21.12 4.80 -11.40
N ALA F 134 21.58 3.55 -11.51
CA ALA F 134 20.90 2.41 -10.87
C ALA F 134 21.75 1.14 -10.91
N TRP F 135 21.40 0.21 -10.03
CA TRP F 135 21.91 -1.16 -10.07
C TRP F 135 21.08 -1.97 -11.06
N VAL F 136 21.75 -2.63 -12.00
CA VAL F 136 21.12 -3.44 -13.05
C VAL F 136 21.28 -4.92 -12.73
N PRO F 137 20.18 -5.62 -12.43
CA PRO F 137 20.26 -7.06 -12.08
C PRO F 137 20.29 -8.00 -13.29
N PHE F 138 21.06 -9.08 -13.18
CA PHE F 138 21.12 -10.11 -14.23
C PHE F 138 20.60 -11.47 -13.78
N ASP F 139 20.09 -11.54 -12.57
CA ASP F 139 19.73 -12.78 -11.88
C ASP F 139 18.57 -12.46 -10.92
N PRO F 140 17.51 -13.30 -10.90
CA PRO F 140 16.36 -13.09 -10.02
C PRO F 140 16.69 -12.62 -8.60
N ALA F 141 17.72 -13.23 -7.98
CA ALA F 141 18.10 -12.89 -6.60
C ALA F 141 18.70 -11.50 -6.45
N ALA F 142 19.28 -10.98 -7.53
CA ALA F 142 19.79 -9.61 -7.54
C ALA F 142 18.69 -8.54 -7.43
N GLN F 143 17.42 -8.92 -7.64
CA GLN F 143 16.29 -8.03 -7.35
C GLN F 143 16.26 -7.65 -5.87
N ILE F 144 16.55 -8.63 -5.01
CA ILE F 144 16.58 -8.39 -3.57
C ILE F 144 17.79 -7.52 -3.20
N THR F 145 18.95 -7.82 -3.79
CA THR F 145 20.16 -7.02 -3.56
C THR F 145 19.98 -5.60 -4.08
N LYS F 146 19.40 -5.46 -5.27
CA LYS F 146 19.09 -4.14 -5.85
C LYS F 146 18.26 -3.28 -4.90
N GLN F 147 17.28 -3.91 -4.25
CA GLN F 147 16.38 -3.18 -3.37
C GLN F 147 17.05 -2.76 -2.06
N LYS F 148 17.91 -3.61 -1.51
CA LYS F 148 18.71 -3.20 -0.33
C LYS F 148 19.69 -2.09 -0.64
N TRP F 149 20.32 -2.15 -1.80
CA TRP F 149 21.33 -1.15 -2.21
C TRP F 149 20.73 0.12 -2.80
N GLU F 150 19.41 0.12 -3.04
CA GLU F 150 18.65 1.33 -3.40
C GLU F 150 17.56 1.69 -2.35
N ALA F 151 17.69 1.19 -1.11
CA ALA F 151 16.66 1.37 -0.08
C ALA F 151 16.58 2.81 0.41
N GLU F 152 17.73 3.50 0.45
CA GLU F 152 17.80 4.91 0.78
C GLU F 152 18.37 5.64 -0.43
N PRO F 153 17.79 6.81 -0.80
CA PRO F 153 18.25 7.54 -2.00
C PRO F 153 19.71 8.05 -1.95
N VAL F 154 20.33 8.06 -0.77
CA VAL F 154 21.75 8.38 -0.65
C VAL F 154 22.71 7.27 -1.13
N TYR F 155 22.27 6.02 -1.13
CA TYR F 155 23.15 4.90 -1.51
C TYR F 155 23.60 5.00 -2.97
N VAL F 156 22.62 5.18 -3.87
CA VAL F 156 22.89 5.33 -5.29
C VAL F 156 23.82 6.52 -5.56
N GLN F 157 23.59 7.64 -4.85
CA GLN F 157 24.38 8.85 -5.03
C GLN F 157 25.81 8.64 -4.57
N ARG F 158 25.99 7.93 -3.45
CA ARG F 158 27.32 7.56 -2.98
C ARG F 158 28.04 6.63 -3.93
N ALA F 159 27.32 5.65 -4.50
CA ALA F 159 27.90 4.74 -5.46
C ALA F 159 28.42 5.47 -6.70
N LYS F 160 27.57 6.34 -7.25
CA LYS F 160 27.95 7.20 -8.38
C LYS F 160 29.16 8.06 -8.05
N ALA F 161 29.13 8.65 -6.87
CA ALA F 161 30.19 9.57 -6.43
C ALA F 161 31.50 8.88 -6.20
N TYR F 162 31.48 7.61 -5.75
CA TYR F 162 32.72 6.86 -5.59
C TYR F 162 33.37 6.66 -6.94
N LEU F 163 32.63 6.14 -7.89
CA LEU F 163 33.14 5.89 -9.24
C LEU F 163 33.60 7.15 -9.98
N GLU F 164 32.81 8.23 -9.88
CA GLU F 164 33.10 9.46 -10.63
C GLU F 164 34.03 10.46 -9.94
N GLU F 165 34.15 10.40 -8.61
CA GLU F 165 34.95 11.39 -7.88
C GLU F 165 36.02 10.80 -7.00
N GLU F 166 35.66 9.82 -6.16
CA GLU F 166 36.61 9.31 -5.17
C GLU F 166 37.66 8.42 -5.80
N CYS F 167 37.24 7.52 -6.67
CA CYS F 167 38.16 6.59 -7.30
C CYS F 167 39.19 7.33 -8.15
N PRO F 168 38.78 8.27 -9.03
CA PRO F 168 39.79 9.04 -9.77
C PRO F 168 40.74 9.87 -8.88
N ALA F 169 40.21 10.38 -7.74
CA ALA F 169 41.03 11.17 -6.82
C ALA F 169 42.07 10.31 -6.12
N THR F 170 41.66 9.12 -5.69
CA THR F 170 42.61 8.14 -5.12
C THR F 170 43.65 7.73 -6.15
N LEU F 171 43.23 7.42 -7.37
CA LEU F 171 44.16 7.08 -8.45
C LEU F 171 45.20 8.19 -8.66
N ARG F 172 44.75 9.43 -8.85
CA ARG F 172 45.67 10.58 -8.96
C ARG F 172 46.61 10.73 -7.75
N LYS F 173 46.09 10.51 -6.55
CA LYS F 173 46.93 10.54 -5.34
C LYS F 173 48.00 9.44 -5.43
N TYR F 174 47.57 8.20 -5.70
CA TYR F 174 48.49 7.07 -5.80
C TYR F 174 49.56 7.22 -6.90
N LEU F 175 49.23 7.90 -8.01
CA LEU F 175 50.22 8.16 -9.07
C LEU F 175 51.39 9.05 -8.63
N LYS F 176 51.14 10.02 -7.78
CA LYS F 176 52.20 10.90 -7.24
C LYS F 176 53.21 10.13 -6.38
N TYR F 177 52.81 8.96 -5.89
CA TYR F 177 53.68 8.06 -5.15
C TYR F 177 54.20 6.84 -5.94
N SER F 178 53.54 6.50 -7.04
CA SER F 178 53.78 5.24 -7.78
C SER F 178 54.31 5.39 -9.21
N LYS F 179 54.55 6.64 -9.65
CA LYS F 179 54.93 6.92 -11.05
C LYS F 179 56.15 6.11 -11.56
N ASN F 180 57.20 6.04 -10.75
CA ASN F 180 58.42 5.30 -11.12
C ASN F 180 58.15 3.80 -11.26
N ILE F 181 57.42 3.24 -10.32
CA ILE F 181 57.03 1.82 -10.35
C ILE F 181 56.20 1.52 -11.60
N LEU F 182 55.20 2.37 -11.89
CA LEU F 182 54.25 2.09 -12.96
C LEU F 182 54.76 2.41 -14.37
N ASP F 183 55.75 3.28 -14.48
CA ASP F 183 56.31 3.69 -15.76
C ASP F 183 57.57 2.90 -16.18
N ARG F 184 57.88 1.83 -15.48
CA ARG F 184 58.92 0.89 -15.90
C ARG F 184 58.82 0.53 -17.38
N GLN F 185 59.92 0.61 -18.10
CA GLN F 185 60.00 0.24 -19.52
C GLN F 185 61.13 -0.77 -19.66
N ASP F 186 60.79 -2.05 -19.87
CA ASP F 186 61.79 -3.11 -20.13
C ASP F 186 61.65 -3.52 -21.58
N PRO F 187 62.71 -3.36 -22.37
CA PRO F 187 62.54 -3.65 -23.80
C PRO F 187 62.54 -5.14 -24.13
N PRO F 188 61.82 -5.54 -25.19
CA PRO F 188 61.75 -6.95 -25.57
C PRO F 188 62.97 -7.47 -26.29
N SER F 189 63.42 -8.66 -25.90
CA SER F 189 64.32 -9.47 -26.71
C SER F 189 63.46 -10.36 -27.61
N VAL F 190 64.05 -10.82 -28.73
CA VAL F 190 63.31 -11.55 -29.75
C VAL F 190 64.02 -12.84 -30.12
N VAL F 191 63.23 -13.88 -30.37
CA VAL F 191 63.68 -15.17 -30.89
C VAL F 191 62.77 -15.56 -32.02
N VAL F 192 63.34 -16.00 -33.15
CA VAL F 192 62.56 -16.53 -34.28
C VAL F 192 62.96 -18.00 -34.51
N THR F 193 61.98 -18.84 -34.84
CA THR F 193 62.18 -20.28 -35.00
C THR F 193 61.45 -20.74 -36.26
N SER F 194 61.86 -21.86 -36.83
CA SER F 194 61.13 -22.49 -37.93
C SER F 194 61.12 -24.00 -37.79
N HIS F 195 60.12 -24.65 -38.38
CA HIS F 195 60.18 -26.10 -38.58
C HIS F 195 59.37 -26.56 -39.77
N GLN F 196 59.75 -27.70 -40.32
CA GLN F 196 59.05 -28.29 -41.45
C GLN F 196 59.35 -29.75 -41.66
N ALA F 197 58.33 -30.49 -42.09
CA ALA F 197 58.51 -31.77 -42.78
C ALA F 197 59.12 -31.45 -44.17
N PRO F 198 59.93 -32.37 -44.72
CA PRO F 198 60.96 -32.04 -45.76
C PRO F 198 60.55 -31.09 -46.92
N GLY F 199 59.34 -31.27 -47.47
CA GLY F 199 58.81 -30.41 -48.54
C GLY F 199 57.36 -30.03 -48.33
N GLU F 200 57.06 -29.42 -47.17
CA GLU F 200 55.70 -29.09 -46.74
C GLU F 200 55.67 -27.74 -46.01
N LYS F 201 54.47 -27.28 -45.60
CA LYS F 201 54.30 -26.02 -44.87
C LYS F 201 55.34 -25.78 -43.78
N LYS F 202 56.10 -24.69 -43.94
CA LYS F 202 57.03 -24.22 -42.95
C LYS F 202 56.27 -23.42 -41.91
N LYS F 203 56.51 -23.69 -40.62
CA LYS F 203 55.89 -22.93 -39.55
C LYS F 203 56.94 -21.98 -38.99
N LEU F 204 56.69 -20.67 -39.06
CA LEU F 204 57.60 -19.68 -38.48
C LEU F 204 57.01 -19.13 -37.21
N LYS F 205 57.78 -19.13 -36.13
CA LYS F 205 57.32 -18.63 -34.84
C LYS F 205 58.18 -17.46 -34.41
N CYS F 206 57.56 -16.38 -33.94
CA CYS F 206 58.28 -15.23 -33.39
C CYS F 206 57.86 -15.06 -31.95
N LEU F 207 58.84 -14.89 -31.06
CA LEU F 207 58.61 -14.73 -29.64
C LEU F 207 59.29 -13.47 -29.13
N ALA F 208 58.51 -12.55 -28.56
CA ALA F 208 59.09 -11.43 -27.78
C ALA F 208 58.98 -11.80 -26.31
N TYR F 209 59.99 -11.43 -25.53
CA TYR F 209 60.04 -11.79 -24.11
C TYR F 209 60.87 -10.82 -23.30
N ASP F 210 60.70 -10.92 -21.97
CA ASP F 210 61.41 -10.07 -21.00
C ASP F 210 60.97 -8.61 -21.08
N PHE F 211 59.73 -8.36 -21.49
CA PHE F 211 59.26 -6.98 -21.67
C PHE F 211 58.21 -6.52 -20.66
N TYR F 212 58.16 -5.20 -20.47
CA TYR F 212 57.15 -4.54 -19.65
C TYR F 212 57.06 -3.10 -20.19
N PRO F 213 55.88 -2.53 -20.40
CA PRO F 213 54.57 -3.10 -20.01
C PRO F 213 54.06 -4.14 -20.99
N GLY F 214 52.92 -4.72 -20.65
CA GLY F 214 52.36 -5.84 -21.39
C GLY F 214 51.83 -5.53 -22.77
N LYS F 215 51.43 -4.29 -23.02
CA LYS F 215 50.93 -3.94 -24.35
C LYS F 215 52.06 -4.07 -25.38
N ILE F 216 51.79 -4.76 -26.47
CA ILE F 216 52.80 -5.07 -27.47
C ILE F 216 52.10 -5.53 -28.73
N ASP F 217 52.75 -5.38 -29.87
CA ASP F 217 52.24 -5.92 -31.12
C ASP F 217 53.38 -6.72 -31.75
N VAL F 218 53.19 -8.03 -31.81
CA VAL F 218 54.13 -8.97 -32.42
C VAL F 218 53.39 -9.51 -33.62
N HIS F 219 54.00 -9.46 -34.79
CA HIS F 219 53.38 -10.03 -35.99
C HIS F 219 54.40 -10.28 -37.08
N TRP F 220 54.08 -11.24 -37.94
CA TRP F 220 54.88 -11.52 -39.12
C TRP F 220 54.40 -10.64 -40.25
N THR F 221 55.35 -10.13 -41.05
CA THR F 221 55.04 -9.49 -42.32
C THR F 221 55.64 -10.34 -43.41
N ARG F 222 54.91 -10.44 -44.53
CA ARG F 222 55.42 -11.01 -45.77
C ARG F 222 55.65 -9.81 -46.70
N ALA F 223 56.91 -9.45 -46.88
CA ALA F 223 57.31 -8.30 -47.68
C ALA F 223 56.57 -7.01 -47.30
N GLY F 224 56.46 -6.79 -46.00
CA GLY F 224 55.78 -5.62 -45.45
C GLY F 224 54.33 -5.81 -45.04
N GLU F 225 53.65 -6.79 -45.61
CA GLU F 225 52.21 -7.04 -45.36
C GLU F 225 52.00 -7.98 -44.18
N VAL F 226 51.21 -7.51 -43.21
CA VAL F 226 50.91 -8.23 -41.97
C VAL F 226 50.22 -9.55 -42.32
N GLN F 227 50.63 -10.65 -41.70
CA GLN F 227 49.99 -11.96 -41.94
C GLN F 227 49.20 -12.38 -40.70
N GLU F 228 48.10 -13.09 -40.94
CA GLU F 228 47.26 -13.59 -39.85
C GLU F 228 47.91 -14.81 -39.24
N PRO F 229 48.19 -14.77 -37.92
CA PRO F 229 48.77 -15.98 -37.30
C PRO F 229 47.79 -17.13 -37.25
N GLU F 230 48.28 -18.36 -37.39
CA GLU F 230 47.45 -19.54 -37.15
C GLU F 230 47.43 -19.97 -35.67
N LEU F 231 48.31 -19.37 -34.86
CA LEU F 231 48.41 -19.66 -33.44
C LEU F 231 49.11 -18.48 -32.77
N ARG F 232 48.65 -18.07 -31.60
CA ARG F 232 49.33 -17.04 -30.82
C ARG F 232 49.16 -17.28 -29.33
N GLY F 233 49.92 -16.54 -28.54
CA GLY F 233 49.93 -16.78 -27.11
C GLY F 233 50.72 -15.75 -26.36
N ASP F 234 50.48 -15.72 -25.06
CA ASP F 234 51.05 -14.73 -24.15
C ASP F 234 51.50 -15.43 -22.87
N VAL F 235 52.41 -14.79 -22.16
CA VAL F 235 52.94 -15.28 -20.89
C VAL F 235 53.09 -14.09 -19.95
N LEU F 236 52.79 -14.31 -18.67
CA LEU F 236 53.10 -13.34 -17.62
C LEU F 236 53.85 -14.08 -16.53
N HIS F 237 55.09 -13.68 -16.27
CA HIS F 237 55.83 -14.13 -15.12
C HIS F 237 55.49 -13.15 -14.01
N ASN F 238 54.67 -13.61 -13.06
CA ASN F 238 54.17 -12.79 -11.96
C ASN F 238 55.27 -12.29 -11.01
N GLY F 239 56.30 -13.11 -10.78
CA GLY F 239 57.44 -12.75 -9.94
C GLY F 239 58.15 -11.47 -10.38
N ASN F 240 58.90 -11.56 -11.49
CA ASN F 240 59.62 -10.37 -11.98
C ASN F 240 58.74 -9.39 -12.79
N GLY F 241 57.50 -9.76 -13.07
CA GLY F 241 56.54 -8.87 -13.69
C GLY F 241 56.81 -8.61 -15.15
N THR F 242 57.43 -9.56 -15.86
CA THR F 242 57.68 -9.43 -17.29
C THR F 242 56.71 -10.29 -18.07
N TYR F 243 56.58 -9.97 -19.35
CA TYR F 243 55.66 -10.63 -20.26
C TYR F 243 56.41 -11.27 -21.41
N GLN F 244 55.71 -12.16 -22.10
CA GLN F 244 56.15 -12.68 -23.39
C GLN F 244 54.92 -12.76 -24.29
N SER F 245 55.15 -12.71 -25.60
CA SER F 245 54.07 -12.78 -26.58
C SER F 245 54.66 -13.40 -27.84
N TRP F 246 53.94 -14.36 -28.44
CA TRP F 246 54.41 -15.07 -29.61
C TRP F 246 53.31 -15.33 -30.64
N VAL F 247 53.72 -15.48 -31.91
CA VAL F 247 52.82 -15.81 -33.03
C VAL F 247 53.47 -16.82 -33.96
N VAL F 248 52.62 -17.62 -34.61
CA VAL F 248 53.07 -18.61 -35.59
C VAL F 248 52.32 -18.38 -36.90
N VAL F 249 53.04 -18.37 -38.02
CA VAL F 249 52.44 -18.40 -39.36
C VAL F 249 52.94 -19.61 -40.13
N ALA F 250 52.09 -20.09 -41.03
CA ALA F 250 52.40 -21.17 -41.93
C ALA F 250 52.74 -20.54 -43.27
N VAL F 251 53.82 -21.02 -43.89
CA VAL F 251 54.34 -20.49 -45.14
C VAL F 251 54.30 -21.64 -46.14
N PRO F 252 53.53 -21.49 -47.25
CA PRO F 252 53.53 -22.54 -48.29
C PRO F 252 54.93 -22.83 -48.84
N PRO F 253 55.25 -24.11 -49.15
CA PRO F 253 56.60 -24.46 -49.66
C PRO F 253 56.98 -23.77 -50.98
N GLN F 254 55.99 -23.39 -51.79
CA GLN F 254 56.19 -22.56 -52.99
C GLN F 254 56.26 -21.02 -52.78
N ASP F 255 56.24 -20.54 -51.53
CA ASP F 255 56.24 -19.11 -51.22
C ASP F 255 57.67 -18.66 -50.95
N THR F 256 58.16 -17.75 -51.79
CA THR F 256 59.56 -17.28 -51.75
C THR F 256 59.69 -15.84 -51.25
N ALA F 257 58.58 -15.17 -50.92
CA ALA F 257 58.66 -13.81 -50.38
C ALA F 257 59.44 -13.75 -49.06
N PRO F 258 60.03 -12.59 -48.74
CA PRO F 258 60.79 -12.47 -47.50
C PRO F 258 59.90 -12.15 -46.30
N TYR F 259 60.04 -12.96 -45.24
CA TYR F 259 59.27 -12.83 -44.01
C TYR F 259 60.13 -12.21 -42.91
N SER F 260 59.55 -11.26 -42.16
CA SER F 260 60.19 -10.66 -41.02
C SER F 260 59.23 -10.67 -39.84
N CYS F 261 59.76 -10.76 -38.64
CA CYS F 261 58.97 -10.55 -37.44
C CYS F 261 59.04 -9.10 -37.02
N HIS F 262 57.89 -8.50 -36.72
CA HIS F 262 57.84 -7.11 -36.27
C HIS F 262 57.41 -7.07 -34.82
N VAL F 263 58.08 -6.26 -34.01
CA VAL F 263 57.72 -6.06 -32.63
C VAL F 263 57.58 -4.56 -32.29
N GLN F 264 56.35 -4.11 -32.07
CA GLN F 264 56.06 -2.73 -31.65
C GLN F 264 55.81 -2.70 -30.13
N HIS F 265 56.61 -1.91 -29.43
CA HIS F 265 56.51 -1.77 -27.99
C HIS F 265 56.96 -0.36 -27.56
N SER F 266 56.38 0.13 -26.46
CA SER F 266 56.58 1.51 -25.98
C SER F 266 58.01 1.82 -25.55
N SER F 267 58.79 0.82 -25.22
CA SER F 267 60.19 0.97 -24.80
C SER F 267 61.15 1.22 -25.97
N LEU F 268 60.67 1.10 -27.20
CA LEU F 268 61.49 1.16 -28.41
C LEU F 268 61.27 2.46 -29.18
N ALA F 269 62.34 3.02 -29.70
CA ALA F 269 62.29 4.15 -30.63
C ALA F 269 61.39 3.85 -31.84
N GLN F 270 61.62 2.69 -32.45
CA GLN F 270 60.77 2.21 -33.54
C GLN F 270 60.69 0.69 -33.49
N PRO F 271 59.71 0.10 -34.21
CA PRO F 271 59.60 -1.34 -34.25
C PRO F 271 60.90 -2.11 -34.54
N LEU F 272 61.12 -3.20 -33.81
CA LEU F 272 62.15 -4.18 -34.17
C LEU F 272 61.66 -4.95 -35.36
N VAL F 273 62.53 -5.15 -36.34
CA VAL F 273 62.21 -5.91 -37.54
C VAL F 273 63.31 -6.95 -37.62
N VAL F 274 62.94 -8.22 -37.46
CA VAL F 274 63.89 -9.34 -37.43
C VAL F 274 63.59 -10.20 -38.67
N PRO F 275 64.47 -10.13 -39.69
CA PRO F 275 64.23 -10.91 -40.90
C PRO F 275 64.41 -12.39 -40.67
N TRP F 276 63.66 -13.21 -41.39
CA TRP F 276 63.91 -14.66 -41.38
C TRP F 276 64.41 -15.14 -42.69
N GLU F 277 65.72 -15.42 -42.77
CA GLU F 277 66.35 -15.76 -44.10
C GLU F 277 66.37 -17.25 -44.64
S SO4 G . 26.89 38.07 -5.16
O1 SO4 G . 27.58 36.84 -5.64
O2 SO4 G . 27.84 39.21 -5.24
O3 SO4 G . 26.51 37.83 -3.76
O4 SO4 G . 25.69 38.34 -6.01
S SO4 H . 10.83 25.37 -22.41
O1 SO4 H . 11.39 26.67 -22.82
O2 SO4 H . 10.87 24.33 -23.47
O3 SO4 H . 11.64 24.84 -21.31
O4 SO4 H . 9.42 25.63 -22.07
S SO4 I . 19.31 11.74 1.13
O1 SO4 I . 20.78 11.69 1.38
O2 SO4 I . 18.97 12.14 -0.25
O3 SO4 I . 18.67 10.44 1.40
O4 SO4 I . 18.89 12.71 2.13
S SO4 J . -10.73 29.30 -14.32
O1 SO4 J . -10.27 30.50 -15.04
O2 SO4 J . -10.81 28.18 -15.29
O3 SO4 J . -9.74 28.92 -13.29
O4 SO4 J . -12.03 29.57 -13.63
C1 11D K . 10.36 50.72 8.98
C2 11D K . 10.62 52.12 9.00
C3 11D K . 11.24 52.72 7.85
C4 11D K . 11.54 51.87 6.73
C5 11D K . 11.23 50.54 6.76
C6 11D K . 10.66 49.97 7.89
C7 11D K . 10.22 52.96 10.10
C8 11D K . 10.44 54.33 10.04
C9 11D K . 11.06 54.90 8.93
C10 11D K . 11.44 54.13 7.86
N11 11D K . 9.51 52.35 11.23
C12 11D K . 8.09 52.05 11.02
C13 11D K . 10.23 51.50 12.17
S14 11D K . 12.31 52.49 5.26
O15 11D K . 12.59 51.40 4.39
O16 11D K . 11.53 53.60 4.78
N17 11D K . 13.73 53.10 5.72
C18 11D K . 14.88 53.17 4.80
C19 11D K . 16.03 53.94 5.40
C20 11D K . 17.28 53.96 4.53
C21 11D K . 17.89 55.35 4.28
C22 11D K . 18.61 55.96 5.50
C23 11D K . 18.11 57.32 5.97
C24 11D K . 17.82 57.41 7.46
C25 11D K . 16.59 56.63 7.92
C26 11D K . 15.96 57.11 9.24
C27 11D K . 15.81 56.00 10.28
C28 11D K . 14.47 55.32 10.29
O29 11D K . 13.43 55.92 10.46
O30 11D K . 14.53 54.03 10.13
C1 11D L . -0.50 -11.67 3.61
C2 11D L . -1.04 -11.21 4.85
C3 11D L . -1.99 -12.06 5.54
C4 11D L . -2.28 -13.34 4.96
C5 11D L . -1.74 -13.72 3.76
C6 11D L . -0.85 -12.88 3.09
C7 11D L . -0.62 -10.00 5.49
C8 11D L . -1.15 -9.65 6.72
C9 11D L . -2.10 -10.44 7.33
C10 11D L . -2.53 -11.61 6.77
N11 11D L . 0.37 -9.19 4.81
C12 11D L . 0.14 -7.74 4.84
C13 11D L . 1.74 -9.68 4.83
S14 11D L . -3.33 -14.51 5.79
O15 11D L . -4.61 -13.91 5.95
O16 11D L . -3.23 -15.79 5.15
N17 11D L . -2.70 -14.68 7.26
C18 11D L . -1.40 -15.33 7.42
C19 11D L . -1.50 -16.80 7.11
C20 11D L . -0.63 -17.64 8.01
C21 11D L . 0.87 -17.35 7.92
C22 11D L . 1.71 -18.32 8.73
C23 11D L . 1.40 -18.30 10.21
C24 11D L . 0.87 -19.60 10.78
C25 11D L . -0.65 -19.71 10.84
C26 11D L . -1.12 -20.91 11.65
C27 11D L . -1.10 -20.63 13.13
C28 11D L . -2.32 -19.93 13.65
O29 11D L . -3.29 -19.63 12.98
O30 11D L . -2.23 -19.69 14.93
N1 AZI M . 8.63 -22.49 0.36
N2 AZI M . 8.62 -21.68 1.39
N3 AZI M . 8.65 -20.84 2.40
S SO4 N . -18.91 -19.27 -3.55
O1 SO4 N . -18.22 -17.94 -3.60
O2 SO4 N . -19.69 -19.47 -4.79
O3 SO4 N . -17.89 -20.31 -3.41
O4 SO4 N . -19.78 -19.41 -2.37
S SO4 O . -17.34 -24.78 19.22
O1 SO4 O . -17.47 -23.75 18.15
O2 SO4 O . -15.96 -25.31 19.38
O3 SO4 O . -18.22 -25.92 18.88
O4 SO4 O . -17.78 -24.19 20.51
C1 11D P . -2.58 -53.57 -3.79
C2 11D P . -2.46 -54.94 -3.45
C3 11D P . -3.38 -55.49 -2.48
C4 11D P . -4.39 -54.62 -1.95
C5 11D P . -4.46 -53.31 -2.33
C6 11D P . -3.55 -52.79 -3.24
C7 11D P . -1.44 -55.80 -4.00
C8 11D P . -1.31 -57.11 -3.53
C9 11D P . -2.17 -57.60 -2.56
C10 11D P . -3.20 -56.84 -2.06
N11 11D P . -0.62 -55.29 -5.11
C12 11D P . -1.32 -55.06 -6.37
C13 11D P . 0.70 -55.86 -5.27
S14 11D P . -5.63 -55.20 -0.81
O15 11D P . -6.37 -54.05 -0.37
O16 11D P . -6.32 -56.28 -1.41
N17 11D P . -4.87 -55.78 0.50
C18 11D P . -5.45 -56.84 1.35
C19 11D P . -4.73 -58.19 1.18
C20 11D P . -4.96 -59.24 2.28
C21 11D P . -5.54 -60.59 1.83
C22 11D P . -4.57 -61.57 1.16
C23 11D P . -4.53 -61.59 -0.39
C24 11D P . -3.34 -60.87 -1.05
C25 11D P . -3.36 -60.80 -2.59
C26 11D P . -2.00 -61.06 -3.28
C27 11D P . -1.92 -60.69 -4.77
C28 11D P . -1.02 -61.56 -5.62
O29 11D P . 0.04 -61.20 -6.07
O30 11D P . -1.48 -62.76 -5.85
C1 11D Q . 3.24 -13.63 18.30
C2 11D Q . 2.87 -12.26 18.17
C3 11D Q . 1.86 -11.74 19.05
C4 11D Q . 1.31 -12.64 20.03
C5 11D Q . 1.71 -13.95 20.11
C6 11D Q . 2.68 -14.42 19.25
C7 11D Q . 3.47 -11.38 17.20
C8 11D Q . 3.08 -10.06 17.14
C9 11D Q . 2.10 -9.56 18.00
C10 11D Q . 1.50 -10.37 18.92
N11 11D Q . 4.42 -11.94 16.26
C12 11D Q . 5.73 -12.26 16.79
C13 11D Q . 4.36 -11.52 14.88
S14 11D Q . 0.09 -12.11 21.22
O15 11D Q . 0.20 -12.95 22.37
O16 11D Q . 0.17 -10.69 21.38
N17 11D Q . -1.34 -12.43 20.54
C18 11D Q . -2.43 -11.45 20.51
C19 11D Q . -2.28 -10.46 19.37
C20 11D Q . -1.94 -11.08 18.01
C21 11D Q . -1.70 -10.03 16.94
C22 11D Q . -1.15 -10.56 15.63
C23 11D Q . -2.21 -10.95 14.61
C24 11D Q . -1.67 -11.02 13.19
C25 11D Q . -2.53 -11.79 12.18
C26 11D Q . -2.16 -13.25 12.10
C27 11D Q . -2.45 -13.93 10.77
C28 11D Q . -3.61 -14.89 10.78
O29 11D Q . -3.99 -15.54 11.77
O30 11D Q . -4.16 -14.97 9.60
C1 11D R . 2.25 -9.03 8.39
C2 11D R . 2.03 -9.38 9.74
C3 11D R . 2.05 -8.34 10.74
C4 11D R . 2.26 -7.00 10.29
C5 11D R . 2.43 -6.72 8.97
C6 11D R . 2.45 -7.73 8.02
C7 11D R . 1.75 -10.72 10.16
C8 11D R . 1.58 -11.01 11.50
C9 11D R . 1.63 -10.01 12.45
C10 11D R . 1.83 -8.70 12.09
N11 11D R . 1.55 -11.72 9.14
C12 11D R . 0.15 -12.00 8.89
C13 11D R . 2.36 -12.91 9.22
S14 11D R . 2.27 -5.62 11.41
O15 11D R . 2.66 -4.46 10.67
O16 11D R . 2.97 -5.97 12.62
N17 11D R . 0.71 -5.43 11.79
C18 11D R . 0.31 -5.09 13.15
C19 11D R . -0.43 -6.24 13.80
C20 11D R . -1.59 -5.79 14.68
C21 11D R . -1.85 -6.69 15.87
C22 11D R . -1.30 -6.14 17.19
C23 11D R . -2.35 -5.56 18.11
C24 11D R . -1.87 -5.36 19.54
C25 11D R . -0.69 -4.42 19.70
C26 11D R . 0.61 -5.08 20.12
C27 11D R . 1.46 -4.23 21.06
C28 11D R . 1.90 -4.97 22.29
O29 11D R . 1.27 -4.98 23.33
O30 11D R . 3.02 -5.64 22.12
S SO4 S . -15.52 -13.63 28.02
O1 SO4 S . -14.17 -13.16 27.63
O2 SO4 S . -15.98 -14.60 26.98
O3 SO4 S . -15.47 -14.29 29.35
O4 SO4 S . -16.47 -12.49 28.19
S SO4 T . -15.87 -20.96 29.65
O1 SO4 T . -15.68 -19.97 28.57
O2 SO4 T . -15.87 -22.32 29.08
O3 SO4 T . -17.15 -20.69 30.32
O4 SO4 T . -14.76 -20.85 30.62
S SO4 U . 17.42 -0.38 27.36
O1 SO4 U . 18.85 -0.77 27.28
O2 SO4 U . 16.69 -0.56 26.06
O3 SO4 U . 16.82 -1.30 28.36
O4 SO4 U . 17.32 1.02 27.84
C1 11D V . 0.11 11.02 -23.57
C2 11D V . 1.06 11.57 -22.66
C3 11D V . 2.46 11.31 -22.91
C4 11D V . 2.80 10.47 -24.02
C5 11D V . 1.85 9.99 -24.86
C6 11D V . 0.51 10.26 -24.63
C7 11D V . 0.69 12.39 -21.54
C8 11D V . 1.67 12.96 -20.74
C9 11D V . 3.01 12.73 -21.01
C10 11D V . 3.41 11.94 -22.05
N11 11D V . -0.73 12.56 -21.24
C12 11D V . -1.13 13.85 -20.67
C13 11D V . -1.33 11.44 -20.54
S14 11D V . 4.49 9.96 -24.32
O15 11D V . 4.45 8.71 -25.02
O16 11D V . 5.12 11.08 -24.93
N17 11D V . 5.30 9.69 -22.95
C18 11D V . 5.30 8.41 -22.23
C19 11D V . 4.11 8.29 -21.27
C20 11D V . 4.40 8.77 -19.85
C21 11D V . 3.24 8.63 -18.88
C22 11D V . 3.28 9.63 -17.71
C23 11D V . 4.58 9.65 -16.91
C24 11D V . 5.37 10.96 -16.98
C25 11D V . 6.78 10.92 -16.38
C26 11D V . 7.20 12.18 -15.62
C27 11D V . 7.71 13.33 -16.50
C28 11D V . 6.65 14.23 -17.11
O29 11D V . 6.69 14.55 -18.28
O30 11D V . 5.72 14.64 -16.27
S SO4 W . -1.83 15.82 -46.33
O1 SO4 W . -0.84 16.24 -45.31
O2 SO4 W . -1.15 15.81 -47.65
O3 SO4 W . -2.35 14.46 -46.03
O4 SO4 W . -3.02 16.71 -46.39
S SO4 X . 15.35 15.63 -36.49
O1 SO4 X . 16.72 16.01 -36.07
O2 SO4 X . 15.47 14.47 -37.39
O3 SO4 X . 14.70 16.76 -37.20
O4 SO4 X . 14.57 15.30 -35.28
S SO4 Y . -5.50 26.58 -35.76
O1 SO4 Y . -4.33 26.04 -35.05
O2 SO4 Y . -5.03 26.87 -37.13
O3 SO4 Y . -6.64 25.61 -35.76
O4 SO4 Y . -5.96 27.81 -35.05
C1 11D Z . -32.28 -0.46 0.77
C2 11D Z . -31.51 -1.64 1.00
C3 11D Z . -31.34 -2.09 2.36
C4 11D Z . -31.94 -1.30 3.41
C5 11D Z . -32.69 -0.19 3.12
C6 11D Z . -32.85 0.21 1.81
C7 11D Z . -30.92 -2.41 -0.06
C8 11D Z . -30.20 -3.55 0.24
C9 11D Z . -30.06 -3.99 1.55
C10 11D Z . -30.62 -3.29 2.59
N11 11D Z . -31.09 -1.96 -1.41
C12 11D Z . -31.80 -2.90 -2.27
C13 11D Z . -29.91 -1.33 -1.99
S14 11D Z . -31.73 -1.72 5.12
O15 11D Z . -32.04 -0.56 5.89
O16 11D Z . -32.48 -2.92 5.33
N17 11D Z . -30.20 -2.09 5.42
C18 11D Z . -29.22 -1.12 5.91
C19 11D Z . -28.59 -0.36 4.75
C20 11D Z . -27.47 -1.14 4.03
C21 11D Z . -27.59 -1.27 2.52
C22 11D Z . -26.35 -0.86 1.72
C23 11D Z . -25.64 -2.01 1.04
C24 11D Z . -25.04 -3.02 2.01
C25 11D Z . -25.63 -4.42 1.93
C26 11D Z . -25.17 -5.34 3.06
C27 11D Z . -25.43 -6.81 2.78
C28 11D Z . -24.80 -7.74 3.80
O29 11D Z . -24.25 -7.34 4.80
O30 11D Z . -24.91 -9.02 3.49
S SO4 AA . -41.07 -8.03 19.04
O1 SO4 AA . -40.03 -9.04 19.36
O2 SO4 AA . -41.26 -7.89 17.57
O3 SO4 AA . -40.59 -6.75 19.64
O4 SO4 AA . -42.36 -8.40 19.67
C1 11D BA . 32.46 0.37 -2.04
C2 11D BA . 31.61 0.35 -0.91
C3 11D BA . 31.15 -0.91 -0.41
C4 11D BA . 31.52 -2.09 -1.14
C5 11D BA . 32.36 -2.01 -2.23
C6 11D BA . 32.83 -0.78 -2.67
C7 11D BA . 31.19 1.55 -0.24
C8 11D BA . 30.41 1.47 0.91
C9 11D BA . 30.02 0.23 1.40
C10 11D BA . 30.37 -0.93 0.77
N11 11D BA . 31.53 2.82 -0.84
C12 11D BA . 32.68 3.50 -0.26
C13 11D BA . 30.41 3.63 -1.31
S14 11D BA . 30.84 -3.68 -0.77
O15 11D BA . 30.99 -4.53 -1.91
O16 11D BA . 31.37 -4.09 0.49
N17 11D BA . 29.25 -3.48 -0.54
C18 11D BA . 28.26 -3.36 -1.64
C19 11D BA . 28.04 -1.90 -2.04
C20 11D BA . 26.58 -1.51 -2.31
C21 11D BA . 26.26 -0.01 -2.41
C22 11D BA . 26.62 0.88 -1.21
C23 11D BA . 26.29 0.32 0.17
C24 11D BA . 24.81 0.00 0.40
C25 11D BA . 24.39 -0.06 1.88
C26 11D BA . 24.36 -1.46 2.50
C27 11D BA . 22.97 -1.86 3.03
C28 11D BA . 22.97 -2.65 4.31
O29 11D BA . 22.45 -3.73 4.41
O30 11D BA . 23.57 -2.04 5.30
S SO4 CA . 37.52 -16.77 8.29
O1 SO4 CA . 37.64 -15.65 7.33
O2 SO4 CA . 37.94 -18.06 7.67
O3 SO4 CA . 38.42 -16.47 9.42
O4 SO4 CA . 36.10 -16.81 8.71
#